data_2Z1C
# 
_entry.id   2Z1C 
# 
_audit_conform.dict_name       mmcif_pdbx.dic 
_audit_conform.dict_version    5.388 
_audit_conform.dict_location   http://mmcif.pdb.org/dictionaries/ascii/mmcif_pdbx.dic 
# 
loop_
_database_2.database_id 
_database_2.database_code 
_database_2.pdbx_database_accession 
_database_2.pdbx_DOI 
PDB   2Z1C         pdb_00002z1c 10.2210/pdb2z1c/pdb 
RCSB  RCSB027396   ?            ?                   
WWPDB D_1000027396 ?            ?                   
# 
loop_
_pdbx_audit_revision_history.ordinal 
_pdbx_audit_revision_history.data_content_type 
_pdbx_audit_revision_history.major_revision 
_pdbx_audit_revision_history.minor_revision 
_pdbx_audit_revision_history.revision_date 
1 'Structure model' 1 0 2007-07-17 
2 'Structure model' 1 1 2008-04-30 
3 'Structure model' 1 2 2011-07-13 
4 'Structure model' 1 3 2024-03-13 
# 
_pdbx_audit_revision_details.ordinal             1 
_pdbx_audit_revision_details.revision_ordinal    1 
_pdbx_audit_revision_details.data_content_type   'Structure model' 
_pdbx_audit_revision_details.provider            repository 
_pdbx_audit_revision_details.type                'Initial release' 
_pdbx_audit_revision_details.description         ? 
_pdbx_audit_revision_details.details             ? 
# 
loop_
_pdbx_audit_revision_group.ordinal 
_pdbx_audit_revision_group.revision_ordinal 
_pdbx_audit_revision_group.data_content_type 
_pdbx_audit_revision_group.group 
1 2 'Structure model' 'Version format compliance' 
2 3 'Structure model' Advisory                    
3 3 'Structure model' 'Version format compliance' 
4 4 'Structure model' 'Data collection'           
5 4 'Structure model' 'Database references'       
6 4 'Structure model' 'Derived calculations'      
# 
loop_
_pdbx_audit_revision_category.ordinal 
_pdbx_audit_revision_category.revision_ordinal 
_pdbx_audit_revision_category.data_content_type 
_pdbx_audit_revision_category.category 
1 4 'Structure model' chem_comp_atom 
2 4 'Structure model' chem_comp_bond 
3 4 'Structure model' database_2     
4 4 'Structure model' struct_site    
# 
loop_
_pdbx_audit_revision_item.ordinal 
_pdbx_audit_revision_item.revision_ordinal 
_pdbx_audit_revision_item.data_content_type 
_pdbx_audit_revision_item.item 
1 4 'Structure model' '_database_2.pdbx_DOI'                
2 4 'Structure model' '_database_2.pdbx_database_accession' 
3 4 'Structure model' '_struct_site.pdbx_auth_asym_id'      
4 4 'Structure model' '_struct_site.pdbx_auth_comp_id'      
5 4 'Structure model' '_struct_site.pdbx_auth_seq_id'       
# 
_pdbx_database_status.status_code                     REL 
_pdbx_database_status.entry_id                        2Z1C 
_pdbx_database_status.recvd_initial_deposition_date   2007-05-08 
_pdbx_database_status.deposit_site                    PDBJ 
_pdbx_database_status.process_site                    PDBJ 
_pdbx_database_status.status_code_sf                  REL 
_pdbx_database_status.status_code_mr                  ? 
_pdbx_database_status.SG_entry                        ? 
_pdbx_database_status.pdb_format_compatible           Y 
_pdbx_database_status.status_code_cs                  ? 
_pdbx_database_status.status_code_nmr_data            ? 
_pdbx_database_status.methods_development_category    ? 
# 
loop_
_pdbx_database_related.db_name 
_pdbx_database_related.db_id 
_pdbx_database_related.details 
_pdbx_database_related.content_type 
PDB 2Z1D . unspecified 
PDB 2Z1E . unspecified 
PDB 2Z1F . unspecified 
# 
loop_
_audit_author.name 
_audit_author.pdbx_ordinal 
'Watanabe, S.' 1 
'Matsumi, R.'  2 
'Arai, T.'     3 
'Atomi, H.'    4 
'Imanaka, T.'  5 
'Miki, K.'     6 
# 
_citation.id                        primary 
_citation.title                     
;Crystal Structures of [NiFe] Hydrogenase Maturation Proteins HypC, HypD, and HypE: Insights into Cyanation Reaction by Thiol Redox Signaling
;
_citation.journal_abbrev            Mol.Cell 
_citation.journal_volume            27 
_citation.page_first                29 
_citation.page_last                 40 
_citation.year                      2007 
_citation.journal_id_ASTM           MOCEFL 
_citation.country                   US 
_citation.journal_id_ISSN           1097-2765 
_citation.journal_id_CSD            2168 
_citation.book_publisher            ? 
_citation.pdbx_database_id_PubMed   17612488 
_citation.pdbx_database_id_DOI      10.1016/j.molcel.2007.05.039 
# 
loop_
_citation_author.citation_id 
_citation_author.name 
_citation_author.ordinal 
_citation_author.identifier_ORCID 
primary 'Watanabe, S.' 1 ? 
primary 'Matsumi, R.'  2 ? 
primary 'Arai, T.'     3 ? 
primary 'Atomi, H.'    4 ? 
primary 'Imanaka, T.'  5 ? 
primary 'Miki, K.'     6 ? 
# 
loop_
_entity.id 
_entity.type 
_entity.src_method 
_entity.pdbx_description 
_entity.formula_weight 
_entity.pdbx_number_of_molecules 
_entity.pdbx_ec 
_entity.pdbx_mutation 
_entity.pdbx_fragment 
_entity.details 
1 polymer     man 'Hydrogenase expression/formation protein HypC' 8264.673 3   ? ? ? ? 
2 non-polymer syn GLYCEROL                                        92.094   1   ? ? ? ? 
3 non-polymer syn 'TETRAETHYLENE GLYCOL'                          194.226  1   ? ? ? ? 
4 water       nat water                                           18.015   106 ? ? ? ? 
# 
_entity_poly.entity_id                      1 
_entity_poly.type                           'polypeptide(L)' 
_entity_poly.nstd_linkage                   no 
_entity_poly.nstd_monomer                   no 
_entity_poly.pdbx_seq_one_letter_code       MCLAVPGKVIEVNGPVAVVDFGGVKREVRLDLMPDTKPGDWVIVHTGFAIEKLDEKKAMEILEAWAEVEKAMEGF 
_entity_poly.pdbx_seq_one_letter_code_can   MCLAVPGKVIEVNGPVAVVDFGGVKREVRLDLMPDTKPGDWVIVHTGFAIEKLDEKKAMEILEAWAEVEKAMEGF 
_entity_poly.pdbx_strand_id                 A,B,C 
_entity_poly.pdbx_target_identifier         ? 
# 
loop_
_pdbx_entity_nonpoly.entity_id 
_pdbx_entity_nonpoly.name 
_pdbx_entity_nonpoly.comp_id 
2 GLYCEROL               GOL 
3 'TETRAETHYLENE GLYCOL' PG4 
4 water                  HOH 
# 
loop_
_entity_poly_seq.entity_id 
_entity_poly_seq.num 
_entity_poly_seq.mon_id 
_entity_poly_seq.hetero 
1 1  MET n 
1 2  CYS n 
1 3  LEU n 
1 4  ALA n 
1 5  VAL n 
1 6  PRO n 
1 7  GLY n 
1 8  LYS n 
1 9  VAL n 
1 10 ILE n 
1 11 GLU n 
1 12 VAL n 
1 13 ASN n 
1 14 GLY n 
1 15 PRO n 
1 16 VAL n 
1 17 ALA n 
1 18 VAL n 
1 19 VAL n 
1 20 ASP n 
1 21 PHE n 
1 22 GLY n 
1 23 GLY n 
1 24 VAL n 
1 25 LYS n 
1 26 ARG n 
1 27 GLU n 
1 28 VAL n 
1 29 ARG n 
1 30 LEU n 
1 31 ASP n 
1 32 LEU n 
1 33 MET n 
1 34 PRO n 
1 35 ASP n 
1 36 THR n 
1 37 LYS n 
1 38 PRO n 
1 39 GLY n 
1 40 ASP n 
1 41 TRP n 
1 42 VAL n 
1 43 ILE n 
1 44 VAL n 
1 45 HIS n 
1 46 THR n 
1 47 GLY n 
1 48 PHE n 
1 49 ALA n 
1 50 ILE n 
1 51 GLU n 
1 52 LYS n 
1 53 LEU n 
1 54 ASP n 
1 55 GLU n 
1 56 LYS n 
1 57 LYS n 
1 58 ALA n 
1 59 MET n 
1 60 GLU n 
1 61 ILE n 
1 62 LEU n 
1 63 GLU n 
1 64 ALA n 
1 65 TRP n 
1 66 ALA n 
1 67 GLU n 
1 68 VAL n 
1 69 GLU n 
1 70 LYS n 
1 71 ALA n 
1 72 MET n 
1 73 GLU n 
1 74 GLY n 
1 75 PHE n 
# 
_entity_src_gen.entity_id                          1 
_entity_src_gen.pdbx_src_id                        1 
_entity_src_gen.pdbx_alt_source_flag               sample 
_entity_src_gen.pdbx_seq_type                      ? 
_entity_src_gen.pdbx_beg_seq_num                   ? 
_entity_src_gen.pdbx_end_seq_num                   ? 
_entity_src_gen.gene_src_common_name               ? 
_entity_src_gen.gene_src_genus                     ? 
_entity_src_gen.pdbx_gene_src_gene                 hypC 
_entity_src_gen.gene_src_species                   ? 
_entity_src_gen.gene_src_strain                    KOD1 
_entity_src_gen.gene_src_tissue                    ? 
_entity_src_gen.gene_src_tissue_fraction           ? 
_entity_src_gen.gene_src_details                   ? 
_entity_src_gen.pdbx_gene_src_fragment             ? 
_entity_src_gen.pdbx_gene_src_scientific_name      'Thermococcus kodakarensis' 
_entity_src_gen.pdbx_gene_src_ncbi_taxonomy_id     69014 
_entity_src_gen.pdbx_gene_src_variant              ? 
_entity_src_gen.pdbx_gene_src_cell_line            ? 
_entity_src_gen.pdbx_gene_src_atcc                 ? 
_entity_src_gen.pdbx_gene_src_organ                ? 
_entity_src_gen.pdbx_gene_src_organelle            ? 
_entity_src_gen.pdbx_gene_src_cell                 ? 
_entity_src_gen.pdbx_gene_src_cellular_location    ? 
_entity_src_gen.host_org_common_name               ? 
_entity_src_gen.pdbx_host_org_scientific_name      'Escherichia coli' 
_entity_src_gen.pdbx_host_org_ncbi_taxonomy_id     562 
_entity_src_gen.host_org_genus                     ? 
_entity_src_gen.pdbx_host_org_gene                 ? 
_entity_src_gen.pdbx_host_org_organ                ? 
_entity_src_gen.host_org_species                   ? 
_entity_src_gen.pdbx_host_org_tissue               ? 
_entity_src_gen.pdbx_host_org_tissue_fraction      ? 
_entity_src_gen.pdbx_host_org_strain               ? 
_entity_src_gen.pdbx_host_org_variant              ? 
_entity_src_gen.pdbx_host_org_cell_line            ? 
_entity_src_gen.pdbx_host_org_atcc                 ? 
_entity_src_gen.pdbx_host_org_culture_collection   ? 
_entity_src_gen.pdbx_host_org_cell                 ? 
_entity_src_gen.pdbx_host_org_organelle            ? 
_entity_src_gen.pdbx_host_org_cellular_location    ? 
_entity_src_gen.pdbx_host_org_vector_type          plasmid 
_entity_src_gen.pdbx_host_org_vector               ? 
_entity_src_gen.host_org_details                   ? 
_entity_src_gen.expression_system_id               ? 
_entity_src_gen.plasmid_name                       'pET21a(+)' 
_entity_src_gen.plasmid_details                    ? 
_entity_src_gen.pdbx_description                   ? 
# 
loop_
_chem_comp.id 
_chem_comp.type 
_chem_comp.mon_nstd_flag 
_chem_comp.name 
_chem_comp.pdbx_synonyms 
_chem_comp.formula 
_chem_comp.formula_weight 
ALA 'L-peptide linking' y ALANINE                ?                               'C3 H7 N O2'     89.093  
ARG 'L-peptide linking' y ARGININE               ?                               'C6 H15 N4 O2 1' 175.209 
ASN 'L-peptide linking' y ASPARAGINE             ?                               'C4 H8 N2 O3'    132.118 
ASP 'L-peptide linking' y 'ASPARTIC ACID'        ?                               'C4 H7 N O4'     133.103 
CYS 'L-peptide linking' y CYSTEINE               ?                               'C3 H7 N O2 S'   121.158 
GLU 'L-peptide linking' y 'GLUTAMIC ACID'        ?                               'C5 H9 N O4'     147.129 
GLY 'peptide linking'   y GLYCINE                ?                               'C2 H5 N O2'     75.067  
GOL non-polymer         . GLYCEROL               'GLYCERIN; PROPANE-1,2,3-TRIOL' 'C3 H8 O3'       92.094  
HIS 'L-peptide linking' y HISTIDINE              ?                               'C6 H10 N3 O2 1' 156.162 
HOH non-polymer         . WATER                  ?                               'H2 O'           18.015  
ILE 'L-peptide linking' y ISOLEUCINE             ?                               'C6 H13 N O2'    131.173 
LEU 'L-peptide linking' y LEUCINE                ?                               'C6 H13 N O2'    131.173 
LYS 'L-peptide linking' y LYSINE                 ?                               'C6 H15 N2 O2 1' 147.195 
MET 'L-peptide linking' y METHIONINE             ?                               'C5 H11 N O2 S'  149.211 
PG4 non-polymer         . 'TETRAETHYLENE GLYCOL' ?                               'C8 H18 O5'      194.226 
PHE 'L-peptide linking' y PHENYLALANINE          ?                               'C9 H11 N O2'    165.189 
PRO 'L-peptide linking' y PROLINE                ?                               'C5 H9 N O2'     115.130 
THR 'L-peptide linking' y THREONINE              ?                               'C4 H9 N O3'     119.119 
TRP 'L-peptide linking' y TRYPTOPHAN             ?                               'C11 H12 N2 O2'  204.225 
VAL 'L-peptide linking' y VALINE                 ?                               'C5 H11 N O2'    117.146 
# 
loop_
_pdbx_poly_seq_scheme.asym_id 
_pdbx_poly_seq_scheme.entity_id 
_pdbx_poly_seq_scheme.seq_id 
_pdbx_poly_seq_scheme.mon_id 
_pdbx_poly_seq_scheme.ndb_seq_num 
_pdbx_poly_seq_scheme.pdb_seq_num 
_pdbx_poly_seq_scheme.auth_seq_num 
_pdbx_poly_seq_scheme.pdb_mon_id 
_pdbx_poly_seq_scheme.auth_mon_id 
_pdbx_poly_seq_scheme.pdb_strand_id 
_pdbx_poly_seq_scheme.pdb_ins_code 
_pdbx_poly_seq_scheme.hetero 
A 1 1  MET 1  1  ?  ?   ?   A . n 
A 1 2  CYS 2  2  2  CYS CYS A . n 
A 1 3  LEU 3  3  3  LEU LEU A . n 
A 1 4  ALA 4  4  4  ALA ALA A . n 
A 1 5  VAL 5  5  5  VAL VAL A . n 
A 1 6  PRO 6  6  6  PRO PRO A . n 
A 1 7  GLY 7  7  7  GLY GLY A . n 
A 1 8  LYS 8  8  8  LYS LYS A . n 
A 1 9  VAL 9  9  9  VAL VAL A . n 
A 1 10 ILE 10 10 10 ILE ILE A . n 
A 1 11 GLU 11 11 11 GLU GLU A . n 
A 1 12 VAL 12 12 12 VAL VAL A . n 
A 1 13 ASN 13 13 13 ASN ASN A . n 
A 1 14 GLY 14 14 14 GLY GLY A . n 
A 1 15 PRO 15 15 15 PRO PRO A . n 
A 1 16 VAL 16 16 16 VAL VAL A . n 
A 1 17 ALA 17 17 17 ALA ALA A . n 
A 1 18 VAL 18 18 18 VAL VAL A . n 
A 1 19 VAL 19 19 19 VAL VAL A . n 
A 1 20 ASP 20 20 20 ASP ASP A . n 
A 1 21 PHE 21 21 21 PHE PHE A . n 
A 1 22 GLY 22 22 22 GLY GLY A . n 
A 1 23 GLY 23 23 23 GLY GLY A . n 
A 1 24 VAL 24 24 24 VAL VAL A . n 
A 1 25 LYS 25 25 25 LYS LYS A . n 
A 1 26 ARG 26 26 26 ARG ARG A . n 
A 1 27 GLU 27 27 27 GLU GLU A . n 
A 1 28 VAL 28 28 28 VAL VAL A . n 
A 1 29 ARG 29 29 29 ARG ARG A . n 
A 1 30 LEU 30 30 30 LEU LEU A . n 
A 1 31 ASP 31 31 31 ASP ASP A . n 
A 1 32 LEU 32 32 32 LEU LEU A . n 
A 1 33 MET 33 33 33 MET MET A . n 
A 1 34 PRO 34 34 34 PRO PRO A . n 
A 1 35 ASP 35 35 35 ASP ASP A . n 
A 1 36 THR 36 36 36 THR THR A . n 
A 1 37 LYS 37 37 37 LYS LYS A . n 
A 1 38 PRO 38 38 38 PRO PRO A . n 
A 1 39 GLY 39 39 39 GLY GLY A . n 
A 1 40 ASP 40 40 40 ASP ASP A . n 
A 1 41 TRP 41 41 41 TRP TRP A . n 
A 1 42 VAL 42 42 42 VAL VAL A . n 
A 1 43 ILE 43 43 43 ILE ILE A . n 
A 1 44 VAL 44 44 44 VAL VAL A . n 
A 1 45 HIS 45 45 45 HIS HIS A . n 
A 1 46 THR 46 46 46 THR THR A . n 
A 1 47 GLY 47 47 47 GLY GLY A . n 
A 1 48 PHE 48 48 48 PHE PHE A . n 
A 1 49 ALA 49 49 49 ALA ALA A . n 
A 1 50 ILE 50 50 50 ILE ILE A . n 
A 1 51 GLU 51 51 51 GLU GLU A . n 
A 1 52 LYS 52 52 52 LYS LYS A . n 
A 1 53 LEU 53 53 53 LEU LEU A . n 
A 1 54 ASP 54 54 54 ASP ASP A . n 
A 1 55 GLU 55 55 55 GLU GLU A . n 
A 1 56 LYS 56 56 56 LYS LYS A . n 
A 1 57 LYS 57 57 57 LYS LYS A . n 
A 1 58 ALA 58 58 58 ALA ALA A . n 
A 1 59 MET 59 59 59 MET MET A . n 
A 1 60 GLU 60 60 60 GLU GLU A . n 
A 1 61 ILE 61 61 61 ILE ILE A . n 
A 1 62 LEU 62 62 62 LEU LEU A . n 
A 1 63 GLU 63 63 63 GLU GLU A . n 
A 1 64 ALA 64 64 64 ALA ALA A . n 
A 1 65 TRP 65 65 65 TRP TRP A . n 
A 1 66 ALA 66 66 66 ALA ALA A . n 
A 1 67 GLU 67 67 67 GLU GLU A . n 
A 1 68 VAL 68 68 68 VAL VAL A . n 
A 1 69 GLU 69 69 69 GLU GLU A . n 
A 1 70 LYS 70 70 70 LYS LYS A . n 
A 1 71 ALA 71 71 71 ALA ALA A . n 
A 1 72 MET 72 72 72 MET MET A . n 
A 1 73 GLU 73 73 ?  ?   ?   A . n 
A 1 74 GLY 74 74 ?  ?   ?   A . n 
A 1 75 PHE 75 75 ?  ?   ?   A . n 
B 1 1  MET 1  1  ?  ?   ?   B . n 
B 1 2  CYS 2  2  2  CYS CYS B . n 
B 1 3  LEU 3  3  3  LEU LEU B . n 
B 1 4  ALA 4  4  4  ALA ALA B . n 
B 1 5  VAL 5  5  5  VAL VAL B . n 
B 1 6  PRO 6  6  6  PRO PRO B . n 
B 1 7  GLY 7  7  7  GLY GLY B . n 
B 1 8  LYS 8  8  8  LYS LYS B . n 
B 1 9  VAL 9  9  9  VAL VAL B . n 
B 1 10 ILE 10 10 10 ILE ILE B . n 
B 1 11 GLU 11 11 11 GLU GLU B . n 
B 1 12 VAL 12 12 12 VAL VAL B . n 
B 1 13 ASN 13 13 13 ASN ASN B . n 
B 1 14 GLY 14 14 14 GLY GLY B . n 
B 1 15 PRO 15 15 15 PRO PRO B . n 
B 1 16 VAL 16 16 16 VAL VAL B . n 
B 1 17 ALA 17 17 17 ALA ALA B . n 
B 1 18 VAL 18 18 18 VAL VAL B . n 
B 1 19 VAL 19 19 19 VAL VAL B . n 
B 1 20 ASP 20 20 20 ASP ASP B . n 
B 1 21 PHE 21 21 21 PHE PHE B . n 
B 1 22 GLY 22 22 22 GLY GLY B . n 
B 1 23 GLY 23 23 23 GLY GLY B . n 
B 1 24 VAL 24 24 24 VAL VAL B . n 
B 1 25 LYS 25 25 25 LYS LYS B . n 
B 1 26 ARG 26 26 26 ARG ARG B . n 
B 1 27 GLU 27 27 27 GLU GLU B . n 
B 1 28 VAL 28 28 28 VAL VAL B . n 
B 1 29 ARG 29 29 29 ARG ARG B . n 
B 1 30 LEU 30 30 30 LEU LEU B . n 
B 1 31 ASP 31 31 31 ASP ASP B . n 
B 1 32 LEU 32 32 32 LEU LEU B . n 
B 1 33 MET 33 33 33 MET MET B . n 
B 1 34 PRO 34 34 34 PRO PRO B . n 
B 1 35 ASP 35 35 35 ASP ASP B . n 
B 1 36 THR 36 36 36 THR THR B . n 
B 1 37 LYS 37 37 37 LYS LYS B . n 
B 1 38 PRO 38 38 38 PRO PRO B . n 
B 1 39 GLY 39 39 39 GLY GLY B . n 
B 1 40 ASP 40 40 40 ASP ASP B . n 
B 1 41 TRP 41 41 41 TRP TRP B . n 
B 1 42 VAL 42 42 42 VAL VAL B . n 
B 1 43 ILE 43 43 43 ILE ILE B . n 
B 1 44 VAL 44 44 44 VAL VAL B . n 
B 1 45 HIS 45 45 45 HIS HIS B . n 
B 1 46 THR 46 46 46 THR THR B . n 
B 1 47 GLY 47 47 47 GLY GLY B . n 
B 1 48 PHE 48 48 48 PHE PHE B . n 
B 1 49 ALA 49 49 49 ALA ALA B . n 
B 1 50 ILE 50 50 50 ILE ILE B . n 
B 1 51 GLU 51 51 51 GLU GLU B . n 
B 1 52 LYS 52 52 52 LYS LYS B . n 
B 1 53 LEU 53 53 53 LEU LEU B . n 
B 1 54 ASP 54 54 54 ASP ASP B . n 
B 1 55 GLU 55 55 55 GLU GLU B . n 
B 1 56 LYS 56 56 56 LYS LYS B . n 
B 1 57 LYS 57 57 57 LYS LYS B . n 
B 1 58 ALA 58 58 58 ALA ALA B . n 
B 1 59 MET 59 59 59 MET MET B . n 
B 1 60 GLU 60 60 60 GLU GLU B . n 
B 1 61 ILE 61 61 61 ILE ILE B . n 
B 1 62 LEU 62 62 62 LEU LEU B . n 
B 1 63 GLU 63 63 63 GLU GLU B . n 
B 1 64 ALA 64 64 64 ALA ALA B . n 
B 1 65 TRP 65 65 65 TRP TRP B . n 
B 1 66 ALA 66 66 66 ALA ALA B . n 
B 1 67 GLU 67 67 67 GLU GLU B . n 
B 1 68 VAL 68 68 68 VAL VAL B . n 
B 1 69 GLU 69 69 69 GLU GLU B . n 
B 1 70 LYS 70 70 70 LYS LYS B . n 
B 1 71 ALA 71 71 71 ALA ALA B . n 
B 1 72 MET 72 72 72 MET MET B . n 
B 1 73 GLU 73 73 73 GLU GLU B . n 
B 1 74 GLY 74 74 74 GLY GLY B . n 
B 1 75 PHE 75 75 75 PHE PHE B . n 
C 1 1  MET 1  1  ?  ?   ?   C . n 
C 1 2  CYS 2  2  ?  ?   ?   C . n 
C 1 3  LEU 3  3  3  LEU LEU C . n 
C 1 4  ALA 4  4  4  ALA ALA C . n 
C 1 5  VAL 5  5  5  VAL VAL C . n 
C 1 6  PRO 6  6  6  PRO PRO C . n 
C 1 7  GLY 7  7  7  GLY GLY C . n 
C 1 8  LYS 8  8  8  LYS LYS C . n 
C 1 9  VAL 9  9  9  VAL VAL C . n 
C 1 10 ILE 10 10 10 ILE ILE C . n 
C 1 11 GLU 11 11 11 GLU GLU C . n 
C 1 12 VAL 12 12 12 VAL VAL C . n 
C 1 13 ASN 13 13 13 ASN ASN C . n 
C 1 14 GLY 14 14 14 GLY GLY C . n 
C 1 15 PRO 15 15 15 PRO PRO C . n 
C 1 16 VAL 16 16 16 VAL VAL C . n 
C 1 17 ALA 17 17 17 ALA ALA C . n 
C 1 18 VAL 18 18 18 VAL VAL C . n 
C 1 19 VAL 19 19 19 VAL VAL C . n 
C 1 20 ASP 20 20 20 ASP ASP C . n 
C 1 21 PHE 21 21 21 PHE PHE C . n 
C 1 22 GLY 22 22 22 GLY GLY C . n 
C 1 23 GLY 23 23 23 GLY GLY C . n 
C 1 24 VAL 24 24 24 VAL VAL C . n 
C 1 25 LYS 25 25 25 LYS LYS C . n 
C 1 26 ARG 26 26 26 ARG ARG C . n 
C 1 27 GLU 27 27 27 GLU GLU C . n 
C 1 28 VAL 28 28 28 VAL VAL C . n 
C 1 29 ARG 29 29 29 ARG ARG C . n 
C 1 30 LEU 30 30 30 LEU LEU C . n 
C 1 31 ASP 31 31 31 ASP ASP C . n 
C 1 32 LEU 32 32 32 LEU LEU C . n 
C 1 33 MET 33 33 33 MET MET C . n 
C 1 34 PRO 34 34 34 PRO PRO C . n 
C 1 35 ASP 35 35 35 ASP ASP C . n 
C 1 36 THR 36 36 36 THR THR C . n 
C 1 37 LYS 37 37 37 LYS LYS C . n 
C 1 38 PRO 38 38 ?  ?   ?   C . n 
C 1 39 GLY 39 39 39 GLY GLY C . n 
C 1 40 ASP 40 40 40 ASP ASP C . n 
C 1 41 TRP 41 41 41 TRP TRP C . n 
C 1 42 VAL 42 42 42 VAL VAL C . n 
C 1 43 ILE 43 43 43 ILE ILE C . n 
C 1 44 VAL 44 44 44 VAL VAL C . n 
C 1 45 HIS 45 45 45 HIS HIS C . n 
C 1 46 THR 46 46 46 THR THR C . n 
C 1 47 GLY 47 47 47 GLY GLY C . n 
C 1 48 PHE 48 48 48 PHE PHE C . n 
C 1 49 ALA 49 49 49 ALA ALA C . n 
C 1 50 ILE 50 50 50 ILE ILE C . n 
C 1 51 GLU 51 51 51 GLU GLU C . n 
C 1 52 LYS 52 52 ?  ?   ?   C . n 
C 1 53 LEU 53 53 53 LEU LEU C . n 
C 1 54 ASP 54 54 54 ASP ASP C . n 
C 1 55 GLU 55 55 55 GLU GLU C . n 
C 1 56 LYS 56 56 56 LYS LYS C . n 
C 1 57 LYS 57 57 57 LYS LYS C . n 
C 1 58 ALA 58 58 58 ALA ALA C . n 
C 1 59 MET 59 59 59 MET MET C . n 
C 1 60 GLU 60 60 60 GLU GLU C . n 
C 1 61 ILE 61 61 61 ILE ILE C . n 
C 1 62 LEU 62 62 62 LEU LEU C . n 
C 1 63 GLU 63 63 63 GLU GLU C . n 
C 1 64 ALA 64 64 64 ALA ALA C . n 
C 1 65 TRP 65 65 65 TRP TRP C . n 
C 1 66 ALA 66 66 66 ALA ALA C . n 
C 1 67 GLU 67 67 67 GLU GLU C . n 
C 1 68 VAL 68 68 68 VAL VAL C . n 
C 1 69 GLU 69 69 69 GLU GLU C . n 
C 1 70 LYS 70 70 70 LYS LYS C . n 
C 1 71 ALA 71 71 71 ALA ALA C . n 
C 1 72 MET 72 72 72 MET MET C . n 
C 1 73 GLU 73 73 73 GLU GLU C . n 
C 1 74 GLY 74 74 74 GLY GLY C . n 
C 1 75 PHE 75 75 75 PHE PHE C . n 
# 
loop_
_pdbx_nonpoly_scheme.asym_id 
_pdbx_nonpoly_scheme.entity_id 
_pdbx_nonpoly_scheme.mon_id 
_pdbx_nonpoly_scheme.ndb_seq_num 
_pdbx_nonpoly_scheme.pdb_seq_num 
_pdbx_nonpoly_scheme.auth_seq_num 
_pdbx_nonpoly_scheme.pdb_mon_id 
_pdbx_nonpoly_scheme.auth_mon_id 
_pdbx_nonpoly_scheme.pdb_strand_id 
_pdbx_nonpoly_scheme.pdb_ins_code 
D 2 GOL 1  901 901 GOL GOL A . 
E 3 PG4 1  502 502 PG4 PG4 B . 
F 4 HOH 1  202 202 HOH HOH A . 
F 4 HOH 2  205 205 HOH HOH A . 
F 4 HOH 3  207 207 HOH HOH A . 
F 4 HOH 4  208 208 HOH HOH A . 
F 4 HOH 5  210 210 HOH HOH A . 
F 4 HOH 6  213 213 HOH HOH A . 
F 4 HOH 7  214 214 HOH HOH A . 
F 4 HOH 8  215 215 HOH HOH A . 
F 4 HOH 9  216 216 HOH HOH A . 
F 4 HOH 10 218 218 HOH HOH A . 
F 4 HOH 11 219 219 HOH HOH A . 
F 4 HOH 12 220 220 HOH HOH A . 
F 4 HOH 13 222 222 HOH HOH A . 
F 4 HOH 14 223 223 HOH HOH A . 
F 4 HOH 15 232 232 HOH HOH A . 
F 4 HOH 16 234 234 HOH HOH A . 
F 4 HOH 17 235 235 HOH HOH A . 
F 4 HOH 18 236 236 HOH HOH A . 
F 4 HOH 19 237 237 HOH HOH A . 
F 4 HOH 20 238 238 HOH HOH A . 
F 4 HOH 21 239 239 HOH HOH A . 
F 4 HOH 22 240 240 HOH HOH A . 
F 4 HOH 23 241 241 HOH HOH A . 
F 4 HOH 24 242 242 HOH HOH A . 
F 4 HOH 25 243 243 HOH HOH A . 
F 4 HOH 26 244 244 HOH HOH A . 
F 4 HOH 27 248 248 HOH HOH A . 
F 4 HOH 28 251 251 HOH HOH A . 
F 4 HOH 29 252 252 HOH HOH A . 
F 4 HOH 30 255 255 HOH HOH A . 
F 4 HOH 31 259 259 HOH HOH A . 
F 4 HOH 32 260 260 HOH HOH A . 
F 4 HOH 33 261 261 HOH HOH A . 
F 4 HOH 34 262 262 HOH HOH A . 
F 4 HOH 35 263 263 HOH HOH A . 
F 4 HOH 36 264 264 HOH HOH A . 
F 4 HOH 37 265 265 HOH HOH A . 
F 4 HOH 38 266 266 HOH HOH A . 
F 4 HOH 39 268 268 HOH HOH A . 
F 4 HOH 40 270 270 HOH HOH A . 
F 4 HOH 41 273 273 HOH HOH A . 
F 4 HOH 42 275 275 HOH HOH A . 
F 4 HOH 43 276 276 HOH HOH A . 
F 4 HOH 44 277 277 HOH HOH A . 
F 4 HOH 45 285 285 HOH HOH A . 
F 4 HOH 46 287 287 HOH HOH A . 
F 4 HOH 47 289 289 HOH HOH A . 
F 4 HOH 48 290 290 HOH HOH A . 
F 4 HOH 49 292 292 HOH HOH A . 
F 4 HOH 50 299 299 HOH HOH A . 
F 4 HOH 51 300 300 HOH HOH A . 
F 4 HOH 52 301 301 HOH HOH A . 
F 4 HOH 53 305 305 HOH HOH A . 
F 4 HOH 54 306 306 HOH HOH A . 
G 4 HOH 1  203 203 HOH HOH B . 
G 4 HOH 2  204 204 HOH HOH B . 
G 4 HOH 3  206 206 HOH HOH B . 
G 4 HOH 4  211 211 HOH HOH B . 
G 4 HOH 5  212 212 HOH HOH B . 
G 4 HOH 6  221 221 HOH HOH B . 
G 4 HOH 7  224 224 HOH HOH B . 
G 4 HOH 8  225 225 HOH HOH B . 
G 4 HOH 9  226 226 HOH HOH B . 
G 4 HOH 10 228 228 HOH HOH B . 
G 4 HOH 11 229 229 HOH HOH B . 
G 4 HOH 12 230 230 HOH HOH B . 
G 4 HOH 13 233 233 HOH HOH B . 
G 4 HOH 14 245 245 HOH HOH B . 
G 4 HOH 15 247 247 HOH HOH B . 
G 4 HOH 16 249 249 HOH HOH B . 
G 4 HOH 17 250 250 HOH HOH B . 
G 4 HOH 18 253 253 HOH HOH B . 
G 4 HOH 19 254 254 HOH HOH B . 
G 4 HOH 20 256 256 HOH HOH B . 
G 4 HOH 21 257 257 HOH HOH B . 
G 4 HOH 22 258 258 HOH HOH B . 
G 4 HOH 23 269 269 HOH HOH B . 
G 4 HOH 24 271 271 HOH HOH B . 
G 4 HOH 25 272 272 HOH HOH B . 
G 4 HOH 26 274 274 HOH HOH B . 
G 4 HOH 27 279 279 HOH HOH B . 
G 4 HOH 28 280 280 HOH HOH B . 
G 4 HOH 29 281 281 HOH HOH B . 
G 4 HOH 30 282 282 HOH HOH B . 
G 4 HOH 31 284 284 HOH HOH B . 
G 4 HOH 32 286 286 HOH HOH B . 
G 4 HOH 33 288 288 HOH HOH B . 
G 4 HOH 34 293 293 HOH HOH B . 
G 4 HOH 35 294 294 HOH HOH B . 
G 4 HOH 36 295 295 HOH HOH B . 
G 4 HOH 37 297 297 HOH HOH B . 
G 4 HOH 38 298 298 HOH HOH B . 
G 4 HOH 39 302 302 HOH HOH B . 
G 4 HOH 40 303 303 HOH HOH B . 
G 4 HOH 41 304 304 HOH HOH B . 
H 4 HOH 1  201 201 HOH HOH C . 
H 4 HOH 2  209 209 HOH HOH C . 
H 4 HOH 3  217 217 HOH HOH C . 
H 4 HOH 4  227 227 HOH HOH C . 
H 4 HOH 5  231 231 HOH HOH C . 
H 4 HOH 6  246 246 HOH HOH C . 
H 4 HOH 7  267 267 HOH HOH C . 
H 4 HOH 8  278 278 HOH HOH C . 
H 4 HOH 9  283 283 HOH HOH C . 
H 4 HOH 10 291 291 HOH HOH C . 
H 4 HOH 11 296 296 HOH HOH C . 
# 
loop_
_pdbx_unobs_or_zero_occ_atoms.id 
_pdbx_unobs_or_zero_occ_atoms.PDB_model_num 
_pdbx_unobs_or_zero_occ_atoms.polymer_flag 
_pdbx_unobs_or_zero_occ_atoms.occupancy_flag 
_pdbx_unobs_or_zero_occ_atoms.auth_asym_id 
_pdbx_unobs_or_zero_occ_atoms.auth_comp_id 
_pdbx_unobs_or_zero_occ_atoms.auth_seq_id 
_pdbx_unobs_or_zero_occ_atoms.PDB_ins_code 
_pdbx_unobs_or_zero_occ_atoms.auth_atom_id 
_pdbx_unobs_or_zero_occ_atoms.label_alt_id 
_pdbx_unobs_or_zero_occ_atoms.label_asym_id 
_pdbx_unobs_or_zero_occ_atoms.label_comp_id 
_pdbx_unobs_or_zero_occ_atoms.label_seq_id 
_pdbx_unobs_or_zero_occ_atoms.label_atom_id 
1  1 Y 1 A ARG 26 ? CG  ? A ARG 26 CG  
2  1 Y 1 A ARG 26 ? CD  ? A ARG 26 CD  
3  1 Y 1 A ARG 26 ? NE  ? A ARG 26 NE  
4  1 Y 1 A ARG 26 ? CZ  ? A ARG 26 CZ  
5  1 Y 1 A ARG 26 ? NH1 ? A ARG 26 NH1 
6  1 Y 1 A ARG 26 ? NH2 ? A ARG 26 NH2 
7  1 Y 1 A LYS 70 ? CG  ? A LYS 70 CG  
8  1 Y 1 A LYS 70 ? CD  ? A LYS 70 CD  
9  1 Y 1 A LYS 70 ? CE  ? A LYS 70 CE  
10 1 Y 1 A LYS 70 ? NZ  ? A LYS 70 NZ  
11 1 Y 1 B GLU 55 ? CG  ? B GLU 55 CG  
12 1 Y 1 B GLU 55 ? CD  ? B GLU 55 CD  
13 1 Y 1 B GLU 55 ? OE1 ? B GLU 55 OE1 
14 1 Y 1 B GLU 55 ? OE2 ? B GLU 55 OE2 
15 1 Y 1 B GLU 63 ? CG  ? B GLU 63 CG  
16 1 Y 1 B GLU 63 ? CD  ? B GLU 63 CD  
17 1 Y 1 B GLU 63 ? OE1 ? B GLU 63 OE1 
18 1 Y 1 B GLU 63 ? OE2 ? B GLU 63 OE2 
19 1 Y 1 C LYS 8  ? CG  ? C LYS 8  CG  
20 1 Y 1 C LYS 8  ? CD  ? C LYS 8  CD  
21 1 Y 1 C LYS 8  ? CE  ? C LYS 8  CE  
22 1 Y 1 C LYS 8  ? NZ  ? C LYS 8  NZ  
23 1 Y 1 C GLU 11 ? CG  ? C GLU 11 CG  
24 1 Y 1 C GLU 11 ? CD  ? C GLU 11 CD  
25 1 Y 1 C GLU 11 ? OE1 ? C GLU 11 OE1 
26 1 Y 1 C GLU 11 ? OE2 ? C GLU 11 OE2 
27 1 Y 1 C LEU 32 ? CG  ? C LEU 32 CG  
28 1 Y 1 C LEU 32 ? CD1 ? C LEU 32 CD1 
29 1 Y 1 C LEU 32 ? CD2 ? C LEU 32 CD2 
30 1 Y 1 C MET 33 ? CG  ? C MET 33 CG  
31 1 Y 1 C MET 33 ? SD  ? C MET 33 SD  
32 1 Y 1 C MET 33 ? CE  ? C MET 33 CE  
33 1 Y 1 C ASP 35 ? CG  ? C ASP 35 CG  
34 1 Y 1 C ASP 35 ? OD1 ? C ASP 35 OD1 
35 1 Y 1 C ASP 35 ? OD2 ? C ASP 35 OD2 
36 1 Y 1 C LYS 37 ? CG  ? C LYS 37 CG  
37 1 Y 1 C LYS 37 ? CD  ? C LYS 37 CD  
38 1 Y 1 C LYS 37 ? CE  ? C LYS 37 CE  
39 1 Y 1 C LYS 37 ? NZ  ? C LYS 37 NZ  
40 1 Y 1 C ASP 40 ? CG  ? C ASP 40 CG  
41 1 Y 1 C ASP 40 ? OD1 ? C ASP 40 OD1 
42 1 Y 1 C ASP 40 ? OD2 ? C ASP 40 OD2 
43 1 Y 1 C PHE 48 ? CG  ? C PHE 48 CG  
44 1 Y 1 C PHE 48 ? CD1 ? C PHE 48 CD1 
45 1 Y 1 C PHE 48 ? CD2 ? C PHE 48 CD2 
46 1 Y 1 C PHE 48 ? CE1 ? C PHE 48 CE1 
47 1 Y 1 C PHE 48 ? CE2 ? C PHE 48 CE2 
48 1 Y 1 C PHE 48 ? CZ  ? C PHE 48 CZ  
49 1 Y 1 C LEU 53 ? CG  ? C LEU 53 CG  
50 1 Y 1 C LEU 53 ? CD1 ? C LEU 53 CD1 
51 1 Y 1 C LEU 53 ? CD2 ? C LEU 53 CD2 
52 1 Y 1 C ASP 54 ? CG  ? C ASP 54 CG  
53 1 Y 1 C ASP 54 ? OD1 ? C ASP 54 OD1 
54 1 Y 1 C ASP 54 ? OD2 ? C ASP 54 OD2 
55 1 Y 1 C GLU 55 ? CG  ? C GLU 55 CG  
56 1 Y 1 C GLU 55 ? CD  ? C GLU 55 CD  
57 1 Y 1 C GLU 55 ? OE1 ? C GLU 55 OE1 
58 1 Y 1 C GLU 55 ? OE2 ? C GLU 55 OE2 
59 1 Y 1 C LYS 56 ? CG  ? C LYS 56 CG  
60 1 Y 1 C LYS 56 ? CD  ? C LYS 56 CD  
61 1 Y 1 C LYS 56 ? CE  ? C LYS 56 CE  
62 1 Y 1 C LYS 56 ? NZ  ? C LYS 56 NZ  
# 
loop_
_software.name 
_software.classification 
_software.version 
_software.citation_id 
_software.pdbx_ordinal 
REFMAC   refinement        5.2.0005 ? 1 
HKL-2000 'data collection' .        ? 2 
HKL-2000 'data reduction'  .        ? 3 
HKL-2000 'data scaling'    .        ? 4 
SOLVE    phasing           .        ? 5 
# 
_cell.entry_id           2Z1C 
_cell.length_a           78.237 
_cell.length_b           59.130 
_cell.length_c           53.973 
_cell.angle_alpha        90.00 
_cell.angle_beta         109.01 
_cell.angle_gamma        90.00 
_cell.Z_PDB              12 
_cell.pdbx_unique_axis   ? 
_cell.length_a_esd       ? 
_cell.length_b_esd       ? 
_cell.length_c_esd       ? 
_cell.angle_alpha_esd    ? 
_cell.angle_beta_esd     ? 
_cell.angle_gamma_esd    ? 
# 
_symmetry.entry_id                         2Z1C 
_symmetry.space_group_name_H-M             'C 1 2 1' 
_symmetry.pdbx_full_space_group_name_H-M   ? 
_symmetry.cell_setting                     ? 
_symmetry.Int_Tables_number                5 
_symmetry.space_group_name_Hall            ? 
# 
_exptl.entry_id          2Z1C 
_exptl.method            'X-RAY DIFFRACTION' 
_exptl.crystals_number   1 
# 
_exptl_crystal.id                    1 
_exptl_crystal.density_meas          ? 
_exptl_crystal.density_Matthews      2.38 
_exptl_crystal.density_percent_sol   48.30 
_exptl_crystal.description           ? 
_exptl_crystal.F_000                 ? 
_exptl_crystal.preparation           ? 
# 
_exptl_crystal_grow.crystal_id      1 
_exptl_crystal_grow.method          'VAPOR DIFFUSION, SITTING DROP' 
_exptl_crystal_grow.temp            293 
_exptl_crystal_grow.temp_details    ? 
_exptl_crystal_grow.pH              4.5 
_exptl_crystal_grow.pdbx_details    
'0.1M citrate acid, pH 4.3-4.5, 100-600mM NaBr, 17-20% PEG4000, 20% Glycerol, VAPOR DIFFUSION, SITTING DROP, temperature 293K' 
_exptl_crystal_grow.pdbx_pH_range   . 
# 
_diffrn.id                     1 
_diffrn.ambient_temp           100 
_diffrn.ambient_temp_details   ? 
_diffrn.crystal_id             1 
# 
_diffrn_detector.diffrn_id              1 
_diffrn_detector.detector               CCD 
_diffrn_detector.type                   'ADSC QUANTUM 210' 
_diffrn_detector.pdbx_collection_date   2003-10-28 
_diffrn_detector.details                ? 
# 
_diffrn_radiation.diffrn_id                        1 
_diffrn_radiation.wavelength_id                    1 
_diffrn_radiation.pdbx_monochromatic_or_laue_m_l   M 
_diffrn_radiation.monochromator                    ? 
_diffrn_radiation.pdbx_diffrn_protocol             'SINGLE WAVELENGTH' 
_diffrn_radiation.pdbx_scattering_type             x-ray 
# 
_diffrn_radiation_wavelength.id           1 
_diffrn_radiation_wavelength.wavelength   1.0000 
_diffrn_radiation_wavelength.wt           1.0 
# 
_diffrn_source.diffrn_id                   1 
_diffrn_source.source                      SYNCHROTRON 
_diffrn_source.type                        'PHOTON FACTORY BEAMLINE AR-NW12A' 
_diffrn_source.pdbx_synchrotron_site       'Photon Factory' 
_diffrn_source.pdbx_synchrotron_beamline   AR-NW12A 
_diffrn_source.pdbx_wavelength             ? 
_diffrn_source.pdbx_wavelength_list        1.0000 
# 
_reflns.entry_id                     2Z1C 
_reflns.observed_criterion_sigma_F   0 
_reflns.observed_criterion_sigma_I   -3 
_reflns.d_resolution_high            1.8 
_reflns.d_resolution_low             50 
_reflns.number_all                   ? 
_reflns.number_obs                   21035 
_reflns.percent_possible_obs         97.3 
_reflns.pdbx_Rmerge_I_obs            ? 
_reflns.pdbx_Rsym_value              0.035 
_reflns.pdbx_netI_over_sigmaI        31.3 
_reflns.B_iso_Wilson_estimate        31.7 
_reflns.pdbx_redundancy              3.3 
_reflns.R_free_details               ? 
_reflns.limit_h_max                  ? 
_reflns.limit_h_min                  ? 
_reflns.limit_k_max                  ? 
_reflns.limit_k_min                  ? 
_reflns.limit_l_max                  ? 
_reflns.limit_l_min                  ? 
_reflns.observed_criterion_F_max     ? 
_reflns.observed_criterion_F_min     ? 
_reflns.pdbx_chi_squared             ? 
_reflns.pdbx_scaling_rejects         ? 
_reflns.pdbx_ordinal                 1 
_reflns.pdbx_diffrn_id               1 
# 
_reflns_shell.d_res_high             1.80 
_reflns_shell.d_res_low              1.86 
_reflns_shell.percent_possible_all   93.8 
_reflns_shell.Rmerge_I_obs           ? 
_reflns_shell.pdbx_Rsym_value        0.213 
_reflns_shell.meanI_over_sigI_obs    4.3 
_reflns_shell.pdbx_redundancy        ? 
_reflns_shell.percent_possible_obs   ? 
_reflns_shell.number_unique_all      ? 
_reflns_shell.number_measured_all    ? 
_reflns_shell.number_measured_obs    ? 
_reflns_shell.number_unique_obs      ? 
_reflns_shell.pdbx_chi_squared       ? 
_reflns_shell.pdbx_ordinal           1 
_reflns_shell.pdbx_diffrn_id         1 
# 
_refine.entry_id                                 2Z1C 
_refine.ls_number_reflns_obs                     21030 
_refine.ls_number_reflns_all                     ? 
_refine.pdbx_ls_sigma_I                          ? 
_refine.pdbx_ls_sigma_F                          0.0 
_refine.pdbx_data_cutoff_high_absF               ? 
_refine.pdbx_data_cutoff_low_absF                ? 
_refine.pdbx_data_cutoff_high_rms_absF           ? 
_refine.ls_d_res_low                             46.18 
_refine.ls_d_res_high                            1.80 
_refine.ls_percent_reflns_obs                    97.06 
_refine.ls_R_factor_obs                          0.223 
_refine.ls_R_factor_all                          ? 
_refine.ls_R_factor_R_work                       0.222 
_refine.ls_R_factor_R_free                       0.246 
_refine.ls_R_factor_R_free_error                 ? 
_refine.ls_R_factor_R_free_error_details         ? 
_refine.ls_percent_reflns_R_free                 5.0 
_refine.ls_number_reflns_R_free                  1045 
_refine.ls_number_parameters                     ? 
_refine.ls_number_restraints                     ? 
_refine.occupancy_min                            ? 
_refine.occupancy_max                            ? 
_refine.correlation_coeff_Fo_to_Fc               0.939 
_refine.correlation_coeff_Fo_to_Fc_free          0.929 
_refine.B_iso_mean                               48.431 
_refine.aniso_B[1][1]                            -0.98 
_refine.aniso_B[2][2]                            2.52 
_refine.aniso_B[3][3]                            -1.16 
_refine.aniso_B[1][2]                            0.00 
_refine.aniso_B[1][3]                            0.57 
_refine.aniso_B[2][3]                            0.00 
_refine.solvent_model_details                    'BABINET MODEL WITH MASK' 
_refine.solvent_model_param_ksol                 ? 
_refine.solvent_model_param_bsol                 ? 
_refine.pdbx_solvent_vdw_probe_radii             1.20 
_refine.pdbx_solvent_ion_probe_radii             0.80 
_refine.pdbx_solvent_shrinkage_radii             0.80 
_refine.pdbx_ls_cross_valid_method               THROUGHOUT 
_refine.details                                  ? 
_refine.pdbx_starting_model                      ? 
_refine.pdbx_method_to_determine_struct          MIRAS 
_refine.pdbx_isotropic_thermal_model             isotropic 
_refine.pdbx_stereochemistry_target_values       ? 
_refine.pdbx_stereochem_target_val_spec_case     ? 
_refine.pdbx_R_Free_selection_details            RANDOM 
_refine.pdbx_overall_ESU_R                       0.149 
_refine.pdbx_overall_ESU_R_Free                  0.134 
_refine.overall_SU_ML                            0.096 
_refine.overall_SU_B                             6.145 
_refine.ls_redundancy_reflns_obs                 ? 
_refine.B_iso_min                                ? 
_refine.B_iso_max                                ? 
_refine.overall_SU_R_Cruickshank_DPI             ? 
_refine.overall_SU_R_free                        ? 
_refine.ls_wR_factor_R_free                      ? 
_refine.ls_wR_factor_R_work                      ? 
_refine.overall_FOM_free_R_set                   ? 
_refine.overall_FOM_work_R_set                   ? 
_refine.pdbx_overall_phase_error                 ? 
_refine.pdbx_refine_id                           'X-RAY DIFFRACTION' 
_refine.pdbx_TLS_residual_ADP_flag               'LIKELY RESIDUAL' 
_refine.pdbx_diffrn_id                           1 
_refine.pdbx_overall_SU_R_free_Cruickshank_DPI   ? 
_refine.pdbx_overall_SU_R_Blow_DPI               ? 
_refine.pdbx_overall_SU_R_free_Blow_DPI          ? 
# 
_refine_hist.pdbx_refine_id                   'X-RAY DIFFRACTION' 
_refine_hist.cycle_id                         LAST 
_refine_hist.pdbx_number_atoms_protein        1601 
_refine_hist.pdbx_number_atoms_nucleic_acid   0 
_refine_hist.pdbx_number_atoms_ligand         19 
_refine_hist.number_atoms_solvent             106 
_refine_hist.number_atoms_total               1726 
_refine_hist.d_res_high                       1.80 
_refine_hist.d_res_low                        46.18 
# 
loop_
_refine_ls_restr.type 
_refine_ls_restr.dev_ideal 
_refine_ls_restr.dev_ideal_target 
_refine_ls_restr.weight 
_refine_ls_restr.number 
_refine_ls_restr.pdbx_refine_id 
_refine_ls_restr.pdbx_restraint_function 
r_bond_refined_d         0.007  0.022  ? 1647 'X-RAY DIFFRACTION' ? 
r_angle_refined_deg      1.331  1.975  ? 2229 'X-RAY DIFFRACTION' ? 
r_dihedral_angle_1_deg   5.110  5.000  ? 211  'X-RAY DIFFRACTION' ? 
r_dihedral_angle_2_deg   35.404 25.517 ? 58   'X-RAY DIFFRACTION' ? 
r_dihedral_angle_3_deg   16.608 15.000 ? 269  'X-RAY DIFFRACTION' ? 
r_dihedral_angle_4_deg   11.393 15.000 ? 5    'X-RAY DIFFRACTION' ? 
r_chiral_restr           0.085  0.200  ? 260  'X-RAY DIFFRACTION' ? 
r_gen_planes_refined     0.005  0.020  ? 1200 'X-RAY DIFFRACTION' ? 
r_nbd_refined            0.210  0.200  ? 725  'X-RAY DIFFRACTION' ? 
r_nbtor_refined          0.307  0.200  ? 1110 'X-RAY DIFFRACTION' ? 
r_xyhbond_nbd_refined    0.130  0.200  ? 104  'X-RAY DIFFRACTION' ? 
r_symmetry_vdw_refined   0.204  0.200  ? 54   'X-RAY DIFFRACTION' ? 
r_symmetry_hbond_refined 0.183  0.200  ? 14   'X-RAY DIFFRACTION' ? 
r_mcbond_it              0.749  1.500  ? 1087 'X-RAY DIFFRACTION' ? 
r_mcangle_it             1.220  2.000  ? 1706 'X-RAY DIFFRACTION' ? 
r_scbond_it              2.268  3.000  ? 629  'X-RAY DIFFRACTION' ? 
r_scangle_it             3.700  4.500  ? 523  'X-RAY DIFFRACTION' ? 
# 
_refine_ls_shell.pdbx_total_number_of_bins_used   20 
_refine_ls_shell.d_res_high                       1.800 
_refine_ls_shell.d_res_low                        1.847 
_refine_ls_shell.number_reflns_R_work             1380 
_refine_ls_shell.R_factor_R_work                  0.234 
_refine_ls_shell.percent_reflns_obs               93.15 
_refine_ls_shell.R_factor_R_free                  0.269 
_refine_ls_shell.R_factor_R_free_error            ? 
_refine_ls_shell.percent_reflns_R_free            ? 
_refine_ls_shell.number_reflns_R_free             74 
_refine_ls_shell.number_reflns_all                ? 
_refine_ls_shell.R_factor_all                     ? 
_refine_ls_shell.number_reflns_obs                ? 
_refine_ls_shell.redundancy_reflns_obs            ? 
_refine_ls_shell.pdbx_refine_id                   'X-RAY DIFFRACTION' 
# 
_struct.entry_id                  2Z1C 
_struct.title                     'Crystal structure of HypC from Thermococcus kodakaraensis KOD1' 
_struct.pdbx_model_details        ? 
_struct.pdbx_CASP_flag            N 
_struct.pdbx_model_type_details   ? 
# 
_struct_keywords.entry_id        2Z1C 
_struct_keywords.pdbx_keywords   'CHAPERONE, METAL BINDING PROTEIN' 
_struct_keywords.text            '[NiFe] hydrogenase maturation, OB-fold, CHAPERONE, METAL BINDING PROTEIN' 
# 
loop_
_struct_asym.id 
_struct_asym.pdbx_blank_PDB_chainid_flag 
_struct_asym.pdbx_modified 
_struct_asym.entity_id 
_struct_asym.details 
A N N 1 ? 
B N N 1 ? 
C N N 1 ? 
D N N 2 ? 
E N N 3 ? 
F N N 4 ? 
G N N 4 ? 
H N N 4 ? 
# 
_struct_ref.id                         1 
_struct_ref.db_name                    UNP 
_struct_ref.db_code                    Q5JII0_PYRKO 
_struct_ref.pdbx_db_accession          Q5JII0 
_struct_ref.entity_id                  1 
_struct_ref.pdbx_seq_one_letter_code   MCLAVPGKVIEVNGPVAVVDFGGVKREVRLDLMPDTKPGDWVIVHTGFAIEKLDEKKAMEILEAWAEVEKAMEGF 
_struct_ref.pdbx_align_begin           1 
_struct_ref.pdbx_db_isoform            ? 
# 
loop_
_struct_ref_seq.align_id 
_struct_ref_seq.ref_id 
_struct_ref_seq.pdbx_PDB_id_code 
_struct_ref_seq.pdbx_strand_id 
_struct_ref_seq.seq_align_beg 
_struct_ref_seq.pdbx_seq_align_beg_ins_code 
_struct_ref_seq.seq_align_end 
_struct_ref_seq.pdbx_seq_align_end_ins_code 
_struct_ref_seq.pdbx_db_accession 
_struct_ref_seq.db_align_beg 
_struct_ref_seq.pdbx_db_align_beg_ins_code 
_struct_ref_seq.db_align_end 
_struct_ref_seq.pdbx_db_align_end_ins_code 
_struct_ref_seq.pdbx_auth_seq_align_beg 
_struct_ref_seq.pdbx_auth_seq_align_end 
1 1 2Z1C A 1 ? 75 ? Q5JII0 1 ? 75 ? 1 75 
2 1 2Z1C B 1 ? 75 ? Q5JII0 1 ? 75 ? 1 75 
3 1 2Z1C C 1 ? 75 ? Q5JII0 1 ? 75 ? 1 75 
# 
loop_
_pdbx_struct_assembly.id 
_pdbx_struct_assembly.details 
_pdbx_struct_assembly.method_details 
_pdbx_struct_assembly.oligomeric_details 
_pdbx_struct_assembly.oligomeric_count 
1 author_defined_assembly ? monomeric 1 
2 author_defined_assembly ? monomeric 1 
3 author_defined_assembly ? monomeric 1 
# 
loop_
_pdbx_struct_assembly_gen.assembly_id 
_pdbx_struct_assembly_gen.oper_expression 
_pdbx_struct_assembly_gen.asym_id_list 
1 1 A,D,F 
2 1 B,E,G 
3 1 C,H   
# 
_pdbx_struct_oper_list.id                   1 
_pdbx_struct_oper_list.type                 'identity operation' 
_pdbx_struct_oper_list.name                 1_555 
_pdbx_struct_oper_list.symmetry_operation   x,y,z 
_pdbx_struct_oper_list.matrix[1][1]         1.0000000000 
_pdbx_struct_oper_list.matrix[1][2]         0.0000000000 
_pdbx_struct_oper_list.matrix[1][3]         0.0000000000 
_pdbx_struct_oper_list.vector[1]            0.0000000000 
_pdbx_struct_oper_list.matrix[2][1]         0.0000000000 
_pdbx_struct_oper_list.matrix[2][2]         1.0000000000 
_pdbx_struct_oper_list.matrix[2][3]         0.0000000000 
_pdbx_struct_oper_list.vector[2]            0.0000000000 
_pdbx_struct_oper_list.matrix[3][1]         0.0000000000 
_pdbx_struct_oper_list.matrix[3][2]         0.0000000000 
_pdbx_struct_oper_list.matrix[3][3]         1.0000000000 
_pdbx_struct_oper_list.vector[3]            0.0000000000 
# 
_struct_biol.id        1 
_struct_biol.details   ? 
# 
loop_
_struct_conf.conf_type_id 
_struct_conf.id 
_struct_conf.pdbx_PDB_helix_id 
_struct_conf.beg_label_comp_id 
_struct_conf.beg_label_asym_id 
_struct_conf.beg_label_seq_id 
_struct_conf.pdbx_beg_PDB_ins_code 
_struct_conf.end_label_comp_id 
_struct_conf.end_label_asym_id 
_struct_conf.end_label_seq_id 
_struct_conf.pdbx_end_PDB_ins_code 
_struct_conf.beg_auth_comp_id 
_struct_conf.beg_auth_asym_id 
_struct_conf.beg_auth_seq_id 
_struct_conf.end_auth_comp_id 
_struct_conf.end_auth_asym_id 
_struct_conf.end_auth_seq_id 
_struct_conf.pdbx_PDB_helix_class 
_struct_conf.details 
_struct_conf.pdbx_PDB_helix_length 
HELX_P HELX_P1 1 ASP A 54 ? MET A 72 ? ASP A 54 MET A 72 1 ? 19 
HELX_P HELX_P2 2 ASP B 54 ? GLY B 74 ? ASP B 54 GLY B 74 1 ? 21 
HELX_P HELX_P3 3 ASP C 54 ? GLU C 73 ? ASP C 54 GLU C 73 1 ? 20 
# 
_struct_conf_type.id          HELX_P 
_struct_conf_type.criteria    ? 
_struct_conf_type.reference   ? 
# 
loop_
_struct_sheet.id 
_struct_sheet.type 
_struct_sheet.number_strands 
_struct_sheet.details 
A ? 12 ? 
B ? 4  ? 
C ? 2  ? 
# 
loop_
_struct_sheet_order.sheet_id 
_struct_sheet_order.range_id_1 
_struct_sheet_order.range_id_2 
_struct_sheet_order.offset 
_struct_sheet_order.sense 
A 1  2  ? anti-parallel 
A 2  3  ? anti-parallel 
A 3  4  ? parallel      
A 4  5  ? anti-parallel 
A 5  6  ? anti-parallel 
A 6  7  ? anti-parallel 
A 7  8  ? parallel      
A 8  9  ? anti-parallel 
A 9  10 ? anti-parallel 
A 10 11 ? anti-parallel 
A 11 12 ? anti-parallel 
B 1  2  ? anti-parallel 
B 2  3  ? anti-parallel 
B 3  4  ? anti-parallel 
C 1  2  ? anti-parallel 
# 
loop_
_struct_sheet_range.sheet_id 
_struct_sheet_range.id 
_struct_sheet_range.beg_label_comp_id 
_struct_sheet_range.beg_label_asym_id 
_struct_sheet_range.beg_label_seq_id 
_struct_sheet_range.pdbx_beg_PDB_ins_code 
_struct_sheet_range.end_label_comp_id 
_struct_sheet_range.end_label_asym_id 
_struct_sheet_range.end_label_seq_id 
_struct_sheet_range.pdbx_end_PDB_ins_code 
_struct_sheet_range.beg_auth_comp_id 
_struct_sheet_range.beg_auth_asym_id 
_struct_sheet_range.beg_auth_seq_id 
_struct_sheet_range.end_auth_comp_id 
_struct_sheet_range.end_auth_asym_id 
_struct_sheet_range.end_auth_seq_id 
A 1  GLY A 7  ? ASN A 13 ? GLY A 7  ASN A 13 
A 2  VAL A 16 ? PHE A 21 ? VAL A 16 PHE A 21 
A 3  VAL A 24 ? ARG A 29 ? VAL A 24 ARG A 29 
A 4  PHE A 48 ? LEU A 53 ? PHE A 48 LEU A 53 
A 5  TRP A 41 ? HIS A 45 ? TRP A 41 HIS A 45 
A 6  GLY A 7  ? ASN A 13 ? GLY A 7  ASN A 13 
A 7  VAL B 24 ? ARG B 29 ? VAL B 24 ARG B 29 
A 8  PHE B 48 ? LEU B 53 ? PHE B 48 LEU B 53 
A 9  TRP B 41 ? HIS B 45 ? TRP B 41 HIS B 45 
A 10 GLY B 7  ? ASN B 13 ? GLY B 7  ASN B 13 
A 11 VAL B 16 ? PHE B 21 ? VAL B 16 PHE B 21 
A 12 VAL B 24 ? ARG B 29 ? VAL B 24 ARG B 29 
B 1  VAL C 24 ? ARG C 29 ? VAL C 24 ARG C 29 
B 2  VAL C 16 ? PHE C 21 ? VAL C 16 PHE C 21 
B 3  GLY C 7  ? ASN C 13 ? GLY C 7  ASN C 13 
B 4  TRP C 41 ? VAL C 42 ? TRP C 41 VAL C 42 
C 1  VAL C 44 ? HIS C 45 ? VAL C 44 HIS C 45 
C 2  PHE C 48 ? ALA C 49 ? PHE C 48 ALA C 49 
# 
loop_
_pdbx_struct_sheet_hbond.sheet_id 
_pdbx_struct_sheet_hbond.range_id_1 
_pdbx_struct_sheet_hbond.range_id_2 
_pdbx_struct_sheet_hbond.range_1_label_atom_id 
_pdbx_struct_sheet_hbond.range_1_label_comp_id 
_pdbx_struct_sheet_hbond.range_1_label_asym_id 
_pdbx_struct_sheet_hbond.range_1_label_seq_id 
_pdbx_struct_sheet_hbond.range_1_PDB_ins_code 
_pdbx_struct_sheet_hbond.range_1_auth_atom_id 
_pdbx_struct_sheet_hbond.range_1_auth_comp_id 
_pdbx_struct_sheet_hbond.range_1_auth_asym_id 
_pdbx_struct_sheet_hbond.range_1_auth_seq_id 
_pdbx_struct_sheet_hbond.range_2_label_atom_id 
_pdbx_struct_sheet_hbond.range_2_label_comp_id 
_pdbx_struct_sheet_hbond.range_2_label_asym_id 
_pdbx_struct_sheet_hbond.range_2_label_seq_id 
_pdbx_struct_sheet_hbond.range_2_PDB_ins_code 
_pdbx_struct_sheet_hbond.range_2_auth_atom_id 
_pdbx_struct_sheet_hbond.range_2_auth_comp_id 
_pdbx_struct_sheet_hbond.range_2_auth_asym_id 
_pdbx_struct_sheet_hbond.range_2_auth_seq_id 
A 1  2  N ASN A 13 ? N ASN A 13 O VAL A 16 ? O VAL A 16 
A 2  3  N ALA A 17 ? N ALA A 17 O VAL A 28 ? O VAL A 28 
A 3  4  N ARG A 29 ? N ARG A 29 O ALA A 49 ? O ALA A 49 
A 4  5  O LEU A 53 ? O LEU A 53 N TRP A 41 ? N TRP A 41 
A 5  6  O VAL A 42 ? O VAL A 42 N GLY A 7  ? N GLY A 7  
A 6  7  N VAL A 12 ? N VAL A 12 O LYS B 25 ? O LYS B 25 
A 7  8  N ARG B 29 ? N ARG B 29 O ALA B 49 ? O ALA B 49 
A 8  9  O ILE B 50 ? O ILE B 50 N ILE B 43 ? N ILE B 43 
A 9  10 O VAL B 42 ? O VAL B 42 N GLY B 7  ? N GLY B 7  
A 10 11 N LYS B 8  ? N LYS B 8  O ASP B 20 ? O ASP B 20 
A 11 12 N PHE B 21 ? N PHE B 21 O VAL B 24 ? O VAL B 24 
B 1  2  O VAL C 28 ? O VAL C 28 N ALA C 17 ? N ALA C 17 
B 2  3  O VAL C 16 ? O VAL C 16 N ASN C 13 ? N ASN C 13 
B 3  4  N GLY C 7  ? N GLY C 7  O VAL C 42 ? O VAL C 42 
C 1  2  N HIS C 45 ? N HIS C 45 O PHE C 48 ? O PHE C 48 
# 
loop_
_struct_site.id 
_struct_site.pdbx_evidence_code 
_struct_site.pdbx_auth_asym_id 
_struct_site.pdbx_auth_comp_id 
_struct_site.pdbx_auth_seq_id 
_struct_site.pdbx_auth_ins_code 
_struct_site.pdbx_num_residues 
_struct_site.details 
AC1 Software B PG4 502 ? 9 'BINDING SITE FOR RESIDUE PG4 B 502' 
AC2 Software A GOL 901 ? 9 'BINDING SITE FOR RESIDUE GOL A 901' 
# 
loop_
_struct_site_gen.id 
_struct_site_gen.site_id 
_struct_site_gen.pdbx_num_res 
_struct_site_gen.label_comp_id 
_struct_site_gen.label_asym_id 
_struct_site_gen.label_seq_id 
_struct_site_gen.pdbx_auth_ins_code 
_struct_site_gen.auth_comp_id 
_struct_site_gen.auth_asym_id 
_struct_site_gen.auth_seq_id 
_struct_site_gen.label_atom_id 
_struct_site_gen.label_alt_id 
_struct_site_gen.symmetry 
_struct_site_gen.details 
1  AC1 9 GLY B 22 ? GLY B 22  . ? 1_555 ? 
2  AC1 9 GLU B 69 ? GLU B 69  . ? 1_555 ? 
3  AC1 9 MET B 72 ? MET B 72  . ? 1_555 ? 
4  AC1 9 GLU B 73 ? GLU B 73  . ? 1_555 ? 
5  AC1 9 HOH G .  ? HOH B 293 . ? 1_555 ? 
6  AC1 9 TRP C 65 ? TRP C 65  . ? 1_555 ? 
7  AC1 9 GLU C 69 ? GLU C 69  . ? 1_555 ? 
8  AC1 9 MET C 72 ? MET C 72  . ? 1_555 ? 
9  AC1 9 GLU C 73 ? GLU C 73  . ? 1_555 ? 
10 AC2 9 GLU A 11 ? GLU A 11  . ? 1_555 ? 
11 AC2 9 ASN A 13 ? ASN A 13  . ? 1_555 ? 
12 AC2 9 VAL A 16 ? VAL A 16  . ? 1_555 ? 
13 AC2 9 ALA A 17 ? ALA A 17  . ? 1_555 ? 
14 AC2 9 VAL A 18 ? VAL A 18  . ? 1_555 ? 
15 AC2 9 GLU A 27 ? GLU A 27  . ? 1_555 ? 
16 AC2 9 HOH F .  ? HOH A 213 . ? 1_555 ? 
17 AC2 9 HOH F .  ? HOH A 263 . ? 1_555 ? 
18 AC2 9 GLU C 63 ? GLU C 63  . ? 1_555 ? 
# 
loop_
_pdbx_validate_rmsd_bond.id 
_pdbx_validate_rmsd_bond.PDB_model_num 
_pdbx_validate_rmsd_bond.auth_atom_id_1 
_pdbx_validate_rmsd_bond.auth_asym_id_1 
_pdbx_validate_rmsd_bond.auth_comp_id_1 
_pdbx_validate_rmsd_bond.auth_seq_id_1 
_pdbx_validate_rmsd_bond.PDB_ins_code_1 
_pdbx_validate_rmsd_bond.label_alt_id_1 
_pdbx_validate_rmsd_bond.auth_atom_id_2 
_pdbx_validate_rmsd_bond.auth_asym_id_2 
_pdbx_validate_rmsd_bond.auth_comp_id_2 
_pdbx_validate_rmsd_bond.auth_seq_id_2 
_pdbx_validate_rmsd_bond.PDB_ins_code_2 
_pdbx_validate_rmsd_bond.label_alt_id_2 
_pdbx_validate_rmsd_bond.bond_value 
_pdbx_validate_rmsd_bond.bond_target_value 
_pdbx_validate_rmsd_bond.bond_deviation 
_pdbx_validate_rmsd_bond.bond_standard_deviation 
_pdbx_validate_rmsd_bond.linker_flag 
1 1 CD C GLU 60 ? ? OE1 C GLU 60 ? ? 1.323 1.252 0.071 0.011 N 
2 1 CD C GLU 60 ? ? OE2 C GLU 60 ? ? 1.321 1.252 0.069 0.011 N 
# 
loop_
_pdbx_validate_torsion.id 
_pdbx_validate_torsion.PDB_model_num 
_pdbx_validate_torsion.auth_comp_id 
_pdbx_validate_torsion.auth_asym_id 
_pdbx_validate_torsion.auth_seq_id 
_pdbx_validate_torsion.PDB_ins_code 
_pdbx_validate_torsion.label_alt_id 
_pdbx_validate_torsion.phi 
_pdbx_validate_torsion.psi 
1 1 ASN C 13 ? ? -118.78 60.85 
2 1 THR C 46 ? ? 47.79   26.34 
# 
_pdbx_struct_special_symmetry.id              1 
_pdbx_struct_special_symmetry.PDB_model_num   1 
_pdbx_struct_special_symmetry.auth_asym_id    A 
_pdbx_struct_special_symmetry.auth_comp_id    HOH 
_pdbx_struct_special_symmetry.auth_seq_id     235 
_pdbx_struct_special_symmetry.PDB_ins_code    ? 
_pdbx_struct_special_symmetry.label_asym_id   F 
_pdbx_struct_special_symmetry.label_comp_id   HOH 
_pdbx_struct_special_symmetry.label_seq_id    . 
# 
loop_
_pdbx_refine_tls.id 
_pdbx_refine_tls.details 
_pdbx_refine_tls.method 
_pdbx_refine_tls.origin_x 
_pdbx_refine_tls.origin_y 
_pdbx_refine_tls.origin_z 
_pdbx_refine_tls.T[1][1] 
_pdbx_refine_tls.T[2][2] 
_pdbx_refine_tls.T[3][3] 
_pdbx_refine_tls.T[1][2] 
_pdbx_refine_tls.T[1][3] 
_pdbx_refine_tls.T[2][3] 
_pdbx_refine_tls.L[1][1] 
_pdbx_refine_tls.L[2][2] 
_pdbx_refine_tls.L[3][3] 
_pdbx_refine_tls.L[1][2] 
_pdbx_refine_tls.L[1][3] 
_pdbx_refine_tls.L[2][3] 
_pdbx_refine_tls.S[1][1] 
_pdbx_refine_tls.S[1][2] 
_pdbx_refine_tls.S[1][3] 
_pdbx_refine_tls.S[2][1] 
_pdbx_refine_tls.S[2][2] 
_pdbx_refine_tls.S[2][3] 
_pdbx_refine_tls.S[3][1] 
_pdbx_refine_tls.S[3][2] 
_pdbx_refine_tls.S[3][3] 
_pdbx_refine_tls.pdbx_refine_id 
1 ? refined 13.7344  -4.9611  9.5802   -0.2507 -0.2388 -0.1518 0.0147  -0.0022 0.0690  7.2115  3.9864  2.7944  1.4418  2.4472 -0.6608 0.1365  0.0626  -0.3640 0.3019  -0.1655 -0.3944 0.1167  0.1687  0.0290  'X-RAY DIFFRACTION' 
2 ? refined -3.5062  12.4416  1.3214   -0.1672 -0.2439 -0.1956 0.0707  0.0160  0.0225  5.8872  6.1727  8.3971  -1.7159 4.9530 -3.0690 -0.1974 -0.4276 -0.0285 0.6030  0.3510  0.2442  -0.5494 -0.2984 -0.1537 'X-RAY DIFFRACTION' 
3 ? refined -15.6052 -10.2666 -11.1781 0.6986  -0.2478 0.8062  -0.1697 -0.6193 0.2124  26.2525 8.6523  12.4485 5.9694  3.3092 3.3278  1.0212  -0.4359 -2.7884 0.7135  0.0062  -0.1756 2.1776  -1.1083 -1.0274 'X-RAY DIFFRACTION' 
4 ? refined 0.9509   -1.2607  -9.6061  0.2924  -0.1248 0.0175  0.2313  -0.2330 -0.1227 7.4906  24.2441 14.8086 -0.5132 5.7110 7.2933  1.3110  0.6829  -1.3161 -0.8282 -0.4964 0.2506  2.3189  0.5772  -0.8145 'X-RAY DIFFRACTION' 
# 
loop_
_pdbx_refine_tls_group.id 
_pdbx_refine_tls_group.refine_tls_id 
_pdbx_refine_tls_group.beg_auth_asym_id 
_pdbx_refine_tls_group.beg_auth_seq_id 
_pdbx_refine_tls_group.beg_label_asym_id 
_pdbx_refine_tls_group.beg_label_seq_id 
_pdbx_refine_tls_group.end_auth_asym_id 
_pdbx_refine_tls_group.end_auth_seq_id 
_pdbx_refine_tls_group.end_label_asym_id 
_pdbx_refine_tls_group.end_label_seq_id 
_pdbx_refine_tls_group.selection 
_pdbx_refine_tls_group.pdbx_refine_id 
_pdbx_refine_tls_group.selection_details 
1 1 A 3  A 3  A 72 A 72 ? 'X-RAY DIFFRACTION' ? 
2 2 B 2  B 2  B 75 B 75 ? 'X-RAY DIFFRACTION' ? 
3 3 C 3  C 3  C 51 C 51 ? 'X-RAY DIFFRACTION' ? 
4 4 C 53 C 53 C 75 C 75 ? 'X-RAY DIFFRACTION' ? 
# 
loop_
_pdbx_unobs_or_zero_occ_residues.id 
_pdbx_unobs_or_zero_occ_residues.PDB_model_num 
_pdbx_unobs_or_zero_occ_residues.polymer_flag 
_pdbx_unobs_or_zero_occ_residues.occupancy_flag 
_pdbx_unobs_or_zero_occ_residues.auth_asym_id 
_pdbx_unobs_or_zero_occ_residues.auth_comp_id 
_pdbx_unobs_or_zero_occ_residues.auth_seq_id 
_pdbx_unobs_or_zero_occ_residues.PDB_ins_code 
_pdbx_unobs_or_zero_occ_residues.label_asym_id 
_pdbx_unobs_or_zero_occ_residues.label_comp_id 
_pdbx_unobs_or_zero_occ_residues.label_seq_id 
1 1 Y 1 A MET 1  ? A MET 1  
2 1 Y 1 A GLU 73 ? A GLU 73 
3 1 Y 1 A GLY 74 ? A GLY 74 
4 1 Y 1 A PHE 75 ? A PHE 75 
5 1 Y 1 B MET 1  ? B MET 1  
6 1 Y 1 C MET 1  ? C MET 1  
7 1 Y 1 C CYS 2  ? C CYS 2  
8 1 Y 1 C PRO 38 ? C PRO 38 
9 1 Y 1 C LYS 52 ? C LYS 52 
# 
loop_
_chem_comp_atom.comp_id 
_chem_comp_atom.atom_id 
_chem_comp_atom.type_symbol 
_chem_comp_atom.pdbx_aromatic_flag 
_chem_comp_atom.pdbx_stereo_config 
_chem_comp_atom.pdbx_ordinal 
ALA N    N N N 1   
ALA CA   C N S 2   
ALA C    C N N 3   
ALA O    O N N 4   
ALA CB   C N N 5   
ALA OXT  O N N 6   
ALA H    H N N 7   
ALA H2   H N N 8   
ALA HA   H N N 9   
ALA HB1  H N N 10  
ALA HB2  H N N 11  
ALA HB3  H N N 12  
ALA HXT  H N N 13  
ARG N    N N N 14  
ARG CA   C N S 15  
ARG C    C N N 16  
ARG O    O N N 17  
ARG CB   C N N 18  
ARG CG   C N N 19  
ARG CD   C N N 20  
ARG NE   N N N 21  
ARG CZ   C N N 22  
ARG NH1  N N N 23  
ARG NH2  N N N 24  
ARG OXT  O N N 25  
ARG H    H N N 26  
ARG H2   H N N 27  
ARG HA   H N N 28  
ARG HB2  H N N 29  
ARG HB3  H N N 30  
ARG HG2  H N N 31  
ARG HG3  H N N 32  
ARG HD2  H N N 33  
ARG HD3  H N N 34  
ARG HE   H N N 35  
ARG HH11 H N N 36  
ARG HH12 H N N 37  
ARG HH21 H N N 38  
ARG HH22 H N N 39  
ARG HXT  H N N 40  
ASN N    N N N 41  
ASN CA   C N S 42  
ASN C    C N N 43  
ASN O    O N N 44  
ASN CB   C N N 45  
ASN CG   C N N 46  
ASN OD1  O N N 47  
ASN ND2  N N N 48  
ASN OXT  O N N 49  
ASN H    H N N 50  
ASN H2   H N N 51  
ASN HA   H N N 52  
ASN HB2  H N N 53  
ASN HB3  H N N 54  
ASN HD21 H N N 55  
ASN HD22 H N N 56  
ASN HXT  H N N 57  
ASP N    N N N 58  
ASP CA   C N S 59  
ASP C    C N N 60  
ASP O    O N N 61  
ASP CB   C N N 62  
ASP CG   C N N 63  
ASP OD1  O N N 64  
ASP OD2  O N N 65  
ASP OXT  O N N 66  
ASP H    H N N 67  
ASP H2   H N N 68  
ASP HA   H N N 69  
ASP HB2  H N N 70  
ASP HB3  H N N 71  
ASP HD2  H N N 72  
ASP HXT  H N N 73  
CYS N    N N N 74  
CYS CA   C N R 75  
CYS C    C N N 76  
CYS O    O N N 77  
CYS CB   C N N 78  
CYS SG   S N N 79  
CYS OXT  O N N 80  
CYS H    H N N 81  
CYS H2   H N N 82  
CYS HA   H N N 83  
CYS HB2  H N N 84  
CYS HB3  H N N 85  
CYS HG   H N N 86  
CYS HXT  H N N 87  
GLU N    N N N 88  
GLU CA   C N S 89  
GLU C    C N N 90  
GLU O    O N N 91  
GLU CB   C N N 92  
GLU CG   C N N 93  
GLU CD   C N N 94  
GLU OE1  O N N 95  
GLU OE2  O N N 96  
GLU OXT  O N N 97  
GLU H    H N N 98  
GLU H2   H N N 99  
GLU HA   H N N 100 
GLU HB2  H N N 101 
GLU HB3  H N N 102 
GLU HG2  H N N 103 
GLU HG3  H N N 104 
GLU HE2  H N N 105 
GLU HXT  H N N 106 
GLY N    N N N 107 
GLY CA   C N N 108 
GLY C    C N N 109 
GLY O    O N N 110 
GLY OXT  O N N 111 
GLY H    H N N 112 
GLY H2   H N N 113 
GLY HA2  H N N 114 
GLY HA3  H N N 115 
GLY HXT  H N N 116 
GOL C1   C N N 117 
GOL O1   O N N 118 
GOL C2   C N N 119 
GOL O2   O N N 120 
GOL C3   C N N 121 
GOL O3   O N N 122 
GOL H11  H N N 123 
GOL H12  H N N 124 
GOL HO1  H N N 125 
GOL H2   H N N 126 
GOL HO2  H N N 127 
GOL H31  H N N 128 
GOL H32  H N N 129 
GOL HO3  H N N 130 
HIS N    N N N 131 
HIS CA   C N S 132 
HIS C    C N N 133 
HIS O    O N N 134 
HIS CB   C N N 135 
HIS CG   C Y N 136 
HIS ND1  N Y N 137 
HIS CD2  C Y N 138 
HIS CE1  C Y N 139 
HIS NE2  N Y N 140 
HIS OXT  O N N 141 
HIS H    H N N 142 
HIS H2   H N N 143 
HIS HA   H N N 144 
HIS HB2  H N N 145 
HIS HB3  H N N 146 
HIS HD1  H N N 147 
HIS HD2  H N N 148 
HIS HE1  H N N 149 
HIS HE2  H N N 150 
HIS HXT  H N N 151 
HOH O    O N N 152 
HOH H1   H N N 153 
HOH H2   H N N 154 
ILE N    N N N 155 
ILE CA   C N S 156 
ILE C    C N N 157 
ILE O    O N N 158 
ILE CB   C N S 159 
ILE CG1  C N N 160 
ILE CG2  C N N 161 
ILE CD1  C N N 162 
ILE OXT  O N N 163 
ILE H    H N N 164 
ILE H2   H N N 165 
ILE HA   H N N 166 
ILE HB   H N N 167 
ILE HG12 H N N 168 
ILE HG13 H N N 169 
ILE HG21 H N N 170 
ILE HG22 H N N 171 
ILE HG23 H N N 172 
ILE HD11 H N N 173 
ILE HD12 H N N 174 
ILE HD13 H N N 175 
ILE HXT  H N N 176 
LEU N    N N N 177 
LEU CA   C N S 178 
LEU C    C N N 179 
LEU O    O N N 180 
LEU CB   C N N 181 
LEU CG   C N N 182 
LEU CD1  C N N 183 
LEU CD2  C N N 184 
LEU OXT  O N N 185 
LEU H    H N N 186 
LEU H2   H N N 187 
LEU HA   H N N 188 
LEU HB2  H N N 189 
LEU HB3  H N N 190 
LEU HG   H N N 191 
LEU HD11 H N N 192 
LEU HD12 H N N 193 
LEU HD13 H N N 194 
LEU HD21 H N N 195 
LEU HD22 H N N 196 
LEU HD23 H N N 197 
LEU HXT  H N N 198 
LYS N    N N N 199 
LYS CA   C N S 200 
LYS C    C N N 201 
LYS O    O N N 202 
LYS CB   C N N 203 
LYS CG   C N N 204 
LYS CD   C N N 205 
LYS CE   C N N 206 
LYS NZ   N N N 207 
LYS OXT  O N N 208 
LYS H    H N N 209 
LYS H2   H N N 210 
LYS HA   H N N 211 
LYS HB2  H N N 212 
LYS HB3  H N N 213 
LYS HG2  H N N 214 
LYS HG3  H N N 215 
LYS HD2  H N N 216 
LYS HD3  H N N 217 
LYS HE2  H N N 218 
LYS HE3  H N N 219 
LYS HZ1  H N N 220 
LYS HZ2  H N N 221 
LYS HZ3  H N N 222 
LYS HXT  H N N 223 
MET N    N N N 224 
MET CA   C N S 225 
MET C    C N N 226 
MET O    O N N 227 
MET CB   C N N 228 
MET CG   C N N 229 
MET SD   S N N 230 
MET CE   C N N 231 
MET OXT  O N N 232 
MET H    H N N 233 
MET H2   H N N 234 
MET HA   H N N 235 
MET HB2  H N N 236 
MET HB3  H N N 237 
MET HG2  H N N 238 
MET HG3  H N N 239 
MET HE1  H N N 240 
MET HE2  H N N 241 
MET HE3  H N N 242 
MET HXT  H N N 243 
PG4 O1   O N N 244 
PG4 C1   C N N 245 
PG4 C2   C N N 246 
PG4 O2   O N N 247 
PG4 C3   C N N 248 
PG4 C4   C N N 249 
PG4 O3   O N N 250 
PG4 C5   C N N 251 
PG4 C6   C N N 252 
PG4 O4   O N N 253 
PG4 C7   C N N 254 
PG4 C8   C N N 255 
PG4 O5   O N N 256 
PG4 HO1  H N N 257 
PG4 H11  H N N 258 
PG4 H12  H N N 259 
PG4 H21  H N N 260 
PG4 H22  H N N 261 
PG4 H31  H N N 262 
PG4 H32  H N N 263 
PG4 H41  H N N 264 
PG4 H42  H N N 265 
PG4 H51  H N N 266 
PG4 H52  H N N 267 
PG4 H61  H N N 268 
PG4 H62  H N N 269 
PG4 H71  H N N 270 
PG4 H72  H N N 271 
PG4 H81  H N N 272 
PG4 H82  H N N 273 
PG4 HO5  H N N 274 
PHE N    N N N 275 
PHE CA   C N S 276 
PHE C    C N N 277 
PHE O    O N N 278 
PHE CB   C N N 279 
PHE CG   C Y N 280 
PHE CD1  C Y N 281 
PHE CD2  C Y N 282 
PHE CE1  C Y N 283 
PHE CE2  C Y N 284 
PHE CZ   C Y N 285 
PHE OXT  O N N 286 
PHE H    H N N 287 
PHE H2   H N N 288 
PHE HA   H N N 289 
PHE HB2  H N N 290 
PHE HB3  H N N 291 
PHE HD1  H N N 292 
PHE HD2  H N N 293 
PHE HE1  H N N 294 
PHE HE2  H N N 295 
PHE HZ   H N N 296 
PHE HXT  H N N 297 
PRO N    N N N 298 
PRO CA   C N S 299 
PRO C    C N N 300 
PRO O    O N N 301 
PRO CB   C N N 302 
PRO CG   C N N 303 
PRO CD   C N N 304 
PRO OXT  O N N 305 
PRO H    H N N 306 
PRO HA   H N N 307 
PRO HB2  H N N 308 
PRO HB3  H N N 309 
PRO HG2  H N N 310 
PRO HG3  H N N 311 
PRO HD2  H N N 312 
PRO HD3  H N N 313 
PRO HXT  H N N 314 
THR N    N N N 315 
THR CA   C N S 316 
THR C    C N N 317 
THR O    O N N 318 
THR CB   C N R 319 
THR OG1  O N N 320 
THR CG2  C N N 321 
THR OXT  O N N 322 
THR H    H N N 323 
THR H2   H N N 324 
THR HA   H N N 325 
THR HB   H N N 326 
THR HG1  H N N 327 
THR HG21 H N N 328 
THR HG22 H N N 329 
THR HG23 H N N 330 
THR HXT  H N N 331 
TRP N    N N N 332 
TRP CA   C N S 333 
TRP C    C N N 334 
TRP O    O N N 335 
TRP CB   C N N 336 
TRP CG   C Y N 337 
TRP CD1  C Y N 338 
TRP CD2  C Y N 339 
TRP NE1  N Y N 340 
TRP CE2  C Y N 341 
TRP CE3  C Y N 342 
TRP CZ2  C Y N 343 
TRP CZ3  C Y N 344 
TRP CH2  C Y N 345 
TRP OXT  O N N 346 
TRP H    H N N 347 
TRP H2   H N N 348 
TRP HA   H N N 349 
TRP HB2  H N N 350 
TRP HB3  H N N 351 
TRP HD1  H N N 352 
TRP HE1  H N N 353 
TRP HE3  H N N 354 
TRP HZ2  H N N 355 
TRP HZ3  H N N 356 
TRP HH2  H N N 357 
TRP HXT  H N N 358 
VAL N    N N N 359 
VAL CA   C N S 360 
VAL C    C N N 361 
VAL O    O N N 362 
VAL CB   C N N 363 
VAL CG1  C N N 364 
VAL CG2  C N N 365 
VAL OXT  O N N 366 
VAL H    H N N 367 
VAL H2   H N N 368 
VAL HA   H N N 369 
VAL HB   H N N 370 
VAL HG11 H N N 371 
VAL HG12 H N N 372 
VAL HG13 H N N 373 
VAL HG21 H N N 374 
VAL HG22 H N N 375 
VAL HG23 H N N 376 
VAL HXT  H N N 377 
# 
loop_
_chem_comp_bond.comp_id 
_chem_comp_bond.atom_id_1 
_chem_comp_bond.atom_id_2 
_chem_comp_bond.value_order 
_chem_comp_bond.pdbx_aromatic_flag 
_chem_comp_bond.pdbx_stereo_config 
_chem_comp_bond.pdbx_ordinal 
ALA N   CA   sing N N 1   
ALA N   H    sing N N 2   
ALA N   H2   sing N N 3   
ALA CA  C    sing N N 4   
ALA CA  CB   sing N N 5   
ALA CA  HA   sing N N 6   
ALA C   O    doub N N 7   
ALA C   OXT  sing N N 8   
ALA CB  HB1  sing N N 9   
ALA CB  HB2  sing N N 10  
ALA CB  HB3  sing N N 11  
ALA OXT HXT  sing N N 12  
ARG N   CA   sing N N 13  
ARG N   H    sing N N 14  
ARG N   H2   sing N N 15  
ARG CA  C    sing N N 16  
ARG CA  CB   sing N N 17  
ARG CA  HA   sing N N 18  
ARG C   O    doub N N 19  
ARG C   OXT  sing N N 20  
ARG CB  CG   sing N N 21  
ARG CB  HB2  sing N N 22  
ARG CB  HB3  sing N N 23  
ARG CG  CD   sing N N 24  
ARG CG  HG2  sing N N 25  
ARG CG  HG3  sing N N 26  
ARG CD  NE   sing N N 27  
ARG CD  HD2  sing N N 28  
ARG CD  HD3  sing N N 29  
ARG NE  CZ   sing N N 30  
ARG NE  HE   sing N N 31  
ARG CZ  NH1  sing N N 32  
ARG CZ  NH2  doub N N 33  
ARG NH1 HH11 sing N N 34  
ARG NH1 HH12 sing N N 35  
ARG NH2 HH21 sing N N 36  
ARG NH2 HH22 sing N N 37  
ARG OXT HXT  sing N N 38  
ASN N   CA   sing N N 39  
ASN N   H    sing N N 40  
ASN N   H2   sing N N 41  
ASN CA  C    sing N N 42  
ASN CA  CB   sing N N 43  
ASN CA  HA   sing N N 44  
ASN C   O    doub N N 45  
ASN C   OXT  sing N N 46  
ASN CB  CG   sing N N 47  
ASN CB  HB2  sing N N 48  
ASN CB  HB3  sing N N 49  
ASN CG  OD1  doub N N 50  
ASN CG  ND2  sing N N 51  
ASN ND2 HD21 sing N N 52  
ASN ND2 HD22 sing N N 53  
ASN OXT HXT  sing N N 54  
ASP N   CA   sing N N 55  
ASP N   H    sing N N 56  
ASP N   H2   sing N N 57  
ASP CA  C    sing N N 58  
ASP CA  CB   sing N N 59  
ASP CA  HA   sing N N 60  
ASP C   O    doub N N 61  
ASP C   OXT  sing N N 62  
ASP CB  CG   sing N N 63  
ASP CB  HB2  sing N N 64  
ASP CB  HB3  sing N N 65  
ASP CG  OD1  doub N N 66  
ASP CG  OD2  sing N N 67  
ASP OD2 HD2  sing N N 68  
ASP OXT HXT  sing N N 69  
CYS N   CA   sing N N 70  
CYS N   H    sing N N 71  
CYS N   H2   sing N N 72  
CYS CA  C    sing N N 73  
CYS CA  CB   sing N N 74  
CYS CA  HA   sing N N 75  
CYS C   O    doub N N 76  
CYS C   OXT  sing N N 77  
CYS CB  SG   sing N N 78  
CYS CB  HB2  sing N N 79  
CYS CB  HB3  sing N N 80  
CYS SG  HG   sing N N 81  
CYS OXT HXT  sing N N 82  
GLU N   CA   sing N N 83  
GLU N   H    sing N N 84  
GLU N   H2   sing N N 85  
GLU CA  C    sing N N 86  
GLU CA  CB   sing N N 87  
GLU CA  HA   sing N N 88  
GLU C   O    doub N N 89  
GLU C   OXT  sing N N 90  
GLU CB  CG   sing N N 91  
GLU CB  HB2  sing N N 92  
GLU CB  HB3  sing N N 93  
GLU CG  CD   sing N N 94  
GLU CG  HG2  sing N N 95  
GLU CG  HG3  sing N N 96  
GLU CD  OE1  doub N N 97  
GLU CD  OE2  sing N N 98  
GLU OE2 HE2  sing N N 99  
GLU OXT HXT  sing N N 100 
GLY N   CA   sing N N 101 
GLY N   H    sing N N 102 
GLY N   H2   sing N N 103 
GLY CA  C    sing N N 104 
GLY CA  HA2  sing N N 105 
GLY CA  HA3  sing N N 106 
GLY C   O    doub N N 107 
GLY C   OXT  sing N N 108 
GLY OXT HXT  sing N N 109 
GOL C1  O1   sing N N 110 
GOL C1  C2   sing N N 111 
GOL C1  H11  sing N N 112 
GOL C1  H12  sing N N 113 
GOL O1  HO1  sing N N 114 
GOL C2  O2   sing N N 115 
GOL C2  C3   sing N N 116 
GOL C2  H2   sing N N 117 
GOL O2  HO2  sing N N 118 
GOL C3  O3   sing N N 119 
GOL C3  H31  sing N N 120 
GOL C3  H32  sing N N 121 
GOL O3  HO3  sing N N 122 
HIS N   CA   sing N N 123 
HIS N   H    sing N N 124 
HIS N   H2   sing N N 125 
HIS CA  C    sing N N 126 
HIS CA  CB   sing N N 127 
HIS CA  HA   sing N N 128 
HIS C   O    doub N N 129 
HIS C   OXT  sing N N 130 
HIS CB  CG   sing N N 131 
HIS CB  HB2  sing N N 132 
HIS CB  HB3  sing N N 133 
HIS CG  ND1  sing Y N 134 
HIS CG  CD2  doub Y N 135 
HIS ND1 CE1  doub Y N 136 
HIS ND1 HD1  sing N N 137 
HIS CD2 NE2  sing Y N 138 
HIS CD2 HD2  sing N N 139 
HIS CE1 NE2  sing Y N 140 
HIS CE1 HE1  sing N N 141 
HIS NE2 HE2  sing N N 142 
HIS OXT HXT  sing N N 143 
HOH O   H1   sing N N 144 
HOH O   H2   sing N N 145 
ILE N   CA   sing N N 146 
ILE N   H    sing N N 147 
ILE N   H2   sing N N 148 
ILE CA  C    sing N N 149 
ILE CA  CB   sing N N 150 
ILE CA  HA   sing N N 151 
ILE C   O    doub N N 152 
ILE C   OXT  sing N N 153 
ILE CB  CG1  sing N N 154 
ILE CB  CG2  sing N N 155 
ILE CB  HB   sing N N 156 
ILE CG1 CD1  sing N N 157 
ILE CG1 HG12 sing N N 158 
ILE CG1 HG13 sing N N 159 
ILE CG2 HG21 sing N N 160 
ILE CG2 HG22 sing N N 161 
ILE CG2 HG23 sing N N 162 
ILE CD1 HD11 sing N N 163 
ILE CD1 HD12 sing N N 164 
ILE CD1 HD13 sing N N 165 
ILE OXT HXT  sing N N 166 
LEU N   CA   sing N N 167 
LEU N   H    sing N N 168 
LEU N   H2   sing N N 169 
LEU CA  C    sing N N 170 
LEU CA  CB   sing N N 171 
LEU CA  HA   sing N N 172 
LEU C   O    doub N N 173 
LEU C   OXT  sing N N 174 
LEU CB  CG   sing N N 175 
LEU CB  HB2  sing N N 176 
LEU CB  HB3  sing N N 177 
LEU CG  CD1  sing N N 178 
LEU CG  CD2  sing N N 179 
LEU CG  HG   sing N N 180 
LEU CD1 HD11 sing N N 181 
LEU CD1 HD12 sing N N 182 
LEU CD1 HD13 sing N N 183 
LEU CD2 HD21 sing N N 184 
LEU CD2 HD22 sing N N 185 
LEU CD2 HD23 sing N N 186 
LEU OXT HXT  sing N N 187 
LYS N   CA   sing N N 188 
LYS N   H    sing N N 189 
LYS N   H2   sing N N 190 
LYS CA  C    sing N N 191 
LYS CA  CB   sing N N 192 
LYS CA  HA   sing N N 193 
LYS C   O    doub N N 194 
LYS C   OXT  sing N N 195 
LYS CB  CG   sing N N 196 
LYS CB  HB2  sing N N 197 
LYS CB  HB3  sing N N 198 
LYS CG  CD   sing N N 199 
LYS CG  HG2  sing N N 200 
LYS CG  HG3  sing N N 201 
LYS CD  CE   sing N N 202 
LYS CD  HD2  sing N N 203 
LYS CD  HD3  sing N N 204 
LYS CE  NZ   sing N N 205 
LYS CE  HE2  sing N N 206 
LYS CE  HE3  sing N N 207 
LYS NZ  HZ1  sing N N 208 
LYS NZ  HZ2  sing N N 209 
LYS NZ  HZ3  sing N N 210 
LYS OXT HXT  sing N N 211 
MET N   CA   sing N N 212 
MET N   H    sing N N 213 
MET N   H2   sing N N 214 
MET CA  C    sing N N 215 
MET CA  CB   sing N N 216 
MET CA  HA   sing N N 217 
MET C   O    doub N N 218 
MET C   OXT  sing N N 219 
MET CB  CG   sing N N 220 
MET CB  HB2  sing N N 221 
MET CB  HB3  sing N N 222 
MET CG  SD   sing N N 223 
MET CG  HG2  sing N N 224 
MET CG  HG3  sing N N 225 
MET SD  CE   sing N N 226 
MET CE  HE1  sing N N 227 
MET CE  HE2  sing N N 228 
MET CE  HE3  sing N N 229 
MET OXT HXT  sing N N 230 
PG4 O1  C1   sing N N 231 
PG4 O1  HO1  sing N N 232 
PG4 C1  C2   sing N N 233 
PG4 C1  H11  sing N N 234 
PG4 C1  H12  sing N N 235 
PG4 C2  O2   sing N N 236 
PG4 C2  H21  sing N N 237 
PG4 C2  H22  sing N N 238 
PG4 O2  C3   sing N N 239 
PG4 C3  C4   sing N N 240 
PG4 C3  H31  sing N N 241 
PG4 C3  H32  sing N N 242 
PG4 C4  O3   sing N N 243 
PG4 C4  H41  sing N N 244 
PG4 C4  H42  sing N N 245 
PG4 O3  C5   sing N N 246 
PG4 C5  C6   sing N N 247 
PG4 C5  H51  sing N N 248 
PG4 C5  H52  sing N N 249 
PG4 C6  O4   sing N N 250 
PG4 C6  H61  sing N N 251 
PG4 C6  H62  sing N N 252 
PG4 O4  C7   sing N N 253 
PG4 C7  C8   sing N N 254 
PG4 C7  H71  sing N N 255 
PG4 C7  H72  sing N N 256 
PG4 C8  O5   sing N N 257 
PG4 C8  H81  sing N N 258 
PG4 C8  H82  sing N N 259 
PG4 O5  HO5  sing N N 260 
PHE N   CA   sing N N 261 
PHE N   H    sing N N 262 
PHE N   H2   sing N N 263 
PHE CA  C    sing N N 264 
PHE CA  CB   sing N N 265 
PHE CA  HA   sing N N 266 
PHE C   O    doub N N 267 
PHE C   OXT  sing N N 268 
PHE CB  CG   sing N N 269 
PHE CB  HB2  sing N N 270 
PHE CB  HB3  sing N N 271 
PHE CG  CD1  doub Y N 272 
PHE CG  CD2  sing Y N 273 
PHE CD1 CE1  sing Y N 274 
PHE CD1 HD1  sing N N 275 
PHE CD2 CE2  doub Y N 276 
PHE CD2 HD2  sing N N 277 
PHE CE1 CZ   doub Y N 278 
PHE CE1 HE1  sing N N 279 
PHE CE2 CZ   sing Y N 280 
PHE CE2 HE2  sing N N 281 
PHE CZ  HZ   sing N N 282 
PHE OXT HXT  sing N N 283 
PRO N   CA   sing N N 284 
PRO N   CD   sing N N 285 
PRO N   H    sing N N 286 
PRO CA  C    sing N N 287 
PRO CA  CB   sing N N 288 
PRO CA  HA   sing N N 289 
PRO C   O    doub N N 290 
PRO C   OXT  sing N N 291 
PRO CB  CG   sing N N 292 
PRO CB  HB2  sing N N 293 
PRO CB  HB3  sing N N 294 
PRO CG  CD   sing N N 295 
PRO CG  HG2  sing N N 296 
PRO CG  HG3  sing N N 297 
PRO CD  HD2  sing N N 298 
PRO CD  HD3  sing N N 299 
PRO OXT HXT  sing N N 300 
THR N   CA   sing N N 301 
THR N   H    sing N N 302 
THR N   H2   sing N N 303 
THR CA  C    sing N N 304 
THR CA  CB   sing N N 305 
THR CA  HA   sing N N 306 
THR C   O    doub N N 307 
THR C   OXT  sing N N 308 
THR CB  OG1  sing N N 309 
THR CB  CG2  sing N N 310 
THR CB  HB   sing N N 311 
THR OG1 HG1  sing N N 312 
THR CG2 HG21 sing N N 313 
THR CG2 HG22 sing N N 314 
THR CG2 HG23 sing N N 315 
THR OXT HXT  sing N N 316 
TRP N   CA   sing N N 317 
TRP N   H    sing N N 318 
TRP N   H2   sing N N 319 
TRP CA  C    sing N N 320 
TRP CA  CB   sing N N 321 
TRP CA  HA   sing N N 322 
TRP C   O    doub N N 323 
TRP C   OXT  sing N N 324 
TRP CB  CG   sing N N 325 
TRP CB  HB2  sing N N 326 
TRP CB  HB3  sing N N 327 
TRP CG  CD1  doub Y N 328 
TRP CG  CD2  sing Y N 329 
TRP CD1 NE1  sing Y N 330 
TRP CD1 HD1  sing N N 331 
TRP CD2 CE2  doub Y N 332 
TRP CD2 CE3  sing Y N 333 
TRP NE1 CE2  sing Y N 334 
TRP NE1 HE1  sing N N 335 
TRP CE2 CZ2  sing Y N 336 
TRP CE3 CZ3  doub Y N 337 
TRP CE3 HE3  sing N N 338 
TRP CZ2 CH2  doub Y N 339 
TRP CZ2 HZ2  sing N N 340 
TRP CZ3 CH2  sing Y N 341 
TRP CZ3 HZ3  sing N N 342 
TRP CH2 HH2  sing N N 343 
TRP OXT HXT  sing N N 344 
VAL N   CA   sing N N 345 
VAL N   H    sing N N 346 
VAL N   H2   sing N N 347 
VAL CA  C    sing N N 348 
VAL CA  CB   sing N N 349 
VAL CA  HA   sing N N 350 
VAL C   O    doub N N 351 
VAL C   OXT  sing N N 352 
VAL CB  CG1  sing N N 353 
VAL CB  CG2  sing N N 354 
VAL CB  HB   sing N N 355 
VAL CG1 HG11 sing N N 356 
VAL CG1 HG12 sing N N 357 
VAL CG1 HG13 sing N N 358 
VAL CG2 HG21 sing N N 359 
VAL CG2 HG22 sing N N 360 
VAL CG2 HG23 sing N N 361 
VAL OXT HXT  sing N N 362 
# 
_atom_sites.entry_id                    2Z1C 
_atom_sites.fract_transf_matrix[1][1]   0.00206678 
_atom_sites.fract_transf_matrix[1][2]   -0.00289834 
_atom_sites.fract_transf_matrix[1][3]   0.01304268 
_atom_sites.fract_transf_matrix[2][1]   -0.01210671 
_atom_sites.fract_transf_matrix[2][2]   0.01097526 
_atom_sites.fract_transf_matrix[2][3]   0.00435739 
_atom_sites.fract_transf_matrix[3][1]   -0.01164674 
_atom_sites.fract_transf_matrix[3][2]   -0.01489385 
_atom_sites.fract_transf_matrix[3][3]   0.00515450 
_atom_sites.fract_transf_vector[1]      0.308083 
_atom_sites.fract_transf_vector[2]      0.320536 
_atom_sites.fract_transf_vector[3]      0.739314 
# 
loop_
_atom_type.symbol 
C 
N 
O 
S 
# 
loop_
_atom_site.group_PDB 
_atom_site.id 
_atom_site.type_symbol 
_atom_site.label_atom_id 
_atom_site.label_alt_id 
_atom_site.label_comp_id 
_atom_site.label_asym_id 
_atom_site.label_entity_id 
_atom_site.label_seq_id 
_atom_site.pdbx_PDB_ins_code 
_atom_site.Cartn_x 
_atom_site.Cartn_y 
_atom_site.Cartn_z 
_atom_site.occupancy 
_atom_site.B_iso_or_equiv 
_atom_site.pdbx_formal_charge 
_atom_site.auth_seq_id 
_atom_site.auth_comp_id 
_atom_site.auth_asym_id 
_atom_site.auth_atom_id 
_atom_site.pdbx_PDB_model_num 
ATOM   1    N N   . CYS A 1 2  ? 24.025  -8.308  6.630   1.00 72.75 ? 2   CYS A N   1 
ATOM   2    C CA  . CYS A 1 2  ? 24.967  -9.467  6.632   1.00 72.42 ? 2   CYS A CA  1 
ATOM   3    C C   . CYS A 1 2  ? 24.248  -10.792 6.857   1.00 71.81 ? 2   CYS A C   1 
ATOM   4    O O   . CYS A 1 2  ? 24.370  -11.698 6.029   1.00 72.33 ? 2   CYS A O   1 
ATOM   5    C CB  . CYS A 1 2  ? 26.083  -9.233  7.651   1.00 72.68 ? 2   CYS A CB  1 
ATOM   6    S SG  . CYS A 1 2  ? 26.863  -7.643  7.327   1.00 74.20 ? 2   CYS A SG  1 
ATOM   7    N N   . LEU A 1 3  ? 23.491  -10.898 7.947   1.00 70.56 ? 3   LEU A N   1 
ATOM   8    C CA  . LEU A 1 3  ? 22.603  -12.038 8.190   1.00 69.02 ? 3   LEU A CA  1 
ATOM   9    C C   . LEU A 1 3  ? 21.415  -11.605 9.051   1.00 67.52 ? 3   LEU A C   1 
ATOM   10   O O   . LEU A 1 3  ? 21.574  -11.329 10.239  1.00 67.95 ? 3   LEU A O   1 
ATOM   11   C CB  . LEU A 1 3  ? 23.339  -13.205 8.867   1.00 69.19 ? 3   LEU A CB  1 
ATOM   12   C CG  . LEU A 1 3  ? 24.620  -13.839 8.298   1.00 69.66 ? 3   LEU A CG  1 
ATOM   13   C CD1 . LEU A 1 3  ? 25.348  -14.698 9.334   1.00 70.49 ? 3   LEU A CD1 1 
ATOM   14   C CD2 . LEU A 1 3  ? 24.331  -14.658 7.036   1.00 70.45 ? 3   LEU A CD2 1 
ATOM   15   N N   . ALA A 1 4  ? 20.228  -11.558 8.454   1.00 65.38 ? 4   ALA A N   1 
ATOM   16   C CA  . ALA A 1 4  ? 19.003  -11.102 9.121   1.00 63.20 ? 4   ALA A CA  1 
ATOM   17   C C   . ALA A 1 4  ? 19.065  -9.646  9.592   1.00 61.28 ? 4   ALA A C   1 
ATOM   18   O O   . ALA A 1 4  ? 18.504  -9.290  10.631  1.00 60.71 ? 4   ALA A O   1 
ATOM   19   C CB  . ALA A 1 4  ? 18.599  -12.050 10.266  1.00 63.84 ? 4   ALA A CB  1 
ATOM   20   N N   . VAL A 1 5  ? 19.736  -8.813  8.799   1.00 58.46 ? 5   VAL A N   1 
ATOM   21   C CA  . VAL A 1 5  ? 19.899  -7.385  9.064   1.00 55.83 ? 5   VAL A CA  1 
ATOM   22   C C   . VAL A 1 5  ? 18.533  -6.688  9.049   1.00 53.58 ? 5   VAL A C   1 
ATOM   23   O O   . VAL A 1 5  ? 17.690  -7.032  8.229   1.00 53.34 ? 5   VAL A O   1 
ATOM   24   C CB  . VAL A 1 5  ? 20.835  -6.781  7.998   1.00 55.80 ? 5   VAL A CB  1 
ATOM   25   C CG1 . VAL A 1 5  ? 20.665  -5.281  7.855   1.00 57.06 ? 5   VAL A CG1 1 
ATOM   26   C CG2 . VAL A 1 5  ? 22.291  -7.140  8.313   1.00 56.47 ? 5   VAL A CG2 1 
ATOM   27   N N   . PRO A 1 6  ? 18.302  -5.722  9.954   1.00 51.76 ? 6   PRO A N   1 
ATOM   28   C CA  . PRO A 1 6  ? 17.006  -5.024  9.951   1.00 50.58 ? 6   PRO A CA  1 
ATOM   29   C C   . PRO A 1 6  ? 16.720  -4.201  8.698   1.00 48.86 ? 6   PRO A C   1 
ATOM   30   O O   . PRO A 1 6  ? 17.627  -3.643  8.085   1.00 48.18 ? 6   PRO A O   1 
ATOM   31   C CB  . PRO A 1 6  ? 17.084  -4.074  11.154  1.00 52.04 ? 6   PRO A CB  1 
ATOM   32   C CG  . PRO A 1 6  ? 18.451  -4.208  11.741  1.00 52.31 ? 6   PRO A CG  1 
ATOM   33   C CD  . PRO A 1 6  ? 19.195  -5.294  11.044  1.00 52.21 ? 6   PRO A CD  1 
ATOM   34   N N   . GLY A 1 7  ? 15.444  -4.120  8.333   1.00 47.01 ? 7   GLY A N   1 
ATOM   35   C CA  . GLY A 1 7  ? 15.016  -3.237  7.252   1.00 45.75 ? 7   GLY A CA  1 
ATOM   36   C C   . GLY A 1 7  ? 14.002  -2.221  7.721   1.00 45.20 ? 7   GLY A C   1 
ATOM   37   O O   . GLY A 1 7  ? 13.337  -2.416  8.742   1.00 43.86 ? 7   GLY A O   1 
ATOM   38   N N   . LYS A 1 8  ? 13.869  -1.138  6.963   1.00 43.27 ? 8   LYS A N   1 
ATOM   39   C CA  . LYS A 1 8  ? 12.966  -0.065  7.352   1.00 43.65 ? 8   LYS A CA  1 
ATOM   40   C C   . LYS A 1 8  ? 11.624  -0.229  6.663   1.00 43.34 ? 8   LYS A C   1 
ATOM   41   O O   . LYS A 1 8  ? 11.550  -0.309  5.443   1.00 42.51 ? 8   LYS A O   1 
ATOM   42   C CB  . LYS A 1 8  ? 13.563  1.294   6.972   1.00 43.71 ? 8   LYS A CB  1 
ATOM   43   C CG  . LYS A 1 8  ? 12.698  2.464   7.432   1.00 47.14 ? 8   LYS A CG  1 
ATOM   44   C CD  . LYS A 1 8  ? 13.268  3.802   6.973   1.00 49.70 ? 8   LYS A CD  1 
ATOM   45   C CE  . LYS A 1 8  ? 12.399  4.933   7.471   1.00 53.94 ? 8   LYS A CE  1 
ATOM   46   N NZ  . LYS A 1 8  ? 12.897  6.248   6.967   1.00 52.09 ? 8   LYS A NZ  1 
ATOM   47   N N   . VAL A 1 9  ? 10.543  -0.196  7.439   1.00 43.11 ? 9   VAL A N   1 
ATOM   48   C CA  . VAL A 1 9  ? 9.223   -0.311  6.846   1.00 42.54 ? 9   VAL A CA  1 
ATOM   49   C C   . VAL A 1 9  ? 8.868   1.007   6.186   1.00 43.43 ? 9   VAL A C   1 
ATOM   50   O O   . VAL A 1 9  ? 8.863   2.079   6.819   1.00 42.78 ? 9   VAL A O   1 
ATOM   51   C CB  . VAL A 1 9  ? 8.157   -0.647  7.920   1.00 42.32 ? 9   VAL A CB  1 
ATOM   52   C CG1 . VAL A 1 9  ? 6.767   -0.726  7.267   1.00 42.27 ? 9   VAL A CG1 1 
ATOM   53   C CG2 . VAL A 1 9  ? 8.540   -1.942  8.628   1.00 42.00 ? 9   VAL A CG2 1 
ATOM   54   N N   . ILE A 1 10 ? 8.559   0.940   4.889   1.00 43.11 ? 10  ILE A N   1 
ATOM   55   C CA  . ILE A 1 10 ? 8.282   2.179   4.169   1.00 43.40 ? 10  ILE A CA  1 
ATOM   56   C C   . ILE A 1 10 ? 6.814   2.283   3.738   1.00 43.40 ? 10  ILE A C   1 
ATOM   57   O O   . ILE A 1 10 ? 6.306   3.384   3.575   1.00 42.15 ? 10  ILE A O   1 
ATOM   58   C CB  . ILE A 1 10 ? 9.278   2.417   3.004   1.00 45.28 ? 10  ILE A CB  1 
ATOM   59   C CG1 . ILE A 1 10 ? 9.106   1.372   1.905   1.00 47.91 ? 10  ILE A CG1 1 
ATOM   60   C CG2 . ILE A 1 10 ? 10.731  2.517   3.530   1.00 44.29 ? 10  ILE A CG2 1 
ATOM   61   C CD1 . ILE A 1 10 ? 9.522   1.911   0.538   1.00 50.30 ? 10  ILE A CD1 1 
ATOM   62   N N   . GLU A 1 11 ? 6.156   1.137   3.572   1.00 42.70 ? 11  GLU A N   1 
ATOM   63   C CA  . GLU A 1 11 ? 4.733   1.091   3.248   1.00 44.97 ? 11  GLU A CA  1 
ATOM   64   C C   . GLU A 1 11 ? 4.048   -0.077  3.953   1.00 43.63 ? 11  GLU A C   1 
ATOM   65   O O   . GLU A 1 11 ? 4.681   -1.095  4.209   1.00 44.30 ? 11  GLU A O   1 
ATOM   66   C CB  . GLU A 1 11 ? 4.552   1.007   1.723   1.00 44.88 ? 11  GLU A CB  1 
ATOM   67   C CG  . GLU A 1 11 ? 3.107   0.828   1.315   1.00 50.20 ? 11  GLU A CG  1 
ATOM   68   C CD  . GLU A 1 11 ? 2.933   0.248   -0.073  1.00 53.83 ? 11  GLU A CD  1 
ATOM   69   O OE1 . GLU A 1 11 ? 3.612   0.739   -1.003  1.00 55.15 ? 11  GLU A OE1 1 
ATOM   70   O OE2 . GLU A 1 11 ? 2.094   -0.676  -0.190  1.00 56.64 ? 11  GLU A OE2 1 
ATOM   71   N N   . VAL A 1 12 ? 2.793   0.103   4.353   1.00 43.16 ? 12  VAL A N   1 
ATOM   72   C CA  . VAL A 1 12 ? 1.973   -0.954  4.949   1.00 43.43 ? 12  VAL A CA  1 
ATOM   73   C C   . VAL A 1 12 ? 0.593   -0.993  4.272   1.00 44.51 ? 12  VAL A C   1 
ATOM   74   O O   . VAL A 1 12 ? -0.116  0.012   4.206   1.00 43.87 ? 12  VAL A O   1 
ATOM   75   C CB  . VAL A 1 12 ? 1.816   -0.772  6.488   1.00 43.85 ? 12  VAL A CB  1 
ATOM   76   C CG1 . VAL A 1 12 ? 0.863   -1.805  7.083   1.00 44.97 ? 12  VAL A CG1 1 
ATOM   77   C CG2 . VAL A 1 12 ? 3.192   -0.873  7.185   1.00 43.97 ? 12  VAL A CG2 1 
ATOM   78   N N   . ASN A 1 13 ? 0.233   -2.158  3.745   1.00 44.04 ? 13  ASN A N   1 
ATOM   79   C CA  . ASN A 1 13 ? -1.072  -2.334  3.116   1.00 45.26 ? 13  ASN A CA  1 
ATOM   80   C C   . ASN A 1 13 ? -1.633  -3.633  3.667   1.00 45.32 ? 13  ASN A C   1 
ATOM   81   O O   . ASN A 1 13 ? -1.266  -4.728  3.226   1.00 45.26 ? 13  ASN A O   1 
ATOM   82   C CB  . ASN A 1 13 ? -0.930  -2.355  1.592   1.00 45.59 ? 13  ASN A CB  1 
ATOM   83   C CG  . ASN A 1 13 ? -2.260  -2.521  0.883   1.00 48.04 ? 13  ASN A CG  1 
ATOM   84   O OD1 . ASN A 1 13 ? -3.316  -2.594  1.514   1.00 49.77 ? 13  ASN A OD1 1 
ATOM   85   N ND2 . ASN A 1 13 ? -2.214  -2.583  -0.443  1.00 51.25 ? 13  ASN A ND2 1 
ATOM   86   N N   . GLY A 1 14 ? -2.452  -3.503  4.702   1.00 45.01 ? 14  GLY A N   1 
ATOM   87   C CA  . GLY A 1 14 ? -3.054  -4.676  5.325   1.00 47.27 ? 14  GLY A CA  1 
ATOM   88   C C   . GLY A 1 14 ? -1.930  -5.436  6.005   1.00 46.83 ? 14  GLY A C   1 
ATOM   89   O O   . GLY A 1 14 ? -1.142  -4.824  6.733   1.00 47.35 ? 14  GLY A O   1 
ATOM   90   N N   . PRO A 1 15 ? -1.820  -6.753  5.725   1.00 47.59 ? 15  PRO A N   1 
ATOM   91   C CA  . PRO A 1 15 ? -0.778  -7.644  6.251   1.00 46.71 ? 15  PRO A CA  1 
ATOM   92   C C   . PRO A 1 15 ? 0.510   -7.672  5.431   1.00 46.08 ? 15  PRO A C   1 
ATOM   93   O O   . PRO A 1 15 ? 1.393   -8.481  5.732   1.00 46.43 ? 15  PRO A O   1 
ATOM   94   C CB  . PRO A 1 15 ? -1.451  -9.024  6.198   1.00 47.43 ? 15  PRO A CB  1 
ATOM   95   C CG  . PRO A 1 15 ? -2.306  -8.944  5.001   1.00 48.74 ? 15  PRO A CG  1 
ATOM   96   C CD  . PRO A 1 15 ? -2.753  -7.491  4.851   1.00 47.96 ? 15  PRO A CD  1 
ATOM   97   N N   . VAL A 1 16 ? 0.655   -6.772  4.461   1.00 44.95 ? 16  VAL A N   1 
ATOM   98   C CA  . VAL A 1 16 ? 1.864   -6.728  3.644   1.00 45.18 ? 16  VAL A CA  1 
ATOM   99   C C   . VAL A 1 16 ? 2.577   -5.392  3.762   1.00 45.25 ? 16  VAL A C   1 
ATOM   100  O O   . VAL A 1 16 ? 1.972   -4.329  3.554   1.00 45.21 ? 16  VAL A O   1 
ATOM   101  C CB  . VAL A 1 16 ? 1.572   -7.010  2.147   1.00 45.39 ? 16  VAL A CB  1 
ATOM   102  C CG1 . VAL A 1 16 ? 2.850   -6.896  1.309   1.00 48.20 ? 16  VAL A CG1 1 
ATOM   103  C CG2 . VAL A 1 16 ? 0.935   -8.389  1.984   1.00 46.82 ? 16  VAL A CG2 1 
ATOM   104  N N   . ALA A 1 17 ? 3.882   -5.453  4.022   1.00 43.86 ? 17  ALA A N   1 
ATOM   105  C CA  . ALA A 1 17 ? 4.668   -4.235  4.052   1.00 43.22 ? 17  ALA A CA  1 
ATOM   106  C C   . ALA A 1 17 ? 5.678   -4.231  2.920   1.00 42.67 ? 17  ALA A C   1 
ATOM   107  O O   . ALA A 1 17 ? 6.118   -5.298  2.487   1.00 44.10 ? 17  ALA A O   1 
ATOM   108  C CB  . ALA A 1 17 ? 5.430   -4.112  5.370   1.00 43.54 ? 17  ALA A CB  1 
ATOM   109  N N   . VAL A 1 18 ? 6.099   -3.037  2.518   1.00 41.76 ? 18  VAL A N   1 
ATOM   110  C CA  . VAL A 1 18 ? 7.321   -2.878  1.726   1.00 40.83 ? 18  VAL A CA  1 
ATOM   111  C C   . VAL A 1 18 ? 8.403   -2.398  2.705   1.00 42.71 ? 18  VAL A C   1 
ATOM   112  O O   . VAL A 1 18 ? 8.221   -1.418  3.430   1.00 42.88 ? 18  VAL A O   1 
ATOM   113  C CB  . VAL A 1 18 ? 7.183   -1.897  0.542   1.00 40.91 ? 18  VAL A CB  1 
ATOM   114  C CG1 . VAL A 1 18 ? 8.483   -1.780  -0.251  1.00 42.63 ? 18  VAL A CG1 1 
ATOM   115  C CG2 . VAL A 1 18 ? 6.077   -2.370  -0.434  1.00 40.66 ? 18  VAL A CG2 1 
ATOM   116  N N   . VAL A 1 19 ? 9.533   -3.088  2.690   1.00 41.33 ? 19  VAL A N   1 
ATOM   117  C CA  . VAL A 1 19 ? 10.590  -2.870  3.677   1.00 41.31 ? 19  VAL A CA  1 
ATOM   118  C C   . VAL A 1 19 ? 11.877  -2.655  2.885   1.00 42.17 ? 19  VAL A C   1 
ATOM   119  O O   . VAL A 1 19 ? 12.164  -3.406  1.957   1.00 43.35 ? 19  VAL A O   1 
ATOM   120  C CB  . VAL A 1 19 ? 10.737  -4.109  4.586   1.00 41.25 ? 19  VAL A CB  1 
ATOM   121  C CG1 . VAL A 1 19 ? 11.872  -3.886  5.614   1.00 41.51 ? 19  VAL A CG1 1 
ATOM   122  C CG2 . VAL A 1 19 ? 9.391   -4.406  5.309   1.00 43.38 ? 19  VAL A CG2 1 
ATOM   123  N N   . ASP A 1 20 ? 12.649  -1.641  3.267   1.00 40.92 ? 20  ASP A N   1 
ATOM   124  C CA  . ASP A 1 20 ? 13.847  -1.233  2.520   1.00 41.96 ? 20  ASP A CA  1 
ATOM   125  C C   . ASP A 1 20 ? 15.060  -1.765  3.263   1.00 42.37 ? 20  ASP A C   1 
ATOM   126  O O   . ASP A 1 20 ? 15.272  -1.441  4.435   1.00 43.34 ? 20  ASP A O   1 
ATOM   127  C CB  . ASP A 1 20 ? 13.854  0.307   2.448   1.00 41.87 ? 20  ASP A CB  1 
ATOM   128  C CG  . ASP A 1 20 ? 14.966  0.863   1.572   1.00 45.33 ? 20  ASP A CG  1 
ATOM   129  O OD1 . ASP A 1 20 ? 14.863  2.009   1.070   1.00 46.97 ? 20  ASP A OD1 1 
ATOM   130  O OD2 . ASP A 1 20 ? 15.958  0.150   1.355   1.00 49.92 ? 20  ASP A OD2 1 
ATOM   131  N N   . PHE A 1 21 ? 15.824  -2.623  2.586   1.00 42.69 ? 21  PHE A N   1 
ATOM   132  C CA  . PHE A 1 21 ? 17.056  -3.176  3.121   1.00 43.62 ? 21  PHE A CA  1 
ATOM   133  C C   . PHE A 1 21 ? 18.182  -2.583  2.297   1.00 43.26 ? 21  PHE A C   1 
ATOM   134  O O   . PHE A 1 21 ? 18.474  -3.068  1.196   1.00 42.35 ? 21  PHE A O   1 
ATOM   135  C CB  . PHE A 1 21 ? 17.091  -4.696  2.962   1.00 44.35 ? 21  PHE A CB  1 
ATOM   136  C CG  . PHE A 1 21 ? 16.024  -5.408  3.742   1.00 45.93 ? 21  PHE A CG  1 
ATOM   137  C CD1 . PHE A 1 21 ? 14.792  -5.680  3.162   1.00 46.32 ? 21  PHE A CD1 1 
ATOM   138  C CD2 . PHE A 1 21 ? 16.280  -5.851  5.031   1.00 48.62 ? 21  PHE A CD2 1 
ATOM   139  C CE1 . PHE A 1 21 ? 13.809  -6.335  3.879   1.00 47.82 ? 21  PHE A CE1 1 
ATOM   140  C CE2 . PHE A 1 21 ? 15.299  -6.507  5.761   1.00 47.79 ? 21  PHE A CE2 1 
ATOM   141  C CZ  . PHE A 1 21 ? 14.078  -6.758  5.174   1.00 46.27 ? 21  PHE A CZ  1 
ATOM   142  N N   . GLY A 1 22 ? 18.775  -1.507  2.814   1.00 43.46 ? 22  GLY A N   1 
ATOM   143  C CA  . GLY A 1 22 ? 19.886  -0.827  2.130   1.00 42.95 ? 22  GLY A CA  1 
ATOM   144  C C   . GLY A 1 22 ? 19.634  -0.417  0.691   1.00 43.01 ? 22  GLY A C   1 
ATOM   145  O O   . GLY A 1 22 ? 20.544  -0.470  -0.139  1.00 42.95 ? 22  GLY A O   1 
ATOM   146  N N   . GLY A 1 23 ? 18.405  -0.012  0.386   1.00 43.01 ? 23  GLY A N   1 
ATOM   147  C CA  . GLY A 1 23 ? 18.067  0.418   -0.971  1.00 43.37 ? 23  GLY A CA  1 
ATOM   148  C C   . GLY A 1 23 ? 17.162  -0.562  -1.688  1.00 42.67 ? 23  GLY A C   1 
ATOM   149  O O   . GLY A 1 23 ? 16.408  -0.177  -2.576  1.00 43.33 ? 23  GLY A O   1 
ATOM   150  N N   . VAL A 1 24 ? 17.208  -1.826  -1.273  1.00 42.92 ? 24  VAL A N   1 
ATOM   151  C CA  . VAL A 1 24 ? 16.459  -2.880  -1.952  1.00 43.13 ? 24  VAL A CA  1 
ATOM   152  C C   . VAL A 1 24 ? 15.155  -3.128  -1.214  1.00 43.40 ? 24  VAL A C   1 
ATOM   153  O O   . VAL A 1 24 ? 15.153  -3.575  -0.069  1.00 43.84 ? 24  VAL A O   1 
ATOM   154  C CB  . VAL A 1 24 ? 17.227  -4.222  -2.003  1.00 43.37 ? 24  VAL A CB  1 
ATOM   155  C CG1 . VAL A 1 24 ? 16.384  -5.295  -2.684  1.00 43.81 ? 24  VAL A CG1 1 
ATOM   156  C CG2 . VAL A 1 24 ? 18.547  -4.056  -2.716  1.00 43.04 ? 24  VAL A CG2 1 
ATOM   157  N N   . LYS A 1 25 ? 14.042  -2.876  -1.896  1.00 43.55 ? 25  LYS A N   1 
ATOM   158  C CA  . LYS A 1 25 ? 12.744  -3.011  -1.252  1.00 44.58 ? 25  LYS A CA  1 
ATOM   159  C C   . LYS A 1 25 ? 12.215  -4.424  -1.478  1.00 44.18 ? 25  LYS A C   1 
ATOM   160  O O   . LYS A 1 25 ? 12.319  -4.967  -2.591  1.00 44.73 ? 25  LYS A O   1 
ATOM   161  C CB  . LYS A 1 25 ? 11.778  -1.969  -1.816  1.00 44.98 ? 25  LYS A CB  1 
ATOM   162  C CG  . LYS A 1 25 ? 12.225  -0.539  -1.566  1.00 47.55 ? 25  LYS A CG  1 
ATOM   163  C CD  . LYS A 1 25 ? 11.250  0.452   -2.183  1.00 54.73 ? 25  LYS A CD  1 
ATOM   164  C CE  . LYS A 1 25 ? 11.752  1.871   -1.964  1.00 59.05 ? 25  LYS A CE  1 
ATOM   165  N NZ  . LYS A 1 25 ? 10.798  2.906   -2.457  1.00 63.91 ? 25  LYS A NZ  1 
ATOM   166  N N   . ARG A 1 26 ? 11.661  -5.017  -0.427  1.00 43.90 ? 26  ARG A N   1 
ATOM   167  C CA  . ARG A 1 26 ? 11.041  -6.337  -0.513  1.00 43.73 ? 26  ARG A CA  1 
ATOM   168  C C   . ARG A 1 26 ? 9.672   -6.296  0.138   1.00 44.53 ? 26  ARG A C   1 
ATOM   169  O O   . ARG A 1 26 ? 9.466   -5.539  1.082   1.00 43.73 ? 26  ARG A O   1 
ATOM   170  C CB  . ARG A 1 26 ? 11.902  -7.395  0.196   1.00 45.42 ? 26  ARG A CB  1 
ATOM   171  N N   . GLU A 1 27 ? 8.771   -7.147  -0.341  1.00 43.38 ? 27  GLU A N   1 
ATOM   172  C CA  . GLU A 1 27 ? 7.481   -7.323  0.335   1.00 44.02 ? 27  GLU A CA  1 
ATOM   173  C C   . GLU A 1 27 ? 7.645   -8.273  1.518   1.00 43.10 ? 27  GLU A C   1 
ATOM   174  O O   . GLU A 1 27 ? 8.328   -9.294  1.412   1.00 42.32 ? 27  GLU A O   1 
ATOM   175  C CB  . GLU A 1 27 ? 6.446   -7.871  -0.643  1.00 44.24 ? 27  GLU A CB  1 
ATOM   176  C CG  . GLU A 1 27 ? 5.983   -6.805  -1.626  1.00 51.27 ? 27  GLU A CG  1 
ATOM   177  C CD  . GLU A 1 27 ? 4.759   -7.209  -2.426  1.00 57.03 ? 27  GLU A CD  1 
ATOM   178  O OE1 . GLU A 1 27 ? 4.364   -8.397  -2.410  1.00 59.56 ? 27  GLU A OE1 1 
ATOM   179  O OE2 . GLU A 1 27 ? 4.198   -6.316  -3.089  1.00 62.04 ? 27  GLU A OE2 1 
ATOM   180  N N   . VAL A 1 28 ? 7.034   -7.918  2.647   1.00 41.99 ? 28  VAL A N   1 
ATOM   181  C CA  . VAL A 1 28 ? 7.204   -8.638  3.919   1.00 42.31 ? 28  VAL A CA  1 
ATOM   182  C C   . VAL A 1 28 ? 5.846   -8.787  4.583   1.00 41.56 ? 28  VAL A C   1 
ATOM   183  O O   . VAL A 1 28 ? 5.082   -7.820  4.646   1.00 41.60 ? 28  VAL A O   1 
ATOM   184  C CB  . VAL A 1 28 ? 8.173   -7.849  4.860   1.00 43.07 ? 28  VAL A CB  1 
ATOM   185  C CG1 . VAL A 1 28 ? 8.215   -8.407  6.297   1.00 43.62 ? 28  VAL A CG1 1 
ATOM   186  C CG2 . VAL A 1 28 ? 9.587   -7.815  4.261   1.00 41.51 ? 28  VAL A CG2 1 
ATOM   187  N N   . ARG A 1 29 ? 5.544   -9.996  5.049   1.00 41.17 ? 29  ARG A N   1 
ATOM   188  C CA  . ARG A 1 29 ? 4.290   -10.253 5.735   1.00 41.59 ? 29  ARG A CA  1 
ATOM   189  C C   . ARG A 1 29 ? 4.329   -9.763  7.179   1.00 42.39 ? 29  ARG A C   1 
ATOM   190  O O   . ARG A 1 29 ? 5.304   -9.977  7.892   1.00 41.96 ? 29  ARG A O   1 
ATOM   191  C CB  . ARG A 1 29 ? 3.927   -11.739 5.655   1.00 42.41 ? 29  ARG A CB  1 
ATOM   192  C CG  . ARG A 1 29 ? 3.456   -12.151 4.258   1.00 43.49 ? 29  ARG A CG  1 
ATOM   193  C CD  . ARG A 1 29 ? 2.002   -11.788 4.027   1.00 46.70 ? 29  ARG A CD  1 
ATOM   194  N NE  . ARG A 1 29 ? 1.098   -12.611 4.830   1.00 49.96 ? 29  ARG A NE  1 
ATOM   195  C CZ  . ARG A 1 29 ? 0.781   -13.879 4.563   1.00 54.56 ? 29  ARG A CZ  1 
ATOM   196  N NH1 . ARG A 1 29 ? 1.307   -14.505 3.513   1.00 54.14 ? 29  ARG A NH1 1 
ATOM   197  N NH2 . ARG A 1 29 ? -0.063  -14.542 5.351   1.00 53.51 ? 29  ARG A NH2 1 
ATOM   198  N N   . LEU A 1 30 ? 3.265   -9.078  7.590   1.00 42.31 ? 30  LEU A N   1 
ATOM   199  C CA  . LEU A 1 30 ? 3.188   -8.518  8.933   1.00 42.01 ? 30  LEU A CA  1 
ATOM   200  C C   . LEU A 1 30 ? 2.270   -9.252  9.902   1.00 42.08 ? 30  LEU A C   1 
ATOM   201  O O   . LEU A 1 30 ? 2.001   -8.730  10.986  1.00 43.67 ? 30  LEU A O   1 
ATOM   202  C CB  . LEU A 1 30 ? 2.719   -7.064  8.845   1.00 42.99 ? 30  LEU A CB  1 
ATOM   203  C CG  . LEU A 1 30 ? 3.575   -6.094  8.035   1.00 43.60 ? 30  LEU A CG  1 
ATOM   204  C CD1 . LEU A 1 30 ? 2.758   -4.793  8.025   1.00 46.35 ? 30  LEU A CD1 1 
ATOM   205  C CD2 . LEU A 1 30 ? 4.950   -5.936  8.671   1.00 48.51 ? 30  LEU A CD2 1 
ATOM   206  N N   . ASP A 1 31 ? 1.806   -10.452 9.550   1.00 41.15 ? 31  ASP A N   1 
ATOM   207  C CA  . ASP A 1 31 ? 0.796   -11.155 10.343  1.00 40.81 ? 31  ASP A CA  1 
ATOM   208  C C   . ASP A 1 31 ? 1.223   -11.317 11.800  1.00 40.36 ? 31  ASP A C   1 
ATOM   209  O O   . ASP A 1 31 ? 0.371   -11.301 12.688  1.00 38.87 ? 31  ASP A O   1 
ATOM   210  C CB  . ASP A 1 31 ? 0.458   -12.543 9.774   1.00 40.78 ? 31  ASP A CB  1 
ATOM   211  C CG  . ASP A 1 31 ? 0.193   -12.524 8.278   1.00 41.76 ? 31  ASP A CG  1 
ATOM   212  O OD1 . ASP A 1 31 ? 1.042   -12.002 7.526   1.00 42.20 ? 31  ASP A OD1 1 
ATOM   213  O OD2 . ASP A 1 31 ? -0.845  -13.075 7.852   1.00 43.58 ? 31  ASP A OD2 1 
ATOM   214  N N   . LEU A 1 32 ? 2.519   -11.506 12.039  1.00 40.74 ? 32  LEU A N   1 
ATOM   215  C CA  . LEU A 1 32 ? 2.998   -11.749 13.400  1.00 43.94 ? 32  LEU A CA  1 
ATOM   216  C C   . LEU A 1 32 ? 3.117   -10.453 14.204  1.00 44.36 ? 32  LEU A C   1 
ATOM   217  O O   . LEU A 1 32 ? 3.217   -10.485 15.433  1.00 44.56 ? 32  LEU A O   1 
ATOM   218  C CB  . LEU A 1 32 ? 4.349   -12.469 13.371  1.00 43.26 ? 32  LEU A CB  1 
ATOM   219  C CG  . LEU A 1 32 ? 4.379   -14.002 13.327  1.00 46.82 ? 32  LEU A CG  1 
ATOM   220  C CD1 . LEU A 1 32 ? 3.391   -14.647 12.376  1.00 47.62 ? 32  LEU A CD1 1 
ATOM   221  C CD2 . LEU A 1 32 ? 5.806   -14.403 12.954  1.00 49.49 ? 32  LEU A CD2 1 
ATOM   222  N N   . MET A 1 33 ? 3.117   -9.328  13.501  1.00 45.44 ? 33  MET A N   1 
ATOM   223  C CA  . MET A 1 33 ? 3.302   -8.012  14.093  1.00 47.55 ? 33  MET A CA  1 
ATOM   224  C C   . MET A 1 33 ? 2.345   -7.046  13.411  1.00 46.60 ? 33  MET A C   1 
ATOM   225  O O   . MET A 1 33 ? 2.806   -6.139  12.703  1.00 46.46 ? 33  MET A O   1 
ATOM   226  C CB  . MET A 1 33 ? 4.712   -7.501  13.773  1.00 47.60 ? 33  MET A CB  1 
ATOM   227  C CG  . MET A 1 33 ? 5.849   -8.467  13.987  1.00 56.61 ? 33  MET A CG  1 
ATOM   228  S SD  . MET A 1 33 ? 6.965   -7.686  15.151  1.00 65.77 ? 33  MET A SD  1 
ATOM   229  C CE  . MET A 1 33 ? 5.979   -7.968  16.611  1.00 58.73 ? 33  MET A CE  1 
ATOM   230  N N   . PRO A 1 34 ? 1.028   -7.239  13.590  1.00 47.79 ? 34  PRO A N   1 
ATOM   231  C CA  . PRO A 1 34 ? 0.099   -6.504  12.725  1.00 48.76 ? 34  PRO A CA  1 
ATOM   232  C C   . PRO A 1 34 ? -0.006  -4.991  12.965  1.00 49.71 ? 34  PRO A C   1 
ATOM   233  O O   . PRO A 1 34 ? -0.571  -4.289  12.117  1.00 50.98 ? 34  PRO A O   1 
ATOM   234  C CB  . PRO A 1 34 ? -1.237  -7.215  12.955  1.00 48.86 ? 34  PRO A CB  1 
ATOM   235  C CG  . PRO A 1 34 ? -1.128  -7.785  14.333  1.00 47.84 ? 34  PRO A CG  1 
ATOM   236  C CD  . PRO A 1 34 ? 0.327   -8.147  14.515  1.00 47.30 ? 34  PRO A CD  1 
ATOM   237  N N   . ASP A 1 35 ? 0.571   -4.510  14.066  1.00 49.32 ? 35  ASP A N   1 
ATOM   238  C CA  . ASP A 1 35 ? 0.575   -3.090  14.440  1.00 49.82 ? 35  ASP A CA  1 
ATOM   239  C C   . ASP A 1 35 ? 1.738   -2.326  13.799  1.00 47.55 ? 35  ASP A C   1 
ATOM   240  O O   . ASP A 1 35 ? 1.851   -1.106  13.968  1.00 47.53 ? 35  ASP A O   1 
ATOM   241  C CB  . ASP A 1 35 ? 0.694   -2.919  15.960  1.00 50.30 ? 35  ASP A CB  1 
ATOM   242  C CG  . ASP A 1 35 ? -0.556  -3.327  16.718  1.00 55.57 ? 35  ASP A CG  1 
ATOM   243  O OD1 . ASP A 1 35 ? -1.670  -3.231  16.154  1.00 60.27 ? 35  ASP A OD1 1 
ATOM   244  O OD2 . ASP A 1 35 ? -0.431  -3.727  17.900  1.00 59.70 ? 35  ASP A OD2 1 
ATOM   245  N N   . THR A 1 36 ? 2.601   -3.023  13.063  1.00 45.67 ? 36  THR A N   1 
ATOM   246  C CA  . THR A 1 36 ? 3.751   -2.383  12.417  1.00 44.58 ? 36  THR A CA  1 
ATOM   247  C C   . THR A 1 36 ? 3.343   -1.213  11.521  1.00 45.04 ? 36  THR A C   1 
ATOM   248  O O   . THR A 1 36 ? 2.347   -1.296  10.801  1.00 45.68 ? 36  THR A O   1 
ATOM   249  C CB  . THR A 1 36 ? 4.550   -3.401  11.594  1.00 44.67 ? 36  THR A CB  1 
ATOM   250  O OG1 . THR A 1 36 ? 4.899   -4.493  12.448  1.00 45.00 ? 36  THR A OG1 1 
ATOM   251  C CG2 . THR A 1 36 ? 5.837   -2.758  11.017  1.00 45.72 ? 36  THR A CG2 1 
ATOM   252  N N   . LYS A 1 37 ? 4.126   -0.140  11.563  1.00 43.99 ? 37  LYS A N   1 
ATOM   253  C CA  . LYS A 1 37 ? 3.805   1.068   10.800  1.00 44.07 ? 37  LYS A CA  1 
ATOM   254  C C   . LYS A 1 37 ? 4.999   1.556   9.990   1.00 42.53 ? 37  LYS A C   1 
ATOM   255  O O   . LYS A 1 37 ? 6.157   1.230   10.295  1.00 41.32 ? 37  LYS A O   1 
ATOM   256  C CB  . LYS A 1 37 ? 3.326   2.173   11.740  1.00 44.38 ? 37  LYS A CB  1 
ATOM   257  C CG  . LYS A 1 37 ? 4.403   2.645   12.703  1.00 47.05 ? 37  LYS A CG  1 
ATOM   258  C CD  . LYS A 1 37 ? 3.835   3.535   13.799  1.00 49.54 ? 37  LYS A CD  1 
ATOM   259  C CE  . LYS A 1 37 ? 4.774   3.543   14.999  1.00 52.63 ? 37  LYS A CE  1 
ATOM   260  N NZ  . LYS A 1 37 ? 4.151   4.283   16.146  1.00 52.63 ? 37  LYS A NZ  1 
ATOM   261  N N   . PRO A 1 38 ? 4.731   2.340   8.928   1.00 42.05 ? 38  PRO A N   1 
ATOM   262  C CA  . PRO A 1 38 ? 5.899   2.923   8.255   1.00 42.19 ? 38  PRO A CA  1 
ATOM   263  C C   . PRO A 1 38 ? 6.761   3.704   9.242   1.00 42.01 ? 38  PRO A C   1 
ATOM   264  O O   . PRO A 1 38 ? 6.238   4.495   10.046  1.00 41.56 ? 38  PRO A O   1 
ATOM   265  C CB  . PRO A 1 38 ? 5.286   3.849   7.200   1.00 42.31 ? 38  PRO A CB  1 
ATOM   266  C CG  . PRO A 1 38 ? 3.910   3.311   6.972   1.00 43.15 ? 38  PRO A CG  1 
ATOM   267  C CD  . PRO A 1 38 ? 3.460   2.707   8.276   1.00 43.00 ? 38  PRO A CD  1 
ATOM   268  N N   . GLY A 1 39 ? 8.068   3.492   9.153   1.00 42.31 ? 39  GLY A N   1 
ATOM   269  C CA  . GLY A 1 39 ? 9.049   4.180   10.002  1.00 43.03 ? 39  GLY A CA  1 
ATOM   270  C C   . GLY A 1 39 ? 9.597   3.206   11.030  1.00 43.27 ? 39  GLY A C   1 
ATOM   271  O O   . GLY A 1 39 ? 10.685  3.426   11.582  1.00 43.59 ? 39  GLY A O   1 
ATOM   272  N N   . ASP A 1 40 ? 8.863   2.116   11.269  1.00 41.40 ? 40  ASP A N   1 
ATOM   273  C CA  . ASP A 1 40 ? 9.371   1.046   12.115  1.00 42.67 ? 40  ASP A CA  1 
ATOM   274  C C   . ASP A 1 40 ? 10.494  0.331   11.377  1.00 43.30 ? 40  ASP A C   1 
ATOM   275  O O   . ASP A 1 40 ? 10.557  0.338   10.136  1.00 42.87 ? 40  ASP A O   1 
ATOM   276  C CB  . ASP A 1 40 ? 8.304   -0.010  12.432  1.00 40.52 ? 40  ASP A CB  1 
ATOM   277  C CG  . ASP A 1 40 ? 7.246   0.483   13.413  1.00 43.39 ? 40  ASP A CG  1 
ATOM   278  O OD1 . ASP A 1 40 ? 7.512   1.461   14.141  1.00 44.45 ? 40  ASP A OD1 1 
ATOM   279  O OD2 . ASP A 1 40 ? 6.202   -0.190  13.515  1.00 43.05 ? 40  ASP A OD2 1 
ATOM   280  N N   . TRP A 1 41 ? 11.370  -0.304  12.155  1.00 44.19 ? 41  TRP A N   1 
ATOM   281  C CA  . TRP A 1 41 ? 12.322  -1.261  11.603  1.00 43.98 ? 41  TRP A CA  1 
ATOM   282  C C   . TRP A 1 41 ? 11.921  -2.694  11.978  1.00 44.31 ? 41  TRP A C   1 
ATOM   283  O O   . TRP A 1 41 ? 11.360  -2.931  13.058  1.00 44.76 ? 41  TRP A O   1 
ATOM   284  C CB  . TRP A 1 41 ? 13.758  -0.937  12.059  1.00 45.33 ? 41  TRP A CB  1 
ATOM   285  C CG  . TRP A 1 41 ? 14.298  0.341   11.465  1.00 44.13 ? 41  TRP A CG  1 
ATOM   286  C CD1 . TRP A 1 41 ? 13.934  1.625   11.765  1.00 44.88 ? 41  TRP A CD1 1 
ATOM   287  C CD2 . TRP A 1 41 ? 15.313  0.441   10.458  1.00 43.98 ? 41  TRP A CD2 1 
ATOM   288  N NE1 . TRP A 1 41 ? 14.662  2.522   10.997  1.00 46.18 ? 41  TRP A NE1 1 
ATOM   289  C CE2 . TRP A 1 41 ? 15.505  1.816   10.184  1.00 45.08 ? 41  TRP A CE2 1 
ATOM   290  C CE3 . TRP A 1 41 ? 16.055  -0.504  9.738   1.00 45.23 ? 41  TRP A CE3 1 
ATOM   291  C CZ2 . TRP A 1 41 ? 16.437  2.271   9.245   1.00 45.69 ? 41  TRP A CZ2 1 
ATOM   292  C CZ3 . TRP A 1 41 ? 16.983  -0.049  8.812   1.00 44.88 ? 41  TRP A CZ3 1 
ATOM   293  C CH2 . TRP A 1 41 ? 17.152  1.320   8.569   1.00 44.28 ? 41  TRP A CH2 1 
ATOM   294  N N   . VAL A 1 42 ? 12.233  -3.642  11.095  1.00 44.23 ? 42  VAL A N   1 
ATOM   295  C CA  . VAL A 1 42 ? 11.902  -5.047  11.336  1.00 44.16 ? 42  VAL A CA  1 
ATOM   296  C C   . VAL A 1 42 ? 13.040  -5.996  10.995  1.00 45.12 ? 42  VAL A C   1 
ATOM   297  O O   . VAL A 1 42 ? 13.834  -5.741  10.076  1.00 45.53 ? 42  VAL A O   1 
ATOM   298  C CB  . VAL A 1 42 ? 10.681  -5.502  10.517  1.00 45.04 ? 42  VAL A CB  1 
ATOM   299  C CG1 . VAL A 1 42 ? 9.413   -4.794  11.025  1.00 44.32 ? 42  VAL A CG1 1 
ATOM   300  C CG2 . VAL A 1 42 ? 10.891  -5.232  9.009   1.00 44.00 ? 42  VAL A CG2 1 
ATOM   301  N N   . ILE A 1 43 ? 13.065  -7.102  11.730  1.00 45.28 ? 43  ILE A N   1 
ATOM   302  C CA  . ILE A 1 43 ? 13.868  -8.261  11.361  1.00 45.37 ? 43  ILE A CA  1 
ATOM   303  C C   . ILE A 1 43 ? 12.927  -9.282  10.734  1.00 46.32 ? 43  ILE A C   1 
ATOM   304  O O   . ILE A 1 43 ? 11.819  -9.524  11.237  1.00 45.73 ? 43  ILE A O   1 
ATOM   305  C CB  . ILE A 1 43 ? 14.604  -8.816  12.590  1.00 45.87 ? 43  ILE A CB  1 
ATOM   306  C CG1 . ILE A 1 43 ? 15.683  -7.821  13.027  1.00 48.13 ? 43  ILE A CG1 1 
ATOM   307  C CG2 . ILE A 1 43 ? 15.164  -10.200 12.298  1.00 44.81 ? 43  ILE A CG2 1 
ATOM   308  C CD1 . ILE A 1 43 ? 16.191  -8.076  14.416  1.00 53.11 ? 43  ILE A CD1 1 
ATOM   309  N N   . VAL A 1 44 ? 13.385  -9.869  9.630   1.00 47.36 ? 44  VAL A N   1 
ATOM   310  C CA  . VAL A 1 44 ? 12.553  -10.719 8.779   1.00 47.78 ? 44  VAL A CA  1 
ATOM   311  C C   . VAL A 1 44 ? 13.145  -12.116 8.692   1.00 49.44 ? 44  VAL A C   1 
ATOM   312  O O   . VAL A 1 44 ? 14.346  -12.272 8.479   1.00 49.83 ? 44  VAL A O   1 
ATOM   313  C CB  . VAL A 1 44 ? 12.389  -10.092 7.365   1.00 48.10 ? 44  VAL A CB  1 
ATOM   314  C CG1 . VAL A 1 44 ? 11.647  -11.030 6.408   1.00 48.21 ? 44  VAL A CG1 1 
ATOM   315  C CG2 . VAL A 1 44 ? 11.670  -8.745  7.450   1.00 46.28 ? 44  VAL A CG2 1 
ATOM   316  N N   . HIS A 1 45 ? 12.298  -13.125 8.871   1.00 49.03 ? 45  HIS A N   1 
ATOM   317  C CA  . HIS A 1 45 ? 12.677  -14.516 8.691   1.00 50.26 ? 45  HIS A CA  1 
ATOM   318  C C   . HIS A 1 45 ? 11.710  -15.162 7.707   1.00 49.74 ? 45  HIS A C   1 
ATOM   319  O O   . HIS A 1 45 ? 10.494  -15.162 7.930   1.00 49.33 ? 45  HIS A O   1 
ATOM   320  C CB  . HIS A 1 45 ? 12.588  -15.240 10.031  1.00 51.03 ? 45  HIS A CB  1 
ATOM   321  C CG  . HIS A 1 45 ? 13.774  -15.038 10.922  1.00 54.47 ? 45  HIS A CG  1 
ATOM   322  N ND1 . HIS A 1 45 ? 14.720  -14.060 10.709  1.00 56.21 ? 45  HIS A ND1 1 
ATOM   323  C CD2 . HIS A 1 45 ? 14.158  -15.695 12.042  1.00 56.12 ? 45  HIS A CD2 1 
ATOM   324  C CE1 . HIS A 1 45 ? 15.635  -14.118 11.658  1.00 56.08 ? 45  HIS A CE1 1 
ATOM   325  N NE2 . HIS A 1 45 ? 15.317  -15.100 12.482  1.00 57.38 ? 45  HIS A NE2 1 
ATOM   326  N N   . THR A 1 46 ? 12.249  -15.683 6.608   1.00 48.74 ? 46  THR A N   1 
ATOM   327  C CA  . THR A 1 46 ? 11.449  -16.372 5.599   1.00 48.59 ? 46  THR A CA  1 
ATOM   328  C C   . THR A 1 46 ? 10.208  -15.555 5.213   1.00 47.62 ? 46  THR A C   1 
ATOM   329  O O   . THR A 1 46 ? 9.095   -16.074 5.170   1.00 46.96 ? 46  THR A O   1 
ATOM   330  C CB  . THR A 1 46 ? 11.085  -17.802 6.063   1.00 48.76 ? 46  THR A CB  1 
ATOM   331  O OG1 . THR A 1 46 ? 12.294  -18.503 6.381   1.00 51.55 ? 46  THR A OG1 1 
ATOM   332  C CG2 . THR A 1 46 ? 10.382  -18.580 4.962   1.00 50.98 ? 46  THR A CG2 1 
ATOM   333  N N   . GLY A 1 47 ? 10.409  -14.263 4.970   1.00 46.48 ? 47  GLY A N   1 
ATOM   334  C CA  . GLY A 1 47 ? 9.344   -13.395 4.461   1.00 46.30 ? 47  GLY A CA  1 
ATOM   335  C C   . GLY A 1 47 ? 8.379   -12.781 5.459   1.00 46.35 ? 47  GLY A C   1 
ATOM   336  O O   . GLY A 1 47 ? 7.468   -12.067 5.055   1.00 46.06 ? 47  GLY A O   1 
ATOM   337  N N   . PHE A 1 48 ? 8.556   -13.070 6.748   1.00 45.77 ? 48  PHE A N   1 
ATOM   338  C CA  . PHE A 1 48 ? 7.687   -12.535 7.792   1.00 45.13 ? 48  PHE A CA  1 
ATOM   339  C C   . PHE A 1 48 ? 8.490   -11.692 8.765   1.00 44.87 ? 48  PHE A C   1 
ATOM   340  O O   . PHE A 1 48 ? 9.546   -12.120 9.222   1.00 45.36 ? 48  PHE A O   1 
ATOM   341  C CB  . PHE A 1 48 ? 7.045   -13.666 8.599   1.00 45.14 ? 48  PHE A CB  1 
ATOM   342  C CG  . PHE A 1 48 ? 5.968   -14.410 7.860   1.00 44.33 ? 48  PHE A CG  1 
ATOM   343  C CD1 . PHE A 1 48 ? 6.294   -15.415 6.966   1.00 45.14 ? 48  PHE A CD1 1 
ATOM   344  C CD2 . PHE A 1 48 ? 4.634   -14.101 8.072   1.00 42.86 ? 48  PHE A CD2 1 
ATOM   345  C CE1 . PHE A 1 48 ? 5.299   -16.122 6.294   1.00 45.34 ? 48  PHE A CE1 1 
ATOM   346  C CE2 . PHE A 1 48 ? 3.626   -14.782 7.386   1.00 43.08 ? 48  PHE A CE2 1 
ATOM   347  C CZ  . PHE A 1 48 ? 3.966   -15.797 6.499   1.00 45.83 ? 48  PHE A CZ  1 
ATOM   348  N N   . ALA A 1 49 ? 7.964   -10.520 9.095   1.00 44.68 ? 49  ALA A N   1 
ATOM   349  C CA  . ALA A 1 49 ? 8.515   -9.685  10.172  1.00 44.38 ? 49  ALA A CA  1 
ATOM   350  C C   . ALA A 1 49 ? 8.341   -10.439 11.484  1.00 45.34 ? 49  ALA A C   1 
ATOM   351  O O   . ALA A 1 49 ? 7.223   -10.844 11.836  1.00 45.06 ? 49  ALA A O   1 
ATOM   352  C CB  . ALA A 1 49 ? 7.795   -8.339  10.227  1.00 44.31 ? 49  ALA A CB  1 
ATOM   353  N N   . ILE A 1 50 ? 9.454   -10.693 12.170  1.00 44.88 ? 50  ILE A N   1 
ATOM   354  C CA  . ILE A 1 50 ? 9.401   -11.447 13.426  1.00 45.26 ? 50  ILE A CA  1 
ATOM   355  C C   . ILE A 1 50 ? 9.808   -10.607 14.637  1.00 45.46 ? 50  ILE A C   1 
ATOM   356  O O   . ILE A 1 50 ? 9.705   -11.065 15.777  1.00 45.93 ? 50  ILE A O   1 
ATOM   357  C CB  . ILE A 1 50 ? 10.201  -12.775 13.364  1.00 46.41 ? 50  ILE A CB  1 
ATOM   358  C CG1 . ILE A 1 50 ? 11.626  -12.544 12.855  1.00 48.27 ? 50  ILE A CG1 1 
ATOM   359  C CG2 . ILE A 1 50 ? 9.480   -13.794 12.484  1.00 44.68 ? 50  ILE A CG2 1 
ATOM   360  C CD1 . ILE A 1 50 ? 12.690  -12.520 13.918  1.00 53.06 ? 50  ILE A CD1 1 
ATOM   361  N N   . GLU A 1 51 ? 10.258  -9.381  14.392  1.00 45.11 ? 51  GLU A N   1 
ATOM   362  C CA  . GLU A 1 51 ? 10.525  -8.444  15.470  1.00 46.74 ? 51  GLU A CA  1 
ATOM   363  C C   . GLU A 1 51 ? 10.348  -7.044  14.944  1.00 46.95 ? 51  GLU A C   1 
ATOM   364  O O   . GLU A 1 51 ? 10.834  -6.743  13.853  1.00 46.41 ? 51  GLU A O   1 
ATOM   365  C CB  . GLU A 1 51 ? 11.961  -8.563  15.984  1.00 46.22 ? 51  GLU A CB  1 
ATOM   366  C CG  . GLU A 1 51 ? 12.212  -7.682  17.198  1.00 47.11 ? 51  GLU A CG  1 
ATOM   367  C CD  . GLU A 1 51 ? 13.639  -7.740  17.724  1.00 49.35 ? 51  GLU A CD  1 
ATOM   368  O OE1 . GLU A 1 51 ? 14.320  -8.763  17.500  1.00 51.88 ? 51  GLU A OE1 1 
ATOM   369  O OE2 . GLU A 1 51 ? 14.058  -6.772  18.399  1.00 51.44 ? 51  GLU A OE2 1 
ATOM   370  N N   . LYS A 1 52 ? 9.695   -6.202  15.739  1.00 47.24 ? 52  LYS A N   1 
ATOM   371  C CA  . LYS A 1 52 ? 9.643   -4.779  15.432  1.00 49.44 ? 52  LYS A CA  1 
ATOM   372  C C   . LYS A 1 52 ? 10.650  -4.058  16.318  1.00 47.99 ? 52  LYS A C   1 
ATOM   373  O O   . LYS A 1 52 ? 10.777  -4.338  17.515  1.00 47.11 ? 52  LYS A O   1 
ATOM   374  C CB  . LYS A 1 52 ? 8.223   -4.245  15.649  1.00 50.00 ? 52  LYS A CB  1 
ATOM   375  C CG  . LYS A 1 52 ? 8.086   -2.759  15.458  1.00 51.69 ? 52  LYS A CG  1 
ATOM   376  C CD  . LYS A 1 52 ? 6.676   -2.228  15.775  1.00 53.59 ? 52  LYS A CD  1 
ATOM   377  C CE  . LYS A 1 52 ? 5.894   -3.055  16.777  1.00 58.77 ? 52  LYS A CE  1 
ATOM   378  N NZ  . LYS A 1 52 ? 4.902   -3.913  16.070  1.00 60.01 ? 52  LYS A NZ  1 
ATOM   379  N N   . LEU A 1 53 ? 11.402  -3.141  15.720  1.00 46.70 ? 53  LEU A N   1 
ATOM   380  C CA  . LEU A 1 53 ? 12.397  -2.406  16.476  1.00 46.80 ? 53  LEU A CA  1 
ATOM   381  C C   . LEU A 1 53 ? 12.496  -0.974  15.980  1.00 47.12 ? 53  LEU A C   1 
ATOM   382  O O   . LEU A 1 53 ? 11.920  -0.618  14.949  1.00 45.59 ? 53  LEU A O   1 
ATOM   383  C CB  . LEU A 1 53 ? 13.769  -3.098  16.436  1.00 47.10 ? 53  LEU A CB  1 
ATOM   384  C CG  . LEU A 1 53 ? 14.351  -3.498  15.076  1.00 49.05 ? 53  LEU A CG  1 
ATOM   385  C CD1 . LEU A 1 53 ? 15.872  -3.622  15.093  1.00 50.91 ? 53  LEU A CD1 1 
ATOM   386  C CD2 . LEU A 1 53 ? 13.722  -4.809  14.605  1.00 51.48 ? 53  LEU A CD2 1 
ATOM   387  N N   . ASP A 1 54 ? 13.219  -0.160  16.735  1.00 46.35 ? 54  ASP A N   1 
ATOM   388  C CA  . ASP A 1 54 ? 13.362  1.224   16.328  1.00 47.60 ? 54  ASP A CA  1 
ATOM   389  C C   . ASP A 1 54 ? 14.711  1.443   15.660  1.00 47.68 ? 54  ASP A C   1 
ATOM   390  O O   . ASP A 1 54 ? 15.559  0.537   15.630  1.00 47.02 ? 54  ASP A O   1 
ATOM   391  C CB  . ASP A 1 54 ? 13.104  2.174   17.497  1.00 47.93 ? 54  ASP A CB  1 
ATOM   392  C CG  . ASP A 1 54 ? 14.125  2.053   18.611  1.00 48.99 ? 54  ASP A CG  1 
ATOM   393  O OD1 . ASP A 1 54 ? 15.131  1.324   18.487  1.00 52.64 ? 54  ASP A OD1 1 
ATOM   394  O OD2 . ASP A 1 54 ? 13.917  2.720   19.635  1.00 49.00 ? 54  ASP A OD2 1 
ATOM   395  N N   . GLU A 1 55 ? 14.882  2.634   15.094  1.00 47.51 ? 55  GLU A N   1 
ATOM   396  C CA  . GLU A 1 55 ? 16.123  2.964   14.398  1.00 47.10 ? 55  GLU A CA  1 
ATOM   397  C C   . GLU A 1 55 ? 17.377  2.811   15.263  1.00 45.91 ? 55  GLU A C   1 
ATOM   398  O O   . GLU A 1 55 ? 18.404  2.327   14.784  1.00 46.10 ? 55  GLU A O   1 
ATOM   399  C CB  . GLU A 1 55 ? 16.048  4.395   13.860  1.00 47.60 ? 55  GLU A CB  1 
ATOM   400  C CG  . GLU A 1 55 ? 16.984  4.636   12.695  1.00 51.30 ? 55  GLU A CG  1 
ATOM   401  C CD  . GLU A 1 55 ? 16.913  6.078   12.210  1.00 57.50 ? 55  GLU A CD  1 
ATOM   402  O OE1 . GLU A 1 55 ? 16.068  6.841   12.722  1.00 59.84 ? 55  GLU A OE1 1 
ATOM   403  O OE2 . GLU A 1 55 ? 17.714  6.467   11.339  1.00 61.18 ? 55  GLU A OE2 1 
ATOM   404  N N   . LYS A 1 56 ? 17.296  3.206   16.530  1.00 45.43 ? 56  LYS A N   1 
ATOM   405  C CA  . LYS A 1 56 ? 18.423  3.107   17.454  1.00 44.42 ? 56  LYS A CA  1 
ATOM   406  C C   . LYS A 1 56 ? 18.949  1.680   17.579  1.00 44.91 ? 56  LYS A C   1 
ATOM   407  O O   . LYS A 1 56 ? 20.151  1.428   17.515  1.00 43.59 ? 56  LYS A O   1 
ATOM   408  C CB  . LYS A 1 56 ? 18.025  3.627   18.832  1.00 45.55 ? 56  LYS A CB  1 
ATOM   409  C CG  . LYS A 1 56 ? 19.149  3.566   19.856  1.00 45.18 ? 56  LYS A CG  1 
ATOM   410  C CD  . LYS A 1 56 ? 18.833  4.395   21.082  1.00 48.17 ? 56  LYS A CD  1 
ATOM   411  C CE  . LYS A 1 56 ? 19.948  4.294   22.090  1.00 48.60 ? 56  LYS A CE  1 
ATOM   412  N NZ  . LYS A 1 56 ? 19.563  4.943   23.370  1.00 49.56 ? 56  LYS A NZ  1 
ATOM   413  N N   . LYS A 1 57 ? 18.030  0.737   17.750  1.00 44.33 ? 57  LYS A N   1 
ATOM   414  C CA  . LYS A 1 57 ? 18.427  -0.660  17.919  1.00 44.40 ? 57  LYS A CA  1 
ATOM   415  C C   . LYS A 1 57 ? 18.946  -1.227  16.600  1.00 43.53 ? 57  LYS A C   1 
ATOM   416  O O   . LYS A 1 57 ? 19.882  -2.029  16.594  1.00 42.51 ? 57  LYS A O   1 
ATOM   417  C CB  . LYS A 1 57 ? 17.255  -1.501  18.428  1.00 44.42 ? 57  LYS A CB  1 
ATOM   418  C CG  . LYS A 1 57 ? 17.711  -2.882  18.864  1.00 45.35 ? 57  LYS A CG  1 
ATOM   419  C CD  . LYS A 1 57 ? 16.630  -3.718  19.528  1.00 46.74 ? 57  LYS A CD  1 
ATOM   420  C CE  . LYS A 1 57 ? 17.123  -5.155  19.636  1.00 47.32 ? 57  LYS A CE  1 
ATOM   421  N NZ  . LYS A 1 57 ? 16.147  -6.072  20.285  1.00 47.27 ? 57  LYS A NZ  1 
ATOM   422  N N   . ALA A 1 58 ? 18.359  -0.789  15.486  1.00 43.17 ? 58  ALA A N   1 
ATOM   423  C CA  . ALA A 1 58 ? 18.798  -1.224  14.167  1.00 42.21 ? 58  ALA A CA  1 
ATOM   424  C C   . ALA A 1 58 ? 20.237  -0.795  13.922  1.00 41.76 ? 58  ALA A C   1 
ATOM   425  O O   . ALA A 1 58 ? 21.032  -1.562  13.378  1.00 40.00 ? 58  ALA A O   1 
ATOM   426  C CB  . ALA A 1 58 ? 17.880  -0.670  13.068  1.00 42.92 ? 58  ALA A CB  1 
ATOM   427  N N   . MET A 1 59 ? 20.550  0.442   14.305  1.00 40.94 ? 59  MET A N   1 
ATOM   428  C CA  . MET A 1 59 ? 21.908  0.979   14.225  1.00 41.11 ? 59  MET A CA  1 
ATOM   429  C C   . MET A 1 59 ? 22.909  0.160   15.035  1.00 40.17 ? 59  MET A C   1 
ATOM   430  O O   . MET A 1 59 ? 24.014  -0.148  14.576  1.00 40.14 ? 59  MET A O   1 
ATOM   431  C CB  . MET A 1 59 ? 21.893  2.441   14.708  1.00 41.18 ? 59  MET A CB  1 
ATOM   432  C CG  . MET A 1 59 ? 23.253  3.034   14.927  1.00 47.29 ? 59  MET A CG  1 
ATOM   433  S SD  . MET A 1 59 ? 24.003  3.325   13.328  1.00 59.32 ? 59  MET A SD  1 
ATOM   434  C CE  . MET A 1 59 ? 23.159  4.857   12.892  1.00 55.31 ? 59  MET A CE  1 
ATOM   435  N N   . GLU A 1 60 ? 22.511  -0.217  16.245  1.00 39.75 ? 60  GLU A N   1 
ATOM   436  C CA  . GLU A 1 60 ? 23.385  -0.961  17.123  1.00 38.78 ? 60  GLU A CA  1 
ATOM   437  C C   . GLU A 1 60 ? 23.660  -2.341  16.540  1.00 38.52 ? 60  GLU A C   1 
ATOM   438  O O   . GLU A 1 60 ? 24.794  -2.789  16.565  1.00 36.87 ? 60  GLU A O   1 
ATOM   439  C CB  . GLU A 1 60 ? 22.792  -1.051  18.525  1.00 38.96 ? 60  GLU A CB  1 
ATOM   440  C CG  . GLU A 1 60 ? 22.888  0.278   19.234  1.00 42.28 ? 60  GLU A CG  1 
ATOM   441  C CD  . GLU A 1 60 ? 22.174  0.313   20.559  1.00 45.93 ? 60  GLU A CD  1 
ATOM   442  O OE1 . GLU A 1 60 ? 21.079  -0.286  20.669  1.00 48.31 ? 60  GLU A OE1 1 
ATOM   443  O OE2 . GLU A 1 60 ? 22.713  0.980   21.461  1.00 46.51 ? 60  GLU A OE2 1 
ATOM   444  N N   . ILE A 1 61 ? 22.634  -2.961  15.962  1.00 39.40 ? 61  ILE A N   1 
ATOM   445  C CA  . ILE A 1 61 ? 22.793  -4.264  15.314  1.00 40.33 ? 61  ILE A CA  1 
ATOM   446  C C   . ILE A 1 61 ? 23.755  -4.128  14.138  1.00 40.11 ? 61  ILE A C   1 
ATOM   447  O O   . ILE A 1 61 ? 24.632  -4.959  13.980  1.00 39.39 ? 61  ILE A O   1 
ATOM   448  C CB  . ILE A 1 61 ? 21.436  -4.816  14.840  1.00 41.09 ? 61  ILE A CB  1 
ATOM   449  C CG1 . ILE A 1 61 ? 20.614  -5.242  16.059  1.00 40.61 ? 61  ILE A CG1 1 
ATOM   450  C CG2 . ILE A 1 61 ? 21.618  -5.975  13.844  1.00 42.14 ? 61  ILE A CG2 1 
ATOM   451  C CD1 . ILE A 1 61 ? 19.165  -5.608  15.702  1.00 44.87 ? 61  ILE A CD1 1 
ATOM   452  N N   . LEU A 1 62 ? 23.600  -3.091  13.318  1.00 40.73 ? 62  LEU A N   1 
ATOM   453  C CA  . LEU A 1 62 ? 24.543  -2.892  12.219  1.00 41.18 ? 62  LEU A CA  1 
ATOM   454  C C   . LEU A 1 62 ? 25.962  -2.655  12.703  1.00 40.39 ? 62  LEU A C   1 
ATOM   455  O O   . LEU A 1 62 ? 26.915  -3.189  12.126  1.00 40.86 ? 62  LEU A O   1 
ATOM   456  C CB  . LEU A 1 62 ? 24.098  -1.773  11.268  1.00 41.65 ? 62  LEU A CB  1 
ATOM   457  C CG  . LEU A 1 62 ? 23.093  -2.156  10.159  1.00 45.14 ? 62  LEU A CG  1 
ATOM   458  C CD1 . LEU A 1 62 ? 23.770  -2.900  9.014   1.00 48.45 ? 62  LEU A CD1 1 
ATOM   459  C CD2 . LEU A 1 62 ? 21.965  -3.004  10.654  1.00 49.89 ? 62  LEU A CD2 1 
ATOM   460  N N   . GLU A 1 63 ? 26.124  -1.850  13.749  1.00 40.06 ? 63  GLU A N   1 
ATOM   461  C CA  . GLU A 1 63 ? 27.451  -1.702  14.367  1.00 39.56 ? 63  GLU A CA  1 
ATOM   462  C C   . GLU A 1 63 ? 28.056  -3.021  14.849  1.00 38.89 ? 63  GLU A C   1 
ATOM   463  O O   . GLU A 1 63 ? 29.246  -3.255  14.678  1.00 39.42 ? 63  GLU A O   1 
ATOM   464  C CB  . GLU A 1 63 ? 27.440  -0.672  15.491  1.00 39.52 ? 63  GLU A CB  1 
ATOM   465  C CG  . GLU A 1 63 ? 26.995  0.717   14.995  1.00 41.94 ? 63  GLU A CG  1 
ATOM   466  C CD  . GLU A 1 63 ? 26.899  1.726   16.114  1.00 47.81 ? 63  GLU A CD  1 
ATOM   467  O OE1 . GLU A 1 63 ? 26.365  1.401   17.193  1.00 47.29 ? 63  GLU A OE1 1 
ATOM   468  O OE2 . GLU A 1 63 ? 27.331  2.875   15.905  1.00 51.95 ? 63  GLU A OE2 1 
ATOM   469  N N   . ALA A 1 64 ? 27.239  -3.885  15.438  1.00 38.66 ? 64  ALA A N   1 
ATOM   470  C CA  . ALA A 1 64 ? 27.740  -5.194  15.872  1.00 38.57 ? 64  ALA A CA  1 
ATOM   471  C C   . ALA A 1 64 ? 28.196  -6.028  14.679  1.00 38.47 ? 64  ALA A C   1 
ATOM   472  O O   . ALA A 1 64 ? 29.277  -6.587  14.704  1.00 39.41 ? 64  ALA A O   1 
ATOM   473  C CB  . ALA A 1 64 ? 26.684  -5.926  16.675  1.00 38.50 ? 64  ALA A CB  1 
ATOM   474  N N   . TRP A 1 65 ? 27.410  -6.052  13.604  1.00 39.81 ? 65  TRP A N   1 
ATOM   475  C CA  . TRP A 1 65 ? 27.823  -6.751  12.390  1.00 41.13 ? 65  TRP A CA  1 
ATOM   476  C C   . TRP A 1 65 ? 29.139  -6.253  11.834  1.00 41.67 ? 65  TRP A C   1 
ATOM   477  O O   . TRP A 1 65 ? 30.047  -7.031  11.542  1.00 41.55 ? 65  TRP A O   1 
ATOM   478  C CB  . TRP A 1 65 ? 26.738  -6.616  11.313  1.00 42.16 ? 65  TRP A CB  1 
ATOM   479  C CG  . TRP A 1 65 ? 25.628  -7.579  11.501  1.00 44.07 ? 65  TRP A CG  1 
ATOM   480  C CD1 . TRP A 1 65 ? 24.316  -7.280  11.733  1.00 44.46 ? 65  TRP A CD1 1 
ATOM   481  C CD2 . TRP A 1 65 ? 25.717  -9.006  11.459  1.00 44.97 ? 65  TRP A CD2 1 
ATOM   482  N NE1 . TRP A 1 65 ? 23.582  -8.438  11.845  1.00 46.14 ? 65  TRP A NE1 1 
ATOM   483  C CE2 . TRP A 1 65 ? 24.420  -9.510  11.690  1.00 46.96 ? 65  TRP A CE2 1 
ATOM   484  C CE3 . TRP A 1 65 ? 26.768  -9.907  11.257  1.00 46.58 ? 65  TRP A CE3 1 
ATOM   485  C CZ2 . TRP A 1 65 ? 24.143  -10.878 11.723  1.00 46.07 ? 65  TRP A CZ2 1 
ATOM   486  C CZ3 . TRP A 1 65 ? 26.494  -11.272 11.296  1.00 47.12 ? 65  TRP A CZ3 1 
ATOM   487  C CH2 . TRP A 1 65 ? 25.187  -11.738 11.519  1.00 44.79 ? 65  TRP A CH2 1 
ATOM   488  N N   . ALA A 1 66 ? 29.230  -4.935  11.685  1.00 42.17 ? 66  ALA A N   1 
ATOM   489  C CA  . ALA A 1 66 ? 30.464  -4.306  11.242  1.00 42.44 ? 66  ALA A CA  1 
ATOM   490  C C   . ALA A 1 66 ? 31.637  -4.741  12.127  1.00 42.45 ? 66  ALA A C   1 
ATOM   491  O O   . ALA A 1 66 ? 32.733  -5.024  11.637  1.00 42.62 ? 66  ALA A O   1 
ATOM   492  C CB  . ALA A 1 66 ? 30.289  -2.793  11.238  1.00 42.66 ? 66  ALA A CB  1 
ATOM   493  N N   . GLU A 1 67 ? 31.402  -4.830  13.433  1.00 43.22 ? 67  GLU A N   1 
ATOM   494  C CA  . GLU A 1 67 ? 32.447  -5.233  14.378  1.00 43.64 ? 67  GLU A CA  1 
ATOM   495  C C   . GLU A 1 67 ? 32.838  -6.708  14.261  1.00 44.82 ? 67  GLU A C   1 
ATOM   496  O O   . GLU A 1 67 ? 34.030  -7.013  14.227  1.00 44.77 ? 67  GLU A O   1 
ATOM   497  C CB  . GLU A 1 67 ? 32.055  -4.859  15.813  1.00 43.62 ? 67  GLU A CB  1 
ATOM   498  C CG  . GLU A 1 67 ? 32.913  -5.413  16.946  1.00 43.91 ? 67  GLU A CG  1 
ATOM   499  C CD  . GLU A 1 67 ? 34.322  -4.863  17.002  1.00 45.94 ? 67  GLU A CD  1 
ATOM   500  O OE1 . GLU A 1 67 ? 35.187  -5.561  17.553  1.00 46.09 ? 67  GLU A OE1 1 
ATOM   501  O OE2 . GLU A 1 67 ? 34.578  -3.745  16.504  1.00 48.09 ? 67  GLU A OE2 1 
ATOM   502  N N   . VAL A 1 68 ? 31.861  -7.612  14.195  1.00 46.15 ? 68  VAL A N   1 
ATOM   503  C CA  . VAL A 1 68 ? 32.167  -9.043  14.045  1.00 47.55 ? 68  VAL A CA  1 
ATOM   504  C C   . VAL A 1 68 ? 32.918  -9.302  12.743  1.00 48.30 ? 68  VAL A C   1 
ATOM   505  O O   . VAL A 1 68 ? 33.865  -10.082 12.719  1.00 47.99 ? 68  VAL A O   1 
ATOM   506  C CB  . VAL A 1 68 ? 30.919  -9.964  14.019  1.00 47.27 ? 68  VAL A CB  1 
ATOM   507  C CG1 . VAL A 1 68 ? 31.320  -11.388 14.376  1.00 48.59 ? 68  VAL A CG1 1 
ATOM   508  C CG2 . VAL A 1 68 ? 29.840  -9.493  14.969  1.00 48.36 ? 68  VAL A CG2 1 
ATOM   509  N N   . GLU A 1 69 ? 32.472  -8.667  11.660  1.00 50.01 ? 69  GLU A N   1 
ATOM   510  C CA  . GLU A 1 69 ? 33.122  -8.822  10.359  1.00 51.79 ? 69  GLU A CA  1 
ATOM   511  C C   . GLU A 1 69 ? 34.550  -8.301  10.337  1.00 52.36 ? 69  GLU A C   1 
ATOM   512  O O   . GLU A 1 69 ? 35.443  -8.950  9.784   1.00 52.95 ? 69  GLU A O   1 
ATOM   513  C CB  . GLU A 1 69 ? 32.306  -8.170  9.243   1.00 52.06 ? 69  GLU A CB  1 
ATOM   514  C CG  . GLU A 1 69 ? 31.798  -9.166  8.221   1.00 54.83 ? 69  GLU A CG  1 
ATOM   515  C CD  . GLU A 1 69 ? 30.428  -9.696  8.557   1.00 56.64 ? 69  GLU A CD  1 
ATOM   516  O OE1 . GLU A 1 69 ? 30.323  -10.600 9.411   1.00 59.50 ? 69  GLU A OE1 1 
ATOM   517  O OE2 . GLU A 1 69 ? 29.451  -9.214  7.954   1.00 59.93 ? 69  GLU A OE2 1 
ATOM   518  N N   . LYS A 1 70 ? 34.768  -7.143  10.954  1.00 53.26 ? 70  LYS A N   1 
ATOM   519  C CA  . LYS A 1 70 ? 36.128  -6.641  11.144  1.00 53.70 ? 70  LYS A CA  1 
ATOM   520  C C   . LYS A 1 70 ? 36.951  -7.601  11.995  1.00 54.41 ? 70  LYS A C   1 
ATOM   521  O O   . LYS A 1 70 ? 38.105  -7.874  11.667  1.00 54.17 ? 70  LYS A O   1 
ATOM   522  C CB  . LYS A 1 70 ? 36.123  -5.256  11.767  1.00 53.87 ? 70  LYS A CB  1 
ATOM   523  N N   . ALA A 1 71 ? 36.359  -8.114  13.072  1.00 55.18 ? 71  ALA A N   1 
ATOM   524  C CA  . ALA A 1 71 ? 37.077  -8.992  14.001  1.00 56.38 ? 71  ALA A CA  1 
ATOM   525  C C   . ALA A 1 71 ? 37.487  -10.315 13.360  1.00 57.29 ? 71  ALA A C   1 
ATOM   526  O O   . ALA A 1 71 ? 38.512  -10.893 13.727  1.00 56.90 ? 71  ALA A O   1 
ATOM   527  C CB  . ALA A 1 71 ? 36.259  -9.239  15.260  1.00 56.15 ? 71  ALA A CB  1 
ATOM   528  N N   . MET A 1 72 ? 36.683  -10.779 12.407  1.00 58.59 ? 72  MET A N   1 
ATOM   529  C CA  . MET A 1 72 ? 37.002  -11.976 11.639  1.00 60.41 ? 72  MET A CA  1 
ATOM   530  C C   . MET A 1 72 ? 37.794  -11.693 10.365  1.00 60.33 ? 72  MET A C   1 
ATOM   531  O O   . MET A 1 72 ? 38.276  -12.618 9.712   1.00 60.35 ? 72  MET A O   1 
ATOM   532  C CB  . MET A 1 72 ? 35.730  -12.753 11.314  1.00 60.19 ? 72  MET A CB  1 
ATOM   533  C CG  . MET A 1 72 ? 35.460  -13.869 12.306  1.00 61.65 ? 72  MET A CG  1 
ATOM   534  S SD  . MET A 1 72 ? 34.171  -14.989 11.735  1.00 63.34 ? 72  MET A SD  1 
ATOM   535  C CE  . MET A 1 72 ? 32.796  -13.865 11.523  1.00 61.09 ? 72  MET A CE  1 
ATOM   536  N N   . CYS B 1 2  ? -3.151  16.070  -13.249 1.00 51.02 ? 2   CYS B N   1 
ATOM   537  C CA  . CYS B 1 2  ? -3.524  17.389  -12.663 1.00 50.26 ? 2   CYS B CA  1 
ATOM   538  C C   . CYS B 1 2  ? -4.540  17.313  -11.534 1.00 48.21 ? 2   CYS B C   1 
ATOM   539  O O   . CYS B 1 2  ? -5.182  18.333  -11.259 1.00 48.72 ? 2   CYS B O   1 
ATOM   540  C CB  . CYS B 1 2  ? -4.133  18.261  -13.757 1.00 50.26 ? 2   CYS B CB  1 
ATOM   541  S SG  . CYS B 1 2  ? -3.503  17.738  -15.342 1.00 56.53 ? 2   CYS B SG  1 
ATOM   542  N N   . LEU B 1 3  ? -4.769  16.128  -10.975 1.00 44.86 ? 3   LEU B N   1 
ATOM   543  C CA  . LEU B 1 3  ? -5.599  16.014  -9.783  1.00 44.01 ? 3   LEU B CA  1 
ATOM   544  C C   . LEU B 1 3  ? -4.769  15.395  -8.679  1.00 43.80 ? 3   LEU B C   1 
ATOM   545  O O   . LEU B 1 3  ? -4.145  14.338  -8.854  1.00 44.62 ? 3   LEU B O   1 
ATOM   546  C CB  . LEU B 1 3  ? -6.904  15.226  -9.982  1.00 43.57 ? 3   LEU B CB  1 
ATOM   547  C CG  . LEU B 1 3  ? -8.023  15.368  -8.937  1.00 42.82 ? 3   LEU B CG  1 
ATOM   548  C CD1 . LEU B 1 3  ? -8.690  16.757  -8.840  1.00 42.79 ? 3   LEU B CD1 1 
ATOM   549  C CD2 . LEU B 1 3  ? -9.114  14.311  -9.174  1.00 43.86 ? 3   LEU B CD2 1 
ATOM   550  N N   . ALA B 1 4  ? -4.747  16.059  -7.532  1.00 43.82 ? 4   ALA B N   1 
ATOM   551  C CA  . ALA B 1 4  ? -4.047  15.512  -6.371  1.00 44.10 ? 4   ALA B CA  1 
ATOM   552  C C   . ALA B 1 4  ? -4.746  14.299  -5.780  1.00 45.04 ? 4   ALA B C   1 
ATOM   553  O O   . ALA B 1 4  ? -5.951  14.106  -5.965  1.00 44.59 ? 4   ALA B O   1 
ATOM   554  C CB  . ALA B 1 4  ? -3.923  16.598  -5.295  1.00 46.43 ? 4   ALA B CB  1 
ATOM   555  N N   . VAL B 1 5  ? -4.003  13.509  -5.008  1.00 43.75 ? 5   VAL B N   1 
ATOM   556  C CA  . VAL B 1 5  ? -4.592  12.382  -4.283  1.00 44.28 ? 5   VAL B CA  1 
ATOM   557  C C   . VAL B 1 5  ? -4.379  12.647  -2.793  1.00 45.09 ? 5   VAL B C   1 
ATOM   558  O O   . VAL B 1 5  ? -3.270  12.445  -2.295  1.00 45.98 ? 5   VAL B O   1 
ATOM   559  C CB  . VAL B 1 5  ? -3.924  11.033  -4.655  1.00 44.50 ? 5   VAL B CB  1 
ATOM   560  C CG1 . VAL B 1 5  ? -4.655  9.896   -3.940  1.00 44.33 ? 5   VAL B CG1 1 
ATOM   561  C CG2 . VAL B 1 5  ? -3.955  10.830  -6.163  1.00 46.46 ? 5   VAL B CG2 1 
ATOM   562  N N   . PRO B 1 6  ? -5.419  13.131  -2.102  1.00 45.44 ? 6   PRO B N   1 
ATOM   563  C CA  . PRO B 1 6  ? -5.328  13.393  -0.659  1.00 45.63 ? 6   PRO B CA  1 
ATOM   564  C C   . PRO B 1 6  ? -5.133  12.089  0.132   1.00 44.24 ? 6   PRO B C   1 
ATOM   565  O O   . PRO B 1 6  ? -5.569  11.005  -0.295  1.00 43.76 ? 6   PRO B O   1 
ATOM   566  C CB  . PRO B 1 6  ? -6.681  14.025  -0.320  1.00 45.46 ? 6   PRO B CB  1 
ATOM   567  C CG  . PRO B 1 6  ? -7.300  14.427  -1.675  1.00 46.43 ? 6   PRO B CG  1 
ATOM   568  C CD  . PRO B 1 6  ? -6.746  13.450  -2.666  1.00 46.89 ? 6   PRO B CD  1 
ATOM   569  N N   . GLY B 1 7  ? -4.474  12.203  1.280   1.00 44.13 ? 7   GLY B N   1 
ATOM   570  C CA  . GLY B 1 7  ? -4.296  11.077  2.192   1.00 44.21 ? 7   GLY B CA  1 
ATOM   571  C C   . GLY B 1 7  ? -4.555  11.580  3.594   1.00 44.50 ? 7   GLY B C   1 
ATOM   572  O O   . GLY B 1 7  ? -4.435  12.783  3.859   1.00 45.01 ? 7   GLY B O   1 
ATOM   573  N N   . LYS B 1 8  ? -4.959  10.671  4.474   1.00 44.32 ? 8   LYS B N   1 
ATOM   574  C CA  . LYS B 1 8  ? -5.333  11.054  5.828   1.00 44.93 ? 8   LYS B CA  1 
ATOM   575  C C   . LYS B 1 8  ? -4.207  10.784  6.815   1.00 44.88 ? 8   LYS B C   1 
ATOM   576  O O   . LYS B 1 8  ? -3.692  9.660   6.904   1.00 44.74 ? 8   LYS B O   1 
ATOM   577  C CB  . LYS B 1 8  ? -6.578  10.290  6.258   1.00 45.22 ? 8   LYS B CB  1 
ATOM   578  C CG  . LYS B 1 8  ? -7.220  10.865  7.519   1.00 47.08 ? 8   LYS B CG  1 
ATOM   579  C CD  . LYS B 1 8  ? -8.478  10.122  7.862   1.00 50.99 ? 8   LYS B CD  1 
ATOM   580  C CE  . LYS B 1 8  ? -9.251  10.890  8.918   1.00 51.97 ? 8   LYS B CE  1 
ATOM   581  N NZ  . LYS B 1 8  ? -10.030 9.954   9.771   1.00 53.68 ? 8   LYS B NZ  1 
ATOM   582  N N   . VAL B 1 9  ? -3.864  11.807  7.589   1.00 44.25 ? 9   VAL B N   1 
ATOM   583  C CA  . VAL B 1 9  ? -2.842  11.646  8.617   1.00 44.15 ? 9   VAL B CA  1 
ATOM   584  C C   . VAL B 1 9  ? -3.403  10.755  9.718   1.00 45.05 ? 9   VAL B C   1 
ATOM   585  O O   . VAL B 1 9  ? -4.463  11.027  10.286  1.00 44.39 ? 9   VAL B O   1 
ATOM   586  C CB  . VAL B 1 9  ? -2.352  13.005  9.162   1.00 44.13 ? 9   VAL B CB  1 
ATOM   587  C CG1 . VAL B 1 9  ? -1.231  12.778  10.190  1.00 42.83 ? 9   VAL B CG1 1 
ATOM   588  C CG2 . VAL B 1 9  ? -1.868  13.872  8.005   1.00 42.51 ? 9   VAL B CG2 1 
ATOM   589  N N   . ILE B 1 10 ? -2.717  9.657   10.012  1.00 45.30 ? 10  ILE B N   1 
ATOM   590  C CA  . ILE B 1 10 ? -3.233  8.829   11.087  1.00 46.07 ? 10  ILE B CA  1 
ATOM   591  C C   . ILE B 1 10 ? -2.353  8.880   12.329  1.00 45.62 ? 10  ILE B C   1 
ATOM   592  O O   . ILE B 1 10 ? -2.847  8.693   13.440  1.00 45.54 ? 10  ILE B O   1 
ATOM   593  C CB  . ILE B 1 10 ? -3.634  7.416   10.609  1.00 47.72 ? 10  ILE B CB  1 
ATOM   594  C CG1 . ILE B 1 10 ? -2.466  6.704   9.939   1.00 47.45 ? 10  ILE B CG1 1 
ATOM   595  C CG2 . ILE B 1 10 ? -4.765  7.527   9.579   1.00 46.81 ? 10  ILE B CG2 1 
ATOM   596  C CD1 . ILE B 1 10 ? -2.254  5.281   10.422  1.00 52.87 ? 10  ILE B CD1 1 
ATOM   597  N N   . GLU B 1 11 ? -1.076  9.203   12.148  1.00 45.15 ? 11  GLU B N   1 
ATOM   598  C CA  . GLU B 1 11 ? -0.144  9.309   13.270  1.00 45.62 ? 11  GLU B CA  1 
ATOM   599  C C   . GLU B 1 11 ? 0.940   10.352  12.989  1.00 45.25 ? 11  GLU B C   1 
ATOM   600  O O   . GLU B 1 11 ? 1.387   10.491  11.851  1.00 44.61 ? 11  GLU B O   1 
ATOM   601  C CB  . GLU B 1 11 ? 0.448   7.928   13.567  1.00 45.73 ? 11  GLU B CB  1 
ATOM   602  C CG  . GLU B 1 11 ? 1.628   7.928   14.489  1.00 48.03 ? 11  GLU B CG  1 
ATOM   603  C CD  . GLU B 1 11 ? 1.997   6.547   14.987  1.00 49.19 ? 11  GLU B CD  1 
ATOM   604  O OE1 . GLU B 1 11 ? 3.044   6.451   15.653  1.00 52.43 ? 11  GLU B OE1 1 
ATOM   605  O OE2 . GLU B 1 11 ? 1.253   5.575   14.736  1.00 50.23 ? 11  GLU B OE2 1 
ATOM   606  N N   . VAL B 1 12 ? 1.341   11.095  14.017  1.00 44.21 ? 12  VAL B N   1 
ATOM   607  C CA  . VAL B 1 12 ? 2.425   12.069  13.888  1.00 44.57 ? 12  VAL B CA  1 
ATOM   608  C C   . VAL B 1 12 ? 3.517   11.803  14.927  1.00 45.02 ? 12  VAL B C   1 
ATOM   609  O O   . VAL B 1 12 ? 3.213   11.652  16.107  1.00 44.59 ? 12  VAL B O   1 
ATOM   610  C CB  . VAL B 1 12 ? 1.894   13.509  14.057  1.00 44.76 ? 12  VAL B CB  1 
ATOM   611  C CG1 . VAL B 1 12 ? 3.039   14.509  14.114  1.00 44.96 ? 12  VAL B CG1 1 
ATOM   612  C CG2 . VAL B 1 12 ? 0.929   13.870  12.920  1.00 43.98 ? 12  VAL B CG2 1 
ATOM   613  N N   . ASN B 1 13 ? 4.772   11.755  14.481  1.00 45.66 ? 13  ASN B N   1 
ATOM   614  C CA  . ASN B 1 13 ? 5.938   11.531  15.339  1.00 46.67 ? 13  ASN B CA  1 
ATOM   615  C C   . ASN B 1 13 ? 7.117   12.401  14.903  1.00 46.76 ? 13  ASN B C   1 
ATOM   616  O O   . ASN B 1 13 ? 7.968   11.966  14.128  1.00 46.83 ? 13  ASN B O   1 
ATOM   617  C CB  . ASN B 1 13 ? 6.369   10.065  15.289  1.00 46.93 ? 13  ASN B CB  1 
ATOM   618  C CG  . ASN B 1 13 ? 5.282   9.115   15.745  1.00 48.07 ? 13  ASN B CG  1 
ATOM   619  O OD1 . ASN B 1 13 ? 5.022   8.969   16.939  1.00 48.79 ? 13  ASN B OD1 1 
ATOM   620  N ND2 . ASN B 1 13 ? 4.662   8.438   14.791  1.00 46.99 ? 13  ASN B ND2 1 
ATOM   621  N N   . GLY B 1 14 ? 7.155   13.637  15.388  1.00 46.76 ? 14  GLY B N   1 
ATOM   622  C CA  . GLY B 1 14 ? 8.226   14.563  15.044  1.00 46.96 ? 14  GLY B CA  1 
ATOM   623  C C   . GLY B 1 14 ? 8.125   15.082  13.622  1.00 46.83 ? 14  GLY B C   1 
ATOM   624  O O   . GLY B 1 14 ? 7.052   15.508  13.199  1.00 46.97 ? 14  GLY B O   1 
ATOM   625  N N   . PRO B 1 15 ? 9.253   15.071  12.890  1.00 46.77 ? 15  PRO B N   1 
ATOM   626  C CA  . PRO B 1 15 ? 9.329   15.449  11.477  1.00 46.39 ? 15  PRO B CA  1 
ATOM   627  C C   . PRO B 1 15 ? 8.586   14.533  10.502  1.00 45.56 ? 15  PRO B C   1 
ATOM   628  O O   . PRO B 1 15 ? 8.603   14.820  9.307   1.00 44.68 ? 15  PRO B O   1 
ATOM   629  C CB  . PRO B 1 15 ? 10.831  15.351  11.185  1.00 46.66 ? 15  PRO B CB  1 
ATOM   630  C CG  . PRO B 1 15 ? 11.338  14.363  12.177  1.00 47.45 ? 15  PRO B CG  1 
ATOM   631  C CD  . PRO B 1 15 ? 10.584  14.724  13.416  1.00 47.09 ? 15  PRO B CD  1 
ATOM   632  N N   . VAL B 1 16 ? 7.997   13.439  10.982  1.00 45.31 ? 16  VAL B N   1 
ATOM   633  C CA  . VAL B 1 16 ? 7.336   12.455  10.112  1.00 45.48 ? 16  VAL B CA  1 
ATOM   634  C C   . VAL B 1 16 ? 5.948   11.983  10.549  1.00 45.11 ? 16  VAL B C   1 
ATOM   635  O O   . VAL B 1 16 ? 5.688   11.787  11.730  1.00 44.63 ? 16  VAL B O   1 
ATOM   636  C CB  . VAL B 1 16 ? 8.198   11.188  9.863   1.00 45.22 ? 16  VAL B CB  1 
ATOM   637  C CG1 . VAL B 1 16 ? 9.439   11.513  9.038   1.00 46.57 ? 16  VAL B CG1 1 
ATOM   638  C CG2 . VAL B 1 16 ? 8.593   10.507  11.172  1.00 47.11 ? 16  VAL B CG2 1 
ATOM   639  N N   . ALA B 1 17 ? 5.074   11.748  9.572   1.00 45.58 ? 17  ALA B N   1 
ATOM   640  C CA  . ALA B 1 17 ? 3.723   11.269  9.829   1.00 45.13 ? 17  ALA B CA  1 
ATOM   641  C C   . ALA B 1 17 ? 3.489   9.959   9.093   1.00 44.80 ? 17  ALA B C   1 
ATOM   642  O O   . ALA B 1 17 ? 4.124   9.703   8.069   1.00 45.32 ? 17  ALA B O   1 
ATOM   643  C CB  . ALA B 1 17 ? 2.706   12.289  9.349   1.00 45.87 ? 17  ALA B CB  1 
ATOM   644  N N   . VAL B 1 18 ? 2.556   9.162   9.606   1.00 43.86 ? 18  VAL B N   1 
ATOM   645  C CA  . VAL B 1 18 ? 2.008   8.039   8.856   1.00 43.37 ? 18  VAL B CA  1 
ATOM   646  C C   . VAL B 1 18 ? 0.719   8.564   8.221   1.00 44.28 ? 18  VAL B C   1 
ATOM   647  O O   . VAL B 1 18 ? -0.147  9.106   8.912   1.00 43.65 ? 18  VAL B O   1 
ATOM   648  C CB  . VAL B 1 18 ? 1.686   6.826   9.757   1.00 42.74 ? 18  VAL B CB  1 
ATOM   649  C CG1 . VAL B 1 18 ? 1.136   5.688   8.921   1.00 43.07 ? 18  VAL B CG1 1 
ATOM   650  C CG2 . VAL B 1 18 ? 2.923   6.366   10.549  1.00 41.64 ? 18  VAL B CG2 1 
ATOM   651  N N   . VAL B 1 19 ? 0.590   8.394   6.910   1.00 43.16 ? 19  VAL B N   1 
ATOM   652  C CA  . VAL B 1 19 ? -0.554  8.921   6.169   1.00 44.22 ? 19  VAL B CA  1 
ATOM   653  C C   . VAL B 1 19 ? -1.147  7.789   5.331   1.00 45.17 ? 19  VAL B C   1 
ATOM   654  O O   . VAL B 1 19 ? -0.420  7.035   4.675   1.00 45.39 ? 19  VAL B O   1 
ATOM   655  C CB  . VAL B 1 19 ? -0.115  10.086  5.258   1.00 44.05 ? 19  VAL B CB  1 
ATOM   656  C CG1 . VAL B 1 19 ? -1.304  10.690  4.493   1.00 45.81 ? 19  VAL B CG1 1 
ATOM   657  C CG2 . VAL B 1 19 ? 0.576   11.163  6.092   1.00 42.92 ? 19  VAL B CG2 1 
ATOM   658  N N   . ASP B 1 20 ? -2.469  7.676   5.360   1.00 44.77 ? 20  ASP B N   1 
ATOM   659  C CA  . ASP B 1 20 ? -3.182  6.570   4.732   1.00 45.27 ? 20  ASP B CA  1 
ATOM   660  C C   . ASP B 1 20 ? -3.842  7.021   3.432   1.00 45.30 ? 20  ASP B C   1 
ATOM   661  O O   . ASP B 1 20 ? -4.641  7.968   3.416   1.00 45.80 ? 20  ASP B O   1 
ATOM   662  C CB  . ASP B 1 20 ? -4.233  6.073   5.729   1.00 45.07 ? 20  ASP B CB  1 
ATOM   663  C CG  . ASP B 1 20 ? -4.949  4.811   5.279   1.00 48.83 ? 20  ASP B CG  1 
ATOM   664  O OD1 . ASP B 1 20 ? -5.566  4.168   6.141   1.00 53.90 ? 20  ASP B OD1 1 
ATOM   665  O OD2 . ASP B 1 20 ? -4.950  4.457   4.086   1.00 54.48 ? 20  ASP B OD2 1 
ATOM   666  N N   . PHE B 1 21 ? -3.479  6.359   2.339   1.00 45.69 ? 21  PHE B N   1 
ATOM   667  C CA  . PHE B 1 21 ? -4.058  6.603   1.015   1.00 46.50 ? 21  PHE B CA  1 
ATOM   668  C C   . PHE B 1 21 ? -4.811  5.344   0.604   1.00 47.60 ? 21  PHE B C   1 
ATOM   669  O O   . PHE B 1 21 ? -4.219  4.386   0.087   1.00 47.19 ? 21  PHE B O   1 
ATOM   670  C CB  . PHE B 1 21 ? -2.945  6.851   -0.001  1.00 46.76 ? 21  PHE B CB  1 
ATOM   671  C CG  . PHE B 1 21 ? -2.108  8.043   0.297   1.00 46.55 ? 21  PHE B CG  1 
ATOM   672  C CD1 . PHE B 1 21 ? -1.014  7.938   1.154   1.00 45.45 ? 21  PHE B CD1 1 
ATOM   673  C CD2 . PHE B 1 21 ? -2.424  9.282   -0.259  1.00 43.84 ? 21  PHE B CD2 1 
ATOM   674  C CE1 . PHE B 1 21 ? -0.252  9.066   1.447   1.00 45.09 ? 21  PHE B CE1 1 
ATOM   675  C CE2 . PHE B 1 21 ? -1.651  10.407  0.005   1.00 44.29 ? 21  PHE B CE2 1 
ATOM   676  C CZ  . PHE B 1 21 ? -0.563  10.298  0.878   1.00 45.11 ? 21  PHE B CZ  1 
ATOM   677  N N   . GLY B 1 22 ? -6.114  5.327   0.868   1.00 48.36 ? 22  GLY B N   1 
ATOM   678  C CA  . GLY B 1 22 ? -6.959  4.170   0.561   1.00 47.69 ? 22  GLY B CA  1 
ATOM   679  C C   . GLY B 1 22 ? -6.484  2.822   1.074   1.00 47.92 ? 22  GLY B C   1 
ATOM   680  O O   . GLY B 1 22 ? -6.643  1.799   0.395   1.00 48.03 ? 22  GLY B O   1 
ATOM   681  N N   . GLY B 1 23 ? -5.926  2.815   2.284   1.00 45.11 ? 23  GLY B N   1 
ATOM   682  C CA  . GLY B 1 23 ? -5.518  1.594   2.959   1.00 45.59 ? 23  GLY B CA  1 
ATOM   683  C C   . GLY B 1 23 ? -4.017  1.408   2.948   1.00 44.61 ? 23  GLY B C   1 
ATOM   684  O O   . GLY B 1 23 ? -3.483  0.559   3.675   1.00 45.00 ? 23  GLY B O   1 
ATOM   685  N N   . VAL B 1 24 ? -3.355  2.175   2.088   1.00 44.53 ? 24  VAL B N   1 
ATOM   686  C CA  . VAL B 1 24 ? -1.893  2.102   1.949   1.00 45.01 ? 24  VAL B CA  1 
ATOM   687  C C   . VAL B 1 24 ? -1.298  3.176   2.840   1.00 43.11 ? 24  VAL B C   1 
ATOM   688  O O   . VAL B 1 24 ? -1.508  4.371   2.627   1.00 44.88 ? 24  VAL B O   1 
ATOM   689  C CB  . VAL B 1 24 ? -1.417  2.323   0.488   1.00 45.00 ? 24  VAL B CB  1 
ATOM   690  C CG1 . VAL B 1 24 ? 0.093   2.137   0.400   1.00 47.44 ? 24  VAL B CG1 1 
ATOM   691  C CG2 . VAL B 1 24 ? -2.056  1.298   -0.454  1.00 45.70 ? 24  VAL B CG2 1 
ATOM   692  N N   . LYS B 1 25 ? -0.555  2.743   3.851   1.00 43.32 ? 25  LYS B N   1 
ATOM   693  C CA  . LYS B 1 25 ? 0.049   3.690   4.774   1.00 43.66 ? 25  LYS B CA  1 
ATOM   694  C C   . LYS B 1 25 ? 1.493   3.969   4.375   1.00 42.76 ? 25  LYS B C   1 
ATOM   695  O O   . LYS B 1 25 ? 2.242   3.029   4.109   1.00 42.29 ? 25  LYS B O   1 
ATOM   696  C CB  . LYS B 1 25 ? -0.056  3.139   6.189   1.00 43.67 ? 25  LYS B CB  1 
ATOM   697  C CG  . LYS B 1 25 ? -1.525  3.192   6.654   1.00 48.40 ? 25  LYS B CG  1 
ATOM   698  C CD  . LYS B 1 25 ? -1.774  2.375   7.888   1.00 54.46 ? 25  LYS B CD  1 
ATOM   699  C CE  . LYS B 1 25 ? -2.640  1.161   7.590   1.00 59.11 ? 25  LYS B CE  1 
ATOM   700  N NZ  . LYS B 1 25 ? -1.967  0.122   6.763   1.00 61.68 ? 25  LYS B NZ  1 
ATOM   701  N N   . ARG B 1 26 ? 1.860   5.243   4.366   1.00 41.90 ? 26  ARG B N   1 
ATOM   702  C CA  . ARG B 1 26 ? 3.202   5.680   3.976   1.00 42.28 ? 26  ARG B CA  1 
ATOM   703  C C   . ARG B 1 26 ? 3.737   6.686   4.985   1.00 42.54 ? 26  ARG B C   1 
ATOM   704  O O   . ARG B 1 26 ? 2.978   7.270   5.766   1.00 43.39 ? 26  ARG B O   1 
ATOM   705  C CB  . ARG B 1 26 ? 3.163   6.339   2.588   1.00 41.72 ? 26  ARG B CB  1 
ATOM   706  C CG  . ARG B 1 26 ? 2.473   5.515   1.495   1.00 42.21 ? 26  ARG B CG  1 
ATOM   707  C CD  . ARG B 1 26 ? 2.521   6.276   0.150   1.00 43.59 ? 26  ARG B CD  1 
ATOM   708  N NE  . ARG B 1 26 ? 1.671   5.680   -0.888  1.00 44.58 ? 26  ARG B NE  1 
ATOM   709  C CZ  . ARG B 1 26 ? 1.962   4.558   -1.542  1.00 47.06 ? 26  ARG B CZ  1 
ATOM   710  N NH1 . ARG B 1 26 ? 3.086   3.895   -1.268  1.00 46.10 ? 26  ARG B NH1 1 
ATOM   711  N NH2 . ARG B 1 26 ? 1.114   4.077   -2.447  1.00 45.23 ? 26  ARG B NH2 1 
ATOM   712  N N   . GLU B 1 27 ? 5.046   6.915   4.942   1.00 42.86 ? 27  GLU B N   1 
ATOM   713  C CA  . GLU B 1 27 ? 5.678   7.914   5.791   1.00 42.30 ? 27  GLU B CA  1 
ATOM   714  C C   . GLU B 1 27 ? 5.807   9.213   5.003   1.00 41.68 ? 27  GLU B C   1 
ATOM   715  O O   . GLU B 1 27 ? 6.238   9.212   3.851   1.00 42.39 ? 27  GLU B O   1 
ATOM   716  C CB  . GLU B 1 27 ? 7.069   7.428   6.232   1.00 41.93 ? 27  GLU B CB  1 
ATOM   717  C CG  . GLU B 1 27 ? 7.627   8.215   7.404   1.00 44.64 ? 27  GLU B CG  1 
ATOM   718  C CD  . GLU B 1 27 ? 8.857   7.549   8.004   1.00 46.23 ? 27  GLU B CD  1 
ATOM   719  O OE1 . GLU B 1 27 ? 9.750   7.146   7.230   1.00 48.21 ? 27  GLU B OE1 1 
ATOM   720  O OE2 . GLU B 1 27 ? 8.932   7.420   9.241   1.00 44.18 ? 27  GLU B OE2 1 
ATOM   721  N N   . VAL B 1 28 ? 5.443   10.312  5.646   1.00 41.53 ? 28  VAL B N   1 
ATOM   722  C CA  . VAL B 1 28 ? 5.432   11.651  5.047   1.00 42.36 ? 28  VAL B CA  1 
ATOM   723  C C   . VAL B 1 28 ? 6.234   12.655  5.895   1.00 42.92 ? 28  VAL B C   1 
ATOM   724  O O   . VAL B 1 28 ? 6.054   12.722  7.108   1.00 42.96 ? 28  VAL B O   1 
ATOM   725  C CB  . VAL B 1 28 ? 3.968   12.118  4.895   1.00 41.80 ? 28  VAL B CB  1 
ATOM   726  C CG1 . VAL B 1 28 ? 3.870   13.588  4.511   1.00 43.22 ? 28  VAL B CG1 1 
ATOM   727  C CG2 . VAL B 1 28 ? 3.230   11.251  3.864   1.00 41.62 ? 28  VAL B CG2 1 
ATOM   728  N N   . ARG B 1 29 ? 7.104   13.434  5.258   1.00 43.06 ? 29  ARG B N   1 
ATOM   729  C CA  . ARG B 1 29 ? 7.873   14.459  5.960   1.00 43.86 ? 29  ARG B CA  1 
ATOM   730  C C   . ARG B 1 29 ? 7.032   15.707  6.205   1.00 44.01 ? 29  ARG B C   1 
ATOM   731  O O   . ARG B 1 29 ? 6.292   16.180  5.321   1.00 42.41 ? 29  ARG B O   1 
ATOM   732  C CB  . ARG B 1 29 ? 9.170   14.811  5.218   1.00 44.51 ? 29  ARG B CB  1 
ATOM   733  C CG  . ARG B 1 29 ? 10.232  13.715  5.231   1.00 46.39 ? 29  ARG B CG  1 
ATOM   734  C CD  . ARG B 1 29 ? 11.050  13.697  6.525   1.00 49.96 ? 29  ARG B CD  1 
ATOM   735  N NE  . ARG B 1 29 ? 11.823  14.924  6.713   1.00 54.67 ? 29  ARG B NE  1 
ATOM   736  C CZ  . ARG B 1 29 ? 12.949  15.210  6.067   1.00 56.31 ? 29  ARG B CZ  1 
ATOM   737  N NH1 . ARG B 1 29 ? 13.459  14.352  5.189   1.00 56.68 ? 29  ARG B NH1 1 
ATOM   738  N NH2 . ARG B 1 29 ? 13.572  16.357  6.303   1.00 56.87 ? 29  ARG B NH2 1 
ATOM   739  N N   . LEU B 1 30 ? 7.166   16.239  7.416   1.00 43.45 ? 30  LEU B N   1 
ATOM   740  C CA  . LEU B 1 30 ? 6.334   17.351  7.861   1.00 44.55 ? 30  LEU B CA  1 
ATOM   741  C C   . LEU B 1 30 ? 7.058   18.701  7.930   1.00 44.91 ? 30  LEU B C   1 
ATOM   742  O O   . LEU B 1 30 ? 6.518   19.666  8.476   1.00 45.23 ? 30  LEU B O   1 
ATOM   743  C CB  . LEU B 1 30 ? 5.680   17.018  9.207   1.00 44.06 ? 30  LEU B CB  1 
ATOM   744  C CG  . LEU B 1 30 ? 4.789   15.777  9.320   1.00 44.10 ? 30  LEU B CG  1 
ATOM   745  C CD1 . LEU B 1 30 ? 4.166   15.715  10.711  1.00 42.61 ? 30  LEU B CD1 1 
ATOM   746  C CD2 . LEU B 1 30 ? 3.708   15.740  8.250   1.00 44.43 ? 30  LEU B CD2 1 
ATOM   747  N N   . ASP B 1 31 ? 8.255   18.778  7.352   1.00 45.25 ? 31  ASP B N   1 
ATOM   748  C CA  . ASP B 1 31 ? 9.088   19.983  7.445   1.00 46.12 ? 31  ASP B CA  1 
ATOM   749  C C   . ASP B 1 31 ? 8.368   21.253  7.000   1.00 46.19 ? 31  ASP B C   1 
ATOM   750  O O   . ASP B 1 31 ? 8.586   22.325  7.574   1.00 45.90 ? 31  ASP B O   1 
ATOM   751  C CB  . ASP B 1 31 ? 10.383  19.836  6.636   1.00 46.21 ? 31  ASP B CB  1 
ATOM   752  C CG  . ASP B 1 31 ? 11.182  18.608  7.020   1.00 46.48 ? 31  ASP B CG  1 
ATOM   753  O OD1 . ASP B 1 31 ? 10.584  17.521  7.153   1.00 48.55 ? 31  ASP B OD1 1 
ATOM   754  O OD2 . ASP B 1 31 ? 12.416  18.715  7.182   1.00 49.13 ? 31  ASP B OD2 1 
ATOM   755  N N   . LEU B 1 32 ? 7.523   21.128  5.978   1.00 46.55 ? 32  LEU B N   1 
ATOM   756  C CA  . LEU B 1 32 ? 6.832   22.271  5.381   1.00 48.08 ? 32  LEU B CA  1 
ATOM   757  C C   . LEU B 1 32 ? 5.499   22.591  6.050   1.00 48.55 ? 32  LEU B C   1 
ATOM   758  O O   . LEU B 1 32 ? 4.991   23.704  5.930   1.00 49.49 ? 32  LEU B O   1 
ATOM   759  C CB  . LEU B 1 32 ? 6.621   22.055  3.880   1.00 47.73 ? 32  LEU B CB  1 
ATOM   760  C CG  . LEU B 1 32 ? 7.867   21.938  2.997   1.00 48.65 ? 32  LEU B CG  1 
ATOM   761  C CD1 . LEU B 1 32 ? 7.494   21.654  1.548   1.00 48.44 ? 32  LEU B CD1 1 
ATOM   762  C CD2 . LEU B 1 32 ? 8.739   23.186  3.100   1.00 49.83 ? 32  LEU B CD2 1 
ATOM   763  N N   . MET B 1 33 ? 4.945   21.609  6.754   1.00 49.09 ? 33  MET B N   1 
ATOM   764  C CA  . MET B 1 33 ? 3.675   21.759  7.453   1.00 49.76 ? 33  MET B CA  1 
ATOM   765  C C   . MET B 1 33 ? 3.844   21.266  8.890   1.00 49.69 ? 33  MET B C   1 
ATOM   766  O O   . MET B 1 33 ? 3.289   20.226  9.256   1.00 49.85 ? 33  MET B O   1 
ATOM   767  C CB  . MET B 1 33 ? 2.601   20.934  6.738   1.00 49.88 ? 33  MET B CB  1 
ATOM   768  C CG  . MET B 1 33 ? 2.347   21.316  5.282   1.00 53.68 ? 33  MET B CG  1 
ATOM   769  S SD  . MET B 1 33 ? 1.010   22.517  5.167   1.00 60.20 ? 33  MET B SD  1 
ATOM   770  C CE  . MET B 1 33 ? -0.338  21.401  5.539   1.00 57.89 ? 33  MET B CE  1 
ATOM   771  N N   . PRO B 1 34 ? 4.603   22.003  9.719   1.00 49.75 ? 34  PRO B N   1 
ATOM   772  C CA  . PRO B 1 34 ? 4.963   21.495  11.043  1.00 49.82 ? 34  PRO B CA  1 
ATOM   773  C C   . PRO B 1 34 ? 3.758   21.394  11.972  1.00 49.85 ? 34  PRO B C   1 
ATOM   774  O O   . PRO B 1 34 ? 3.842   20.798  13.045  1.00 50.47 ? 34  PRO B O   1 
ATOM   775  C CB  . PRO B 1 34 ? 5.939   22.545  11.589  1.00 49.77 ? 34  PRO B CB  1 
ATOM   776  C CG  . PRO B 1 34 ? 6.269   23.445  10.462  1.00 49.68 ? 34  PRO B CG  1 
ATOM   777  C CD  . PRO B 1 34 ? 5.122   23.366  9.503   1.00 49.74 ? 34  PRO B CD  1 
ATOM   778  N N   . ASP B 1 35 ? 2.648   21.972  11.533  1.00 50.16 ? 35  ASP B N   1 
ATOM   779  C CA  . ASP B 1 35 ? 1.412   22.043  12.301  1.00 50.44 ? 35  ASP B CA  1 
ATOM   780  C C   . ASP B 1 35 ? 0.528   20.805  12.129  1.00 49.76 ? 35  ASP B C   1 
ATOM   781  O O   . ASP B 1 35 ? -0.479  20.666  12.823  1.00 49.84 ? 35  ASP B O   1 
ATOM   782  C CB  . ASP B 1 35 ? 0.646   23.304  11.890  1.00 51.23 ? 35  ASP B CB  1 
ATOM   783  C CG  . ASP B 1 35 ? 0.938   23.736  10.452  1.00 52.97 ? 35  ASP B CG  1 
ATOM   784  O OD1 . ASP B 1 35 ? 1.108   24.961  10.243  1.00 56.67 ? 35  ASP B OD1 1 
ATOM   785  O OD2 . ASP B 1 35 ? 1.014   22.878  9.543   1.00 53.01 ? 35  ASP B OD2 1 
ATOM   786  N N   . THR B 1 36 ? 0.917   19.908  11.225  1.00 48.39 ? 36  THR B N   1 
ATOM   787  C CA  . THR B 1 36 ? 0.148   18.708  10.905  1.00 47.65 ? 36  THR B CA  1 
ATOM   788  C C   . THR B 1 36 ? -0.204  17.860  12.127  1.00 47.21 ? 36  THR B C   1 
ATOM   789  O O   . THR B 1 36 ? 0.663   17.528  12.939  1.00 46.92 ? 36  THR B O   1 
ATOM   790  C CB  . THR B 1 36 ? 0.888   17.830  9.868   1.00 47.81 ? 36  THR B CB  1 
ATOM   791  O OG1 . THR B 1 36 ? 1.168   18.612  8.699   1.00 47.49 ? 36  THR B OG1 1 
ATOM   792  C CG2 . THR B 1 36 ? 0.042   16.635  9.464   1.00 46.81 ? 36  THR B CG2 1 
ATOM   793  N N   . LYS B 1 37 ? -1.484  17.517  12.248  1.00 46.37 ? 37  LYS B N   1 
ATOM   794  C CA  . LYS B 1 37 ? -1.946  16.666  13.340  1.00 46.02 ? 37  LYS B CA  1 
ATOM   795  C C   . LYS B 1 37 ? -2.751  15.484  12.793  1.00 45.94 ? 37  LYS B C   1 
ATOM   796  O O   . LYS B 1 37 ? -3.226  15.540  11.653  1.00 45.07 ? 37  LYS B O   1 
ATOM   797  C CB  . LYS B 1 37 ? -2.735  17.494  14.360  1.00 46.77 ? 37  LYS B CB  1 
ATOM   798  C CG  . LYS B 1 37 ? -4.155  17.867  13.976  1.00 46.79 ? 37  LYS B CG  1 
ATOM   799  C CD  . LYS B 1 37 ? -4.868  18.452  15.187  1.00 48.12 ? 37  LYS B CD  1 
ATOM   800  C CE  . LYS B 1 37 ? -6.370  18.564  14.957  1.00 48.92 ? 37  LYS B CE  1 
ATOM   801  N NZ  . LYS B 1 37 ? -7.114  18.437  16.240  1.00 50.93 ? 37  LYS B NZ  1 
ATOM   802  N N   . PRO B 1 38 ? -2.887  14.401  13.582  1.00 45.61 ? 38  PRO B N   1 
ATOM   803  C CA  . PRO B 1 38 ? -3.686  13.259  13.129  1.00 45.30 ? 38  PRO B CA  1 
ATOM   804  C C   . PRO B 1 38 ? -5.105  13.706  12.792  1.00 44.83 ? 38  PRO B C   1 
ATOM   805  O O   . PRO B 1 38 ? -5.650  14.570  13.480  1.00 45.19 ? 38  PRO B O   1 
ATOM   806  C CB  . PRO B 1 38 ? -3.717  12.340  14.355  1.00 45.43 ? 38  PRO B CB  1 
ATOM   807  C CG  . PRO B 1 38 ? -2.513  12.707  15.147  1.00 45.35 ? 38  PRO B CG  1 
ATOM   808  C CD  . PRO B 1 38 ? -2.318  14.176  14.925  1.00 45.32 ? 38  PRO B CD  1 
ATOM   809  N N   . GLY B 1 39 ? -5.692  13.128  11.749  1.00 44.58 ? 39  GLY B N   1 
ATOM   810  C CA  . GLY B 1 39 ? -7.027  13.521  11.311  1.00 44.49 ? 39  GLY B CA  1 
ATOM   811  C C   . GLY B 1 39 ? -6.987  14.434  10.096  1.00 44.42 ? 39  GLY B C   1 
ATOM   812  O O   . GLY B 1 39 ? -7.933  14.485  9.316   1.00 44.88 ? 39  GLY B O   1 
ATOM   813  N N   . ASP B 1 40 ? -5.876  15.139  9.915   1.00 44.31 ? 40  ASP B N   1 
ATOM   814  C CA  . ASP B 1 40 ? -5.712  16.031  8.771   1.00 43.95 ? 40  ASP B CA  1 
ATOM   815  C C   . ASP B 1 40 ? -5.680  15.277  7.446   1.00 44.08 ? 40  ASP B C   1 
ATOM   816  O O   . ASP B 1 40 ? -5.195  14.144  7.370   1.00 44.08 ? 40  ASP B O   1 
ATOM   817  C CB  . ASP B 1 40 ? -4.414  16.825  8.905   1.00 43.89 ? 40  ASP B CB  1 
ATOM   818  C CG  . ASP B 1 40 ? -4.485  17.907  9.964   1.00 42.96 ? 40  ASP B CG  1 
ATOM   819  O OD1 . ASP B 1 40 ? -5.554  18.140  10.568  1.00 42.38 ? 40  ASP B OD1 1 
ATOM   820  O OD2 . ASP B 1 40 ? -3.429  18.530  10.180  1.00 42.27 ? 40  ASP B OD2 1 
ATOM   821  N N   . TRP B 1 41 ? -6.234  15.909  6.418   1.00 43.72 ? 41  TRP B N   1 
ATOM   822  C CA  . TRP B 1 41 ? -6.092  15.461  5.034   1.00 43.60 ? 41  TRP B CA  1 
ATOM   823  C C   . TRP B 1 41 ? -4.973  16.301  4.419   1.00 43.36 ? 41  TRP B C   1 
ATOM   824  O O   . TRP B 1 41 ? -4.985  17.526  4.514   1.00 43.47 ? 41  TRP B O   1 
ATOM   825  C CB  . TRP B 1 41 ? -7.412  15.637  4.270   1.00 44.27 ? 41  TRP B CB  1 
ATOM   826  C CG  . TRP B 1 41 ? -8.478  14.629  4.627   1.00 44.88 ? 41  TRP B CG  1 
ATOM   827  C CD1 . TRP B 1 41 ? -9.486  14.786  5.531   1.00 46.72 ? 41  TRP B CD1 1 
ATOM   828  C CD2 . TRP B 1 41 ? -8.614  13.302  4.099   1.00 44.81 ? 41  TRP B CD2 1 
ATOM   829  N NE1 . TRP B 1 41 ? -10.253 13.641  5.587   1.00 48.36 ? 41  TRP B NE1 1 
ATOM   830  C CE2 . TRP B 1 41 ? -9.738  12.717  4.715   1.00 46.61 ? 41  TRP B CE2 1 
ATOM   831  C CE3 . TRP B 1 41 ? -7.919  12.569  3.129   1.00 44.31 ? 41  TRP B CE3 1 
ATOM   832  C CZ2 . TRP B 1 41 ? -10.174 11.430  4.406   1.00 46.58 ? 41  TRP B CZ2 1 
ATOM   833  C CZ3 . TRP B 1 41 ? -8.344  11.281  2.832   1.00 46.95 ? 41  TRP B CZ3 1 
ATOM   834  C CH2 . TRP B 1 41 ? -9.455  10.726  3.472   1.00 45.26 ? 41  TRP B CH2 1 
ATOM   835  N N   . VAL B 1 42 ? -3.971  15.642  3.842   1.00 44.05 ? 42  VAL B N   1 
ATOM   836  C CA  . VAL B 1 42 ? -2.841  16.342  3.248   1.00 43.77 ? 42  VAL B CA  1 
ATOM   837  C C   . VAL B 1 42 ? -2.621  15.894  1.806   1.00 44.19 ? 42  VAL B C   1 
ATOM   838  O O   . VAL B 1 42 ? -3.023  14.794  1.421   1.00 45.58 ? 42  VAL B O   1 
ATOM   839  C CB  . VAL B 1 42 ? -1.518  16.139  4.033   1.00 43.75 ? 42  VAL B CB  1 
ATOM   840  C CG1 . VAL B 1 42 ? -1.612  16.744  5.428   1.00 42.43 ? 42  VAL B CG1 1 
ATOM   841  C CG2 . VAL B 1 42 ? -1.109  14.647  4.114   1.00 42.48 ? 42  VAL B CG2 1 
ATOM   842  N N   . ILE B 1 43 ? -2.030  16.791  1.022   1.00 44.11 ? 43  ILE B N   1 
ATOM   843  C CA  . ILE B 1 43 ? -1.420  16.459  -0.261  1.00 44.99 ? 43  ILE B CA  1 
ATOM   844  C C   . ILE B 1 43 ? 0.096   16.455  -0.095  1.00 44.89 ? 43  ILE B C   1 
ATOM   845  O O   . ILE B 1 43 ? 0.656   17.274  0.639   1.00 45.45 ? 43  ILE B O   1 
ATOM   846  C CB  . ILE B 1 43 ? -1.824  17.502  -1.329  1.00 45.13 ? 43  ILE B CB  1 
ATOM   847  C CG1 . ILE B 1 43 ? -3.327  17.392  -1.593  1.00 45.60 ? 43  ILE B CG1 1 
ATOM   848  C CG2 . ILE B 1 43 ? -1.051  17.264  -2.616  1.00 46.98 ? 43  ILE B CG2 1 
ATOM   849  C CD1 . ILE B 1 43 ? -3.941  18.599  -2.310  1.00 47.16 ? 43  ILE B CD1 1 
ATOM   850  N N   . VAL B 1 44 ? 0.749   15.541  -0.804  1.00 44.65 ? 44  VAL B N   1 
ATOM   851  C CA  . VAL B 1 44 ? 2.171   15.289  -0.620  1.00 44.28 ? 44  VAL B CA  1 
ATOM   852  C C   . VAL B 1 44 ? 2.838   15.508  -1.966  1.00 44.21 ? 44  VAL B C   1 
ATOM   853  O O   . VAL B 1 44 ? 2.253   15.200  -3.005  1.00 42.67 ? 44  VAL B O   1 
ATOM   854  C CB  . VAL B 1 44 ? 2.408   13.830  -0.165  1.00 44.19 ? 44  VAL B CB  1 
ATOM   855  C CG1 . VAL B 1 44 ? 3.894   13.520  -0.081  1.00 43.94 ? 44  VAL B CG1 1 
ATOM   856  C CG2 . VAL B 1 44 ? 1.746   13.541  1.176   1.00 44.90 ? 44  VAL B CG2 1 
ATOM   857  N N   . HIS B 1 45 ? 4.048   16.056  -1.934  1.00 43.38 ? 45  HIS B N   1 
ATOM   858  C CA  . HIS B 1 45 ? 4.901   16.170  -3.111  1.00 44.52 ? 45  HIS B CA  1 
ATOM   859  C C   . HIS B 1 45 ? 6.321   15.845  -2.660  1.00 43.38 ? 45  HIS B C   1 
ATOM   860  O O   . HIS B 1 45 ? 6.765   16.317  -1.615  1.00 43.66 ? 45  HIS B O   1 
ATOM   861  C CB  . HIS B 1 45 ? 4.838   17.576  -3.707  1.00 43.34 ? 45  HIS B CB  1 
ATOM   862  C CG  . HIS B 1 45 ? 5.550   17.711  -5.018  1.00 48.93 ? 45  HIS B CG  1 
ATOM   863  N ND1 . HIS B 1 45 ? 5.062   17.169  -6.188  1.00 51.18 ? 45  HIS B ND1 1 
ATOM   864  C CD2 . HIS B 1 45 ? 6.708   18.332  -5.345  1.00 51.43 ? 45  HIS B CD2 1 
ATOM   865  C CE1 . HIS B 1 45 ? 5.893   17.447  -7.178  1.00 52.62 ? 45  HIS B CE1 1 
ATOM   866  N NE2 . HIS B 1 45 ? 6.897   18.158  -6.695  1.00 51.65 ? 45  HIS B NE2 1 
ATOM   867  N N   . THR B 1 46 ? 7.005   15.025  -3.452  1.00 43.88 ? 46  THR B N   1 
ATOM   868  C CA  . THR B 1 46 ? 8.348   14.531  -3.155  1.00 44.52 ? 46  THR B CA  1 
ATOM   869  C C   . THR B 1 46 ? 8.470   13.988  -1.731  1.00 43.98 ? 46  THR B C   1 
ATOM   870  O O   . THR B 1 46 ? 9.498   14.164  -1.063  1.00 43.83 ? 46  THR B O   1 
ATOM   871  C CB  . THR B 1 46 ? 9.433   15.601  -3.409  1.00 44.24 ? 46  THR B CB  1 
ATOM   872  O OG1 . THR B 1 46 ? 9.100   16.343  -4.588  1.00 48.10 ? 46  THR B OG1 1 
ATOM   873  C CG2 . THR B 1 46 ? 10.783  14.943  -3.614  1.00 46.59 ? 46  THR B CG2 1 
ATOM   874  N N   . GLY B 1 47 ? 7.420   13.307  -1.282  1.00 44.19 ? 47  GLY B N   1 
ATOM   875  C CA  . GLY B 1 47 ? 7.377   12.764  0.066   1.00 44.22 ? 47  GLY B CA  1 
ATOM   876  C C   . GLY B 1 47 ? 7.134   13.759  1.190   1.00 44.11 ? 47  GLY B C   1 
ATOM   877  O O   . GLY B 1 47 ? 7.194   13.378  2.361   1.00 44.14 ? 47  GLY B O   1 
ATOM   878  N N   . PHE B 1 48 ? 6.924   15.032  0.854   1.00 43.54 ? 48  PHE B N   1 
ATOM   879  C CA  . PHE B 1 48 ? 6.683   16.076  1.847   1.00 43.57 ? 48  PHE B CA  1 
ATOM   880  C C   . PHE B 1 48 ? 5.217   16.494  1.836   1.00 43.99 ? 48  PHE B C   1 
ATOM   881  O O   . PHE B 1 48 ? 4.663   16.750  0.766   1.00 42.88 ? 48  PHE B O   1 
ATOM   882  C CB  . PHE B 1 48 ? 7.535   17.320  1.541   1.00 44.36 ? 48  PHE B CB  1 
ATOM   883  C CG  . PHE B 1 48 ? 8.947   17.224  2.040   1.00 44.96 ? 48  PHE B CG  1 
ATOM   884  C CD1 . PHE B 1 48 ? 9.895   16.498  1.335   1.00 46.43 ? 48  PHE B CD1 1 
ATOM   885  C CD2 . PHE B 1 48 ? 9.318   17.840  3.225   1.00 44.72 ? 48  PHE B CD2 1 
ATOM   886  C CE1 . PHE B 1 48 ? 11.188  16.382  1.803   1.00 46.70 ? 48  PHE B CE1 1 
ATOM   887  C CE2 . PHE B 1 48 ? 10.618  17.749  3.695   1.00 46.40 ? 48  PHE B CE2 1 
ATOM   888  C CZ  . PHE B 1 48 ? 11.556  17.015  2.985   1.00 46.87 ? 48  PHE B CZ  1 
ATOM   889  N N   . ALA B 1 49 ? 4.595   16.614  3.007   1.00 43.48 ? 49  ALA B N   1 
ATOM   890  C CA  . ALA B 1 49 ? 3.257   17.212  3.041   1.00 43.17 ? 49  ALA B CA  1 
ATOM   891  C C   . ALA B 1 49 ? 3.390   18.665  2.605   1.00 43.12 ? 49  ALA B C   1 
ATOM   892  O O   . ALA B 1 49 ? 4.262   19.373  3.103   1.00 41.22 ? 49  ALA B O   1 
ATOM   893  C CB  . ALA B 1 49 ? 2.670   17.127  4.434   1.00 43.62 ? 49  ALA B CB  1 
ATOM   894  N N   . ILE B 1 50 ? 2.564   19.088  1.654   1.00 43.52 ? 50  ILE B N   1 
ATOM   895  C CA  . ILE B 1 50 ? 2.640   20.453  1.131   1.00 44.36 ? 50  ILE B CA  1 
ATOM   896  C C   . ILE B 1 50 ? 1.347   21.243  1.309   1.00 44.67 ? 50  ILE B C   1 
ATOM   897  O O   . ILE B 1 50 ? 1.341   22.456  1.137   1.00 44.56 ? 50  ILE B O   1 
ATOM   898  C CB  . ILE B 1 50 ? 3.057   20.504  -0.365  1.00 45.07 ? 50  ILE B CB  1 
ATOM   899  C CG1 . ILE B 1 50 ? 2.097   19.693  -1.241  1.00 44.61 ? 50  ILE B CG1 1 
ATOM   900  C CG2 . ILE B 1 50 ? 4.514   20.081  -0.535  1.00 45.17 ? 50  ILE B CG2 1 
ATOM   901  C CD1 . ILE B 1 50 ? 2.058   20.155  -2.690  1.00 47.01 ? 50  ILE B CD1 1 
ATOM   902  N N   . GLU B 1 51 ? 0.246   20.568  1.624   1.00 44.90 ? 51  GLU B N   1 
ATOM   903  C CA  . GLU B 1 51 ? -1.017  21.272  1.807   1.00 46.01 ? 51  GLU B CA  1 
ATOM   904  C C   . GLU B 1 51 ? -1.975  20.507  2.699   1.00 45.06 ? 51  GLU B C   1 
ATOM   905  O O   . GLU B 1 51 ? -1.974  19.283  2.670   1.00 45.06 ? 51  GLU B O   1 
ATOM   906  C CB  . GLU B 1 51 ? -1.729  21.450  0.476   1.00 46.08 ? 51  GLU B CB  1 
ATOM   907  C CG  . GLU B 1 51 ? -2.709  22.594  0.576   1.00 51.62 ? 51  GLU B CG  1 
ATOM   908  C CD  . GLU B 1 51 ? -3.059  23.124  -0.785  1.00 56.42 ? 51  GLU B CD  1 
ATOM   909  O OE1 . GLU B 1 51 ? -2.237  23.882  -1.342  1.00 57.98 ? 51  GLU B OE1 1 
ATOM   910  O OE2 . GLU B 1 51 ? -4.149  22.761  -1.270  1.00 60.14 ? 51  GLU B OE2 1 
ATOM   911  N N   . LYS B 1 52 ? -2.768  21.233  3.484   1.00 43.49 ? 52  LYS B N   1 
ATOM   912  C CA  . LYS B 1 52 ? -3.864  20.629  4.230   1.00 43.16 ? 52  LYS B CA  1 
ATOM   913  C C   . LYS B 1 52 ? -5.178  20.866  3.486   1.00 43.72 ? 52  LYS B C   1 
ATOM   914  O O   . LYS B 1 52 ? -5.420  21.966  2.972   1.00 43.33 ? 52  LYS B O   1 
ATOM   915  C CB  . LYS B 1 52 ? -3.912  21.202  5.656   1.00 43.44 ? 52  LYS B CB  1 
ATOM   916  C CG  . LYS B 1 52 ? -5.066  20.712  6.514   1.00 43.26 ? 52  LYS B CG  1 
ATOM   917  C CD  . LYS B 1 52 ? -4.877  21.125  7.969   1.00 43.46 ? 52  LYS B CD  1 
ATOM   918  C CE  . LYS B 1 52 ? -6.174  21.650  8.554   1.00 43.67 ? 52  LYS B CE  1 
ATOM   919  N NZ  . LYS B 1 52 ? -5.963  22.260  9.904   1.00 45.33 ? 52  LYS B NZ  1 
ATOM   920  N N   . LEU B 1 53 ? -6.026  19.847  3.410   1.00 43.81 ? 53  LEU B N   1 
ATOM   921  C CA  . LEU B 1 53 ? -7.360  20.027  2.826   1.00 45.87 ? 53  LEU B CA  1 
ATOM   922  C C   . LEU B 1 53 ? -8.413  19.831  3.901   1.00 46.37 ? 53  LEU B C   1 
ATOM   923  O O   . LEU B 1 53 ? -8.209  19.048  4.821   1.00 46.12 ? 53  LEU B O   1 
ATOM   924  C CB  . LEU B 1 53 ? -7.625  19.002  1.719   1.00 45.38 ? 53  LEU B CB  1 
ATOM   925  C CG  . LEU B 1 53 ? -6.849  19.109  0.405   1.00 46.94 ? 53  LEU B CG  1 
ATOM   926  C CD1 . LEU B 1 53 ? -7.189  17.919  -0.489  1.00 49.10 ? 53  LEU B CD1 1 
ATOM   927  C CD2 . LEU B 1 53 ? -7.129  20.426  -0.307  1.00 48.29 ? 53  LEU B CD2 1 
ATOM   928  N N   . ASP B 1 54 ? -9.548  20.512  3.781   1.00 47.57 ? 54  ASP B N   1 
ATOM   929  C CA  . ASP B 1 54 ? -10.659 20.162  4.656   1.00 48.69 ? 54  ASP B CA  1 
ATOM   930  C C   . ASP B 1 54 ? -11.355 18.896  4.165   1.00 48.70 ? 54  ASP B C   1 
ATOM   931  O O   . ASP B 1 54 ? -11.158 18.455  3.026   1.00 49.18 ? 54  ASP B O   1 
ATOM   932  C CB  . ASP B 1 54 ? -11.609 21.338  4.925   1.00 48.81 ? 54  ASP B CB  1 
ATOM   933  C CG  . ASP B 1 54 ? -12.534 21.652  3.764   1.00 50.65 ? 54  ASP B CG  1 
ATOM   934  O OD1 . ASP B 1 54 ? -13.690 22.039  4.034   1.00 54.29 ? 54  ASP B OD1 1 
ATOM   935  O OD2 . ASP B 1 54 ? -12.119 21.562  2.594   1.00 52.82 ? 54  ASP B OD2 1 
ATOM   936  N N   . GLU B 1 55 ? -12.109 18.279  5.067   1.00 49.21 ? 55  GLU B N   1 
ATOM   937  C CA  . GLU B 1 55 ? -12.725 16.983  4.821   1.00 49.30 ? 55  GLU B CA  1 
ATOM   938  C C   . GLU B 1 55 ? -13.566 17.016  3.550   1.00 48.73 ? 55  GLU B C   1 
ATOM   939  O O   . GLU B 1 55 ? -13.412 16.147  2.691   1.00 49.55 ? 55  GLU B O   1 
ATOM   940  C CB  . GLU B 1 55 ? -13.578 16.564  6.017   1.00 49.70 ? 55  GLU B CB  1 
ATOM   941  N N   . LYS B 1 56 ? -14.417 18.030  3.422   1.00 48.42 ? 56  LYS B N   1 
ATOM   942  C CA  . LYS B 1 56 ? -15.309 18.119  2.276   1.00 47.97 ? 56  LYS B CA  1 
ATOM   943  C C   . LYS B 1 56 ? -14.522 18.093  0.967   1.00 47.00 ? 56  LYS B C   1 
ATOM   944  O O   . LYS B 1 56 ? -14.896 17.377  0.035   1.00 46.87 ? 56  LYS B O   1 
ATOM   945  C CB  . LYS B 1 56 ? -16.195 19.363  2.338   1.00 48.27 ? 56  LYS B CB  1 
ATOM   946  C CG  . LYS B 1 56 ? -17.387 19.290  1.393   1.00 50.31 ? 56  LYS B CG  1 
ATOM   947  C CD  . LYS B 1 56 ? -18.095 20.624  1.200   1.00 51.23 ? 56  LYS B CD  1 
ATOM   948  C CE  . LYS B 1 56 ? -18.814 20.644  -0.144  1.00 52.41 ? 56  LYS B CE  1 
ATOM   949  N NZ  . LYS B 1 56 ? -18.003 19.918  -1.176  1.00 55.20 ? 56  LYS B NZ  1 
ATOM   950  N N   . LYS B 1 57 ? -13.442 18.867  0.903   1.00 45.72 ? 57  LYS B N   1 
ATOM   951  C CA  . LYS B 1 57 ? -12.685 19.005  -0.333  1.00 44.75 ? 57  LYS B CA  1 
ATOM   952  C C   . LYS B 1 57 ? -11.982 17.693  -0.616  1.00 44.07 ? 57  LYS B C   1 
ATOM   953  O O   . LYS B 1 57 ? -11.953 17.244  -1.754  1.00 44.09 ? 57  LYS B O   1 
ATOM   954  C CB  . LYS B 1 57 ? -11.646 20.127  -0.248  1.00 44.64 ? 57  LYS B CB  1 
ATOM   955  C CG  . LYS B 1 57 ? -10.847 20.369  -1.530  1.00 46.11 ? 57  LYS B CG  1 
ATOM   956  C CD  . LYS B 1 57 ? -11.786 20.398  -2.740  1.00 50.65 ? 57  LYS B CD  1 
ATOM   957  C CE  . LYS B 1 57 ? -11.365 21.373  -3.828  1.00 51.39 ? 57  LYS B CE  1 
ATOM   958  N NZ  . LYS B 1 57 ? -12.556 21.874  -4.564  1.00 50.75 ? 57  LYS B NZ  1 
ATOM   959  N N   . ALA B 1 58 ? -11.409 17.094  0.424   1.00 43.52 ? 58  ALA B N   1 
ATOM   960  C CA  . ALA B 1 58 ? -10.704 15.831  0.283   1.00 44.11 ? 58  ALA B CA  1 
ATOM   961  C C   . ALA B 1 58 ? -11.608 14.753  -0.315  1.00 44.02 ? 58  ALA B C   1 
ATOM   962  O O   . ALA B 1 58 ? -11.227 14.079  -1.277  1.00 44.85 ? 58  ALA B O   1 
ATOM   963  C CB  . ALA B 1 58 ? -10.168 15.393  1.646   1.00 44.12 ? 58  ALA B CB  1 
ATOM   964  N N   . MET B 1 59 ? -12.792 14.587  0.262   1.00 44.19 ? 59  MET B N   1 
ATOM   965  C CA  . MET B 1 59 ? -13.760 13.588  -0.188  1.00 45.62 ? 59  MET B CA  1 
ATOM   966  C C   . MET B 1 59 ? -14.185 13.830  -1.636  1.00 45.02 ? 59  MET B C   1 
ATOM   967  O O   . MET B 1 59 ? -14.334 12.898  -2.424  1.00 44.84 ? 59  MET B O   1 
ATOM   968  C CB  . MET B 1 59 ? -15.000 13.595  0.713   1.00 46.69 ? 59  MET B CB  1 
ATOM   969  C CG  . MET B 1 59 ? -14.766 13.061  2.125   1.00 51.05 ? 59  MET B CG  1 
ATOM   970  S SD  . MET B 1 59 ? -14.135 11.372  2.162   1.00 59.03 ? 59  MET B SD  1 
ATOM   971  C CE  . MET B 1 59 ? -15.661 10.470  1.901   1.00 57.07 ? 59  MET B CE  1 
ATOM   972  N N   . GLU B 1 60 ? -14.402 15.099  -1.966  1.00 44.52 ? 60  GLU B N   1 
ATOM   973  C CA  . GLU B 1 60 ? -14.811 15.503  -3.306  1.00 43.89 ? 60  GLU B CA  1 
ATOM   974  C C   . GLU B 1 60 ? -13.809 14.982  -4.338  1.00 43.48 ? 60  GLU B C   1 
ATOM   975  O O   . GLU B 1 60 ? -14.176 14.451  -5.390  1.00 42.35 ? 60  GLU B O   1 
ATOM   976  C CB  . GLU B 1 60 ? -14.829 17.027  -3.332  1.00 44.28 ? 60  GLU B CB  1 
ATOM   977  C CG  . GLU B 1 60 ? -14.858 17.657  -4.698  1.00 48.06 ? 60  GLU B CG  1 
ATOM   978  C CD  . GLU B 1 60 ? -14.850 19.168  -4.602  1.00 51.41 ? 60  GLU B CD  1 
ATOM   979  O OE1 . GLU B 1 60 ? -15.653 19.737  -3.831  1.00 51.67 ? 60  GLU B OE1 1 
ATOM   980  O OE2 . GLU B 1 60 ? -14.015 19.781  -5.294  1.00 52.64 ? 60  GLU B OE2 1 
ATOM   981  N N   . ILE B 1 61 ? -12.537 15.208  -4.042  1.00 42.15 ? 61  ILE B N   1 
ATOM   982  C CA  . ILE B 1 61 ? -11.455 14.823  -4.946  1.00 42.57 ? 61  ILE B CA  1 
ATOM   983  C C   . ILE B 1 61 ? -11.350 13.307  -5.038  1.00 43.22 ? 61  ILE B C   1 
ATOM   984  O O   . ILE B 1 61 ? -11.153 12.740  -6.116  1.00 43.05 ? 61  ILE B O   1 
ATOM   985  C CB  . ILE B 1 61 ? -10.126 15.456  -4.483  1.00 42.22 ? 61  ILE B CB  1 
ATOM   986  C CG1 . ILE B 1 61 ? -10.134 16.959  -4.793  1.00 43.03 ? 61  ILE B CG1 1 
ATOM   987  C CG2 . ILE B 1 61 ? -8.925  14.760  -5.149  1.00 42.56 ? 61  ILE B CG2 1 
ATOM   988  C CD1 . ILE B 1 61 ? -9.007  17.756  -4.095  1.00 43.60 ? 61  ILE B CD1 1 
ATOM   989  N N   . LEU B 1 62 ? -11.475 12.645  -3.892  1.00 43.06 ? 62  LEU B N   1 
ATOM   990  C CA  . LEU B 1 62 ? -11.444 11.185  -3.852  1.00 44.20 ? 62  LEU B CA  1 
ATOM   991  C C   . LEU B 1 62 ? -12.606 10.536  -4.601  1.00 43.42 ? 62  LEU B C   1 
ATOM   992  O O   . LEU B 1 62 ? -12.468 9.424   -5.109  1.00 43.54 ? 62  LEU B O   1 
ATOM   993  C CB  . LEU B 1 62 ? -11.406 10.706  -2.403  1.00 43.71 ? 62  LEU B CB  1 
ATOM   994  C CG  . LEU B 1 62 ? -10.095 10.982  -1.680  1.00 46.19 ? 62  LEU B CG  1 
ATOM   995  C CD1 . LEU B 1 62 ? -10.243 10.562  -0.220  1.00 45.77 ? 62  LEU B CD1 1 
ATOM   996  C CD2 . LEU B 1 62 ? -8.927  10.277  -2.365  1.00 45.38 ? 62  LEU B CD2 1 
ATOM   997  N N   . GLU B 1 63 ? -13.744 11.220  -4.645  1.00 43.39 ? 63  GLU B N   1 
ATOM   998  C CA  . GLU B 1 63 ? -14.901 10.762  -5.400  1.00 42.93 ? 63  GLU B CA  1 
ATOM   999  C C   . GLU B 1 63 ? -14.618 10.823  -6.897  1.00 42.63 ? 63  GLU B C   1 
ATOM   1000 O O   . GLU B 1 63 ? -15.023 9.916   -7.622  1.00 43.38 ? 63  GLU B O   1 
ATOM   1001 C CB  . GLU B 1 63 ? -16.157 11.547  -5.028  1.00 43.63 ? 63  GLU B CB  1 
ATOM   1002 N N   . ALA B 1 64 ? -13.912 11.852  -7.366  1.00 41.92 ? 64  ALA B N   1 
ATOM   1003 C CA  . ALA B 1 64 ? -13.479 11.888  -8.767  1.00 41.42 ? 64  ALA B CA  1 
ATOM   1004 C C   . ALA B 1 64 ? -12.549 10.721  -9.109  1.00 41.40 ? 64  ALA B C   1 
ATOM   1005 O O   . ALA B 1 64 ? -12.698 10.082  -10.155 1.00 40.21 ? 64  ALA B O   1 
ATOM   1006 C CB  . ALA B 1 64 ? -12.798 13.218  -9.105  1.00 43.04 ? 64  ALA B CB  1 
ATOM   1007 N N   . TRP B 1 65 ? -11.615 10.443  -8.204  1.00 41.01 ? 65  TRP B N   1 
ATOM   1008 C CA  . TRP B 1 65 ? -10.685 9.327   -8.372  1.00 42.80 ? 65  TRP B CA  1 
ATOM   1009 C C   . TRP B 1 65 ? -11.467 8.014   -8.422  1.00 43.91 ? 65  TRP B C   1 
ATOM   1010 O O   . TRP B 1 65 ? -11.162 7.144   -9.232  1.00 45.32 ? 65  TRP B O   1 
ATOM   1011 C CB  . TRP B 1 65 ? -9.613  9.317   -7.285  1.00 43.09 ? 65  TRP B CB  1 
ATOM   1012 C CG  . TRP B 1 65 ? -8.478  10.248  -7.629  1.00 43.46 ? 65  TRP B CG  1 
ATOM   1013 C CD1 . TRP B 1 65 ? -8.120  11.380  -6.960  1.00 43.33 ? 65  TRP B CD1 1 
ATOM   1014 C CD2 . TRP B 1 65 ? -7.556  10.117  -8.725  1.00 43.63 ? 65  TRP B CD2 1 
ATOM   1015 N NE1 . TRP B 1 65 ? -7.051  11.976  -7.583  1.00 43.21 ? 65  TRP B NE1 1 
ATOM   1016 C CE2 . TRP B 1 65 ? -6.692  11.234  -8.676  1.00 42.99 ? 65  TRP B CE2 1 
ATOM   1017 C CE3 . TRP B 1 65 ? -7.422  9.203   -9.781  1.00 42.51 ? 65  TRP B CE3 1 
ATOM   1018 C CZ2 . TRP B 1 65 ? -5.688  11.446  -9.616  1.00 43.76 ? 65  TRP B CZ2 1 
ATOM   1019 C CZ3 . TRP B 1 65 ? -6.410  9.403   -10.710 1.00 43.20 ? 65  TRP B CZ3 1 
ATOM   1020 C CH2 . TRP B 1 65 ? -5.563  10.532  -10.628 1.00 43.22 ? 65  TRP B CH2 1 
ATOM   1021 N N   . ALA B 1 66 ? -12.464 7.882   -7.553  1.00 43.87 ? 66  ALA B N   1 
ATOM   1022 C CA  . ALA B 1 66 ? -13.283 6.675   -7.516  1.00 44.80 ? 66  ALA B CA  1 
ATOM   1023 C C   . ALA B 1 66 ? -13.992 6.413   -8.847  1.00 44.23 ? 66  ALA B C   1 
ATOM   1024 O O   . ALA B 1 66 ? -14.190 5.253   -9.219  1.00 44.10 ? 66  ALA B O   1 
ATOM   1025 C CB  . ALA B 1 66 ? -14.275 6.750   -6.377  1.00 45.51 ? 66  ALA B CB  1 
ATOM   1026 N N   . GLU B 1 67 ? -14.358 7.469   -9.570  1.00 43.67 ? 67  GLU B N   1 
ATOM   1027 C CA  . GLU B 1 67 ? -15.018 7.322   -10.868 1.00 44.14 ? 67  GLU B CA  1 
ATOM   1028 C C   . GLU B 1 67 ? -14.075 6.728   -11.899 1.00 43.59 ? 67  GLU B C   1 
ATOM   1029 O O   . GLU B 1 67 ? -14.467 5.866   -12.688 1.00 43.40 ? 67  GLU B O   1 
ATOM   1030 C CB  . GLU B 1 67 ? -15.516 8.665   -11.418 1.00 44.72 ? 67  GLU B CB  1 
ATOM   1031 C CG  . GLU B 1 67 ? -16.569 9.366   -10.588 1.00 47.39 ? 67  GLU B CG  1 
ATOM   1032 C CD  . GLU B 1 67 ? -17.991 8.961   -10.922 1.00 48.68 ? 67  GLU B CD  1 
ATOM   1033 O OE1 . GLU B 1 67 ? -18.894 9.728   -10.541 1.00 47.61 ? 67  GLU B OE1 1 
ATOM   1034 O OE2 . GLU B 1 67 ? -18.228 7.882   -11.516 1.00 51.86 ? 67  GLU B OE2 1 
ATOM   1035 N N   . VAL B 1 68 ? -12.831 7.202   -11.869 1.00 42.86 ? 68  VAL B N   1 
ATOM   1036 C CA  . VAL B 1 68 ? -11.827 6.836   -12.852 1.00 42.50 ? 68  VAL B CA  1 
ATOM   1037 C C   . VAL B 1 68 ? -11.405 5.395   -12.570 1.00 42.66 ? 68  VAL B C   1 
ATOM   1038 O O   . VAL B 1 68 ? -11.251 4.598   -13.493 1.00 42.52 ? 68  VAL B O   1 
ATOM   1039 C CB  . VAL B 1 68 ? -10.657 7.839   -12.795 1.00 42.01 ? 68  VAL B CB  1 
ATOM   1040 C CG1 . VAL B 1 68 ? -9.487  7.392   -13.641 1.00 44.24 ? 68  VAL B CG1 1 
ATOM   1041 C CG2 . VAL B 1 68 ? -11.140 9.215   -13.268 1.00 41.91 ? 68  VAL B CG2 1 
ATOM   1042 N N   . GLU B 1 69 ? -11.266 5.076   -11.288 1.00 43.16 ? 69  GLU B N   1 
ATOM   1043 C CA  . GLU B 1 69 ? -10.908 3.730   -10.826 1.00 44.96 ? 69  GLU B CA  1 
ATOM   1044 C C   . GLU B 1 69 ? -11.945 2.702   -11.254 1.00 44.61 ? 69  GLU B C   1 
ATOM   1045 O O   . GLU B 1 69 ? -11.594 1.640   -11.766 1.00 45.45 ? 69  GLU B O   1 
ATOM   1046 C CB  . GLU B 1 69 ? -10.789 3.689   -9.302  1.00 43.77 ? 69  GLU B CB  1 
ATOM   1047 C CG  . GLU B 1 69 ? -9.616  4.485   -8.744  1.00 47.31 ? 69  GLU B CG  1 
ATOM   1048 C CD  . GLU B 1 69 ? -9.713  4.730   -7.248  1.00 49.00 ? 69  GLU B CD  1 
ATOM   1049 O OE1 . GLU B 1 69 ? -10.425 3.983   -6.541  1.00 56.77 ? 69  GLU B OE1 1 
ATOM   1050 O OE2 . GLU B 1 69 ? -9.036  5.662   -6.770  1.00 56.46 ? 69  GLU B OE2 1 
ATOM   1051 N N   . LYS B 1 70 ? -13.209 3.024   -11.005 1.00 45.36 ? 70  LYS B N   1 
ATOM   1052 C CA  . LYS B 1 70 ? -14.355 2.212   -11.402 1.00 45.85 ? 70  LYS B CA  1 
ATOM   1053 C C   . LYS B 1 70 ? -14.349 1.955   -12.910 1.00 45.81 ? 70  LYS B C   1 
ATOM   1054 O O   . LYS B 1 70 ? -14.570 0.825   -13.361 1.00 45.31 ? 70  LYS B O   1 
ATOM   1055 C CB  . LYS B 1 70 ? -15.649 2.907   -10.967 1.00 46.43 ? 70  LYS B CB  1 
ATOM   1056 C CG  . LYS B 1 70 ? -16.923 2.211   -11.415 1.00 47.78 ? 70  LYS B CG  1 
ATOM   1057 C CD  . LYS B 1 70 ? -18.196 2.949   -11.018 1.00 48.30 ? 70  LYS B CD  1 
ATOM   1058 C CE  . LYS B 1 70 ? -18.788 2.397   -9.726  1.00 51.65 ? 70  LYS B CE  1 
ATOM   1059 N NZ  . LYS B 1 70 ? -20.285 2.352   -9.772  1.00 50.78 ? 70  LYS B NZ  1 
ATOM   1060 N N   . ALA B 1 71 ? -14.106 3.007   -13.690 1.00 44.73 ? 71  ALA B N   1 
ATOM   1061 C CA  . ALA B 1 71 ? -14.039 2.896   -15.144 1.00 45.46 ? 71  ALA B CA  1 
ATOM   1062 C C   . ALA B 1 71 ? -12.891 2.001   -15.604 1.00 45.74 ? 71  ALA B C   1 
ATOM   1063 O O   . ALA B 1 71 ? -13.109 1.060   -16.367 1.00 46.16 ? 71  ALA B O   1 
ATOM   1064 C CB  . ALA B 1 71 ? -13.956 4.279   -15.787 1.00 44.72 ? 71  ALA B CB  1 
ATOM   1065 N N   . MET B 1 72 ? -11.681 2.267   -15.118 1.00 46.29 ? 72  MET B N   1 
ATOM   1066 C CA  . MET B 1 72 ? -10.526 1.450   -15.472 1.00 47.38 ? 72  MET B CA  1 
ATOM   1067 C C   . MET B 1 72 ? -10.721 -0.018  -15.087 1.00 46.51 ? 72  MET B C   1 
ATOM   1068 O O   . MET B 1 72 ? -10.162 -0.902  -15.737 1.00 47.01 ? 72  MET B O   1 
ATOM   1069 C CB  . MET B 1 72 ? -9.244  2.022   -14.854 1.00 46.99 ? 72  MET B CB  1 
ATOM   1070 C CG  . MET B 1 72 ? -8.743  3.256   -15.597 1.00 47.60 ? 72  MET B CG  1 
ATOM   1071 S SD  . MET B 1 72 ? -7.257  4.032   -14.948 1.00 51.60 ? 72  MET B SD  1 
ATOM   1072 C CE  . MET B 1 72 ? -7.665  4.135   -13.214 1.00 47.70 ? 72  MET B CE  1 
ATOM   1073 N N   . GLU B 1 73 ? -11.520 -0.264  -14.047 1.00 46.17 ? 73  GLU B N   1 
ATOM   1074 C CA  . GLU B 1 73 ? -11.807 -1.614  -13.564 1.00 46.32 ? 73  GLU B CA  1 
ATOM   1075 C C   . GLU B 1 73 ? -12.813 -2.333  -14.464 1.00 46.61 ? 73  GLU B C   1 
ATOM   1076 O O   . GLU B 1 73 ? -12.909 -3.560  -14.443 1.00 46.26 ? 73  GLU B O   1 
ATOM   1077 C CB  . GLU B 1 73 ? -12.279 -1.584  -12.104 1.00 46.05 ? 73  GLU B CB  1 
ATOM   1078 C CG  . GLU B 1 73 ? -11.138 -1.393  -11.094 1.00 46.77 ? 73  GLU B CG  1 
ATOM   1079 C CD  . GLU B 1 73 ? -11.578 -0.910  -9.716  1.00 47.12 ? 73  GLU B CD  1 
ATOM   1080 O OE1 . GLU B 1 73 ? -12.790 -0.940  -9.413  1.00 47.28 ? 73  GLU B OE1 1 
ATOM   1081 O OE2 . GLU B 1 73 ? -10.705 -0.487  -8.918  1.00 48.45 ? 73  GLU B OE2 1 
ATOM   1082 N N   . GLY B 1 74 ? -13.552 -1.568  -15.265 1.00 46.45 ? 74  GLY B N   1 
ATOM   1083 C CA  . GLY B 1 74 ? -14.475 -2.149  -16.241 1.00 47.54 ? 74  GLY B CA  1 
ATOM   1084 C C   . GLY B 1 74 ? -15.937 -1.975  -15.883 1.00 48.18 ? 74  GLY B C   1 
ATOM   1085 O O   . GLY B 1 74 ? -16.795 -2.720  -16.357 1.00 48.56 ? 74  GLY B O   1 
ATOM   1086 N N   . PHE B 1 75 ? -16.218 -0.967  -15.065 1.00 48.88 ? 75  PHE B N   1 
ATOM   1087 C CA  . PHE B 1 75 ? -17.558 -0.719  -14.558 1.00 49.59 ? 75  PHE B CA  1 
ATOM   1088 C C   . PHE B 1 75 ? -18.012 0.678   -14.960 1.00 49.77 ? 75  PHE B C   1 
ATOM   1089 O O   . PHE B 1 75 ? -17.217 1.515   -15.394 1.00 49.36 ? 75  PHE B O   1 
ATOM   1090 C CB  . PHE B 1 75 ? -17.604 -0.858  -13.035 1.00 49.56 ? 75  PHE B CB  1 
ATOM   1091 C CG  . PHE B 1 75 ? -17.340 -2.252  -12.536 1.00 50.22 ? 75  PHE B CG  1 
ATOM   1092 C CD1 . PHE B 1 75 ? -16.069 -2.619  -12.121 1.00 50.26 ? 75  PHE B CD1 1 
ATOM   1093 C CD2 . PHE B 1 75 ? -18.362 -3.186  -12.462 1.00 50.34 ? 75  PHE B CD2 1 
ATOM   1094 C CE1 . PHE B 1 75 ? -15.812 -3.898  -11.652 1.00 51.25 ? 75  PHE B CE1 1 
ATOM   1095 C CE2 . PHE B 1 75 ? -18.121 -4.476  -11.999 1.00 50.78 ? 75  PHE B CE2 1 
ATOM   1096 C CZ  . PHE B 1 75 ? -16.840 -4.828  -11.586 1.00 50.66 ? 75  PHE B CZ  1 
ATOM   1097 O OXT . PHE B 1 75 ? -19.200 0.985   -14.870 1.00 51.30 ? 75  PHE B OXT 1 
ATOM   1098 N N   . LEU C 1 3  ? -3.778  0.810   -18.764 1.00 52.94 ? 3   LEU C N   1 
ATOM   1099 C CA  . LEU C 1 3  ? -3.496  -0.589  -18.333 1.00 52.86 ? 3   LEU C CA  1 
ATOM   1100 C C   . LEU C 1 3  ? -4.696  -1.179  -17.599 1.00 52.83 ? 3   LEU C C   1 
ATOM   1101 O O   . LEU C 1 3  ? -5.465  -0.456  -16.968 1.00 52.71 ? 3   LEU C O   1 
ATOM   1102 C CB  . LEU C 1 3  ? -2.240  -0.630  -17.457 1.00 53.03 ? 3   LEU C CB  1 
ATOM   1103 C CG  . LEU C 1 3  ? -1.529  -1.947  -17.129 1.00 53.10 ? 3   LEU C CG  1 
ATOM   1104 C CD1 . LEU C 1 3  ? -1.252  -2.778  -18.376 1.00 53.78 ? 3   LEU C CD1 1 
ATOM   1105 C CD2 . LEU C 1 3  ? -0.235  -1.654  -16.386 1.00 52.86 ? 3   LEU C CD2 1 
ATOM   1106 N N   . ALA C 1 4  ? -4.848  -2.496  -17.707 1.00 52.73 ? 4   ALA C N   1 
ATOM   1107 C CA  . ALA C 1 4  ? -5.956  -3.229  -17.096 1.00 52.88 ? 4   ALA C CA  1 
ATOM   1108 C C   . ALA C 1 4  ? -5.891  -3.224  -15.572 1.00 52.81 ? 4   ALA C C   1 
ATOM   1109 O O   . ALA C 1 4  ? -4.815  -3.074  -14.996 1.00 52.91 ? 4   ALA C O   1 
ATOM   1110 C CB  . ALA C 1 4  ? -5.975  -4.665  -17.614 1.00 52.77 ? 4   ALA C CB  1 
ATOM   1111 N N   . VAL C 1 5  ? -7.044  -3.375  -14.926 1.00 52.97 ? 5   VAL C N   1 
ATOM   1112 C CA  . VAL C 1 5  ? -7.094  -3.506  -13.473 1.00 52.92 ? 5   VAL C CA  1 
ATOM   1113 C C   . VAL C 1 5  ? -7.763  -4.828  -13.108 1.00 53.00 ? 5   VAL C C   1 
ATOM   1114 O O   . VAL C 1 5  ? -8.990  -4.914  -13.046 1.00 53.07 ? 5   VAL C O   1 
ATOM   1115 C CB  . VAL C 1 5  ? -7.801  -2.320  -12.770 1.00 53.34 ? 5   VAL C CB  1 
ATOM   1116 C CG1 . VAL C 1 5  ? -7.607  -2.429  -11.256 1.00 53.85 ? 5   VAL C CG1 1 
ATOM   1117 C CG2 . VAL C 1 5  ? -7.258  -0.992  -13.270 1.00 51.99 ? 5   VAL C CG2 1 
ATOM   1118 N N   . PRO C 1 6  ? -6.946  -5.862  -12.859 1.00 52.87 ? 6   PRO C N   1 
ATOM   1119 C CA  . PRO C 1 6  ? -7.486  -7.176  -12.515 1.00 53.26 ? 6   PRO C CA  1 
ATOM   1120 C C   . PRO C 1 6  ? -8.187  -7.142  -11.157 1.00 53.74 ? 6   PRO C C   1 
ATOM   1121 O O   . PRO C 1 6  ? -8.033  -6.142  -10.381 1.00 53.55 ? 6   PRO C O   1 
ATOM   1122 C CB  . PRO C 1 6  ? -6.259  -8.093  -12.502 1.00 53.01 ? 6   PRO C CB  1 
ATOM   1123 C CG  . PRO C 1 6  ? -5.077  -7.210  -12.436 1.00 52.80 ? 6   PRO C CG  1 
ATOM   1124 C CD  . PRO C 1 6  ? -5.473  -5.838  -12.901 1.00 52.75 ? 6   PRO C CD  1 
ATOM   1125 N N   . GLY C 1 7  ? -9.007  -8.206  -10.923 1.00 53.58 ? 7   GLY C N   1 
ATOM   1126 C CA  . GLY C 1 7  ? -9.800  -8.260  -9.692  1.00 53.87 ? 7   GLY C CA  1 
ATOM   1127 C C   . GLY C 1 7  ? -9.907  -9.705  -9.256  1.00 54.26 ? 7   GLY C C   1 
ATOM   1128 O O   . GLY C 1 7  ? -9.772  -10.613 -10.081 1.00 54.20 ? 7   GLY C O   1 
ATOM   1129 N N   . LYS C 1 8  ? -10.126 -9.928  -7.961  1.00 54.28 ? 8   LYS C N   1 
ATOM   1130 C CA  . LYS C 1 8  ? -10.141 -11.281 -7.408  1.00 54.18 ? 8   LYS C CA  1 
ATOM   1131 C C   . LYS C 1 8  ? -11.510 -11.720 -6.893  1.00 54.28 ? 8   LYS C C   1 
ATOM   1132 O O   . LYS C 1 8  ? -12.083 -11.095 -5.996  1.00 54.29 ? 8   LYS C O   1 
ATOM   1133 C CB  . LYS C 1 8  ? -9.090  -11.419 -6.306  1.00 54.12 ? 8   LYS C CB  1 
ATOM   1134 N N   . VAL C 1 9  ? -12.011 -12.819 -7.454  1.00 54.53 ? 9   VAL C N   1 
ATOM   1135 C CA  . VAL C 1 9  ? -13.320 -13.366 -7.099  1.00 55.03 ? 9   VAL C CA  1 
ATOM   1136 C C   . VAL C 1 9  ? -13.331 -13.923 -5.677  1.00 55.16 ? 9   VAL C C   1 
ATOM   1137 O O   . VAL C 1 9  ? -12.581 -14.847 -5.363  1.00 55.48 ? 9   VAL C O   1 
ATOM   1138 C CB  . VAL C 1 9  ? -13.746 -14.470 -8.096  1.00 55.15 ? 9   VAL C CB  1 
ATOM   1139 C CG1 . VAL C 1 9  ? -15.065 -15.114 -7.681  1.00 54.64 ? 9   VAL C CG1 1 
ATOM   1140 C CG2 . VAL C 1 9  ? -13.851 -13.890 -9.500  1.00 54.93 ? 9   VAL C CG2 1 
ATOM   1141 N N   . ILE C 1 10 ? -14.185 -13.360 -4.826  1.00 55.36 ? 10  ILE C N   1 
ATOM   1142 C CA  . ILE C 1 10 ? -14.275 -13.787 -3.429  1.00 55.66 ? 10  ILE C CA  1 
ATOM   1143 C C   . ILE C 1 10 ? -15.511 -14.636 -3.124  1.00 55.62 ? 10  ILE C C   1 
ATOM   1144 O O   . ILE C 1 10 ? -15.532 -15.376 -2.138  1.00 55.47 ? 10  ILE C O   1 
ATOM   1145 C CB  . ILE C 1 10 ? -14.171 -12.599 -2.437  1.00 55.76 ? 10  ILE C CB  1 
ATOM   1146 C CG1 . ILE C 1 10 ? -15.258 -11.551 -2.700  1.00 55.75 ? 10  ILE C CG1 1 
ATOM   1147 C CG2 . ILE C 1 10 ? -12.782 -11.970 -2.497  1.00 56.03 ? 10  ILE C CG2 1 
ATOM   1148 C CD1 . ILE C 1 10 ? -15.579 -10.686 -1.499  1.00 56.00 ? 10  ILE C CD1 1 
ATOM   1149 N N   . GLU C 1 11 ? -16.532 -14.526 -3.971  1.00 55.60 ? 11  GLU C N   1 
ATOM   1150 C CA  . GLU C 1 11 ? -17.769 -15.286 -3.811  1.00 55.58 ? 11  GLU C CA  1 
ATOM   1151 C C   . GLU C 1 11 ? -18.442 -15.544 -5.155  1.00 55.54 ? 11  GLU C C   1 
ATOM   1152 O O   . GLU C 1 11 ? -18.213 -14.819 -6.121  1.00 55.50 ? 11  GLU C O   1 
ATOM   1153 C CB  . GLU C 1 11 ? -18.723 -14.564 -2.867  1.00 55.58 ? 11  GLU C CB  1 
ATOM   1154 N N   . VAL C 1 12 ? -19.259 -16.592 -5.207  1.00 55.56 ? 12  VAL C N   1 
ATOM   1155 C CA  . VAL C 1 12 ? -20.075 -16.900 -6.379  1.00 55.58 ? 12  VAL C CA  1 
ATOM   1156 C C   . VAL C 1 12 ? -21.498 -17.223 -5.926  1.00 55.77 ? 12  VAL C C   1 
ATOM   1157 O O   . VAL C 1 12 ? -21.732 -18.188 -5.194  1.00 55.57 ? 12  VAL C O   1 
ATOM   1158 C CB  . VAL C 1 12 ? -19.460 -18.035 -7.241  1.00 55.77 ? 12  VAL C CB  1 
ATOM   1159 C CG1 . VAL C 1 12 ? -20.519 -18.767 -8.064  1.00 55.25 ? 12  VAL C CG1 1 
ATOM   1160 C CG2 . VAL C 1 12 ? -18.367 -17.476 -8.148  1.00 55.01 ? 12  VAL C CG2 1 
ATOM   1161 N N   . ASN C 1 13 ? -22.436 -16.382 -6.353  1.00 55.85 ? 13  ASN C N   1 
ATOM   1162 C CA  . ASN C 1 13 ? -23.835 -16.492 -5.958  1.00 55.90 ? 13  ASN C CA  1 
ATOM   1163 C C   . ASN C 1 13 ? -24.702 -16.724 -7.192  1.00 55.97 ? 13  ASN C C   1 
ATOM   1164 O O   . ASN C 1 13 ? -25.573 -15.912 -7.512  1.00 56.03 ? 13  ASN C O   1 
ATOM   1165 C CB  . ASN C 1 13 ? -24.288 -15.223 -5.227  1.00 55.87 ? 13  ASN C CB  1 
ATOM   1166 C CG  . ASN C 1 13 ? -23.132 -14.439 -4.630  1.00 55.67 ? 13  ASN C CG  1 
ATOM   1167 O OD1 . ASN C 1 13 ? -22.379 -14.945 -3.796  1.00 55.37 ? 13  ASN C OD1 1 
ATOM   1168 N ND2 . ASN C 1 13 ? -22.991 -13.186 -5.054  1.00 55.40 ? 13  ASN C ND2 1 
ATOM   1169 N N   . GLY C 1 14 ? -24.446 -17.829 -7.887  1.00 56.00 ? 14  GLY C N   1 
ATOM   1170 C CA  . GLY C 1 14 ? -25.153 -18.154 -9.122  1.00 55.99 ? 14  GLY C CA  1 
ATOM   1171 C C   . GLY C 1 14 ? -24.671 -17.317 -10.295 1.00 55.98 ? 14  GLY C C   1 
ATOM   1172 O O   . GLY C 1 14 ? -23.508 -17.421 -10.688 1.00 55.89 ? 14  GLY C O   1 
ATOM   1173 N N   . PRO C 1 15 ? -25.561 -16.483 -10.862 1.00 55.95 ? 15  PRO C N   1 
ATOM   1174 C CA  . PRO C 1 15 ? -25.201 -15.616 -11.982 1.00 55.92 ? 15  PRO C CA  1 
ATOM   1175 C C   . PRO C 1 15 ? -24.378 -14.395 -11.570 1.00 55.90 ? 15  PRO C C   1 
ATOM   1176 O O   . PRO C 1 15 ? -23.833 -13.704 -12.433 1.00 55.80 ? 15  PRO C O   1 
ATOM   1177 C CB  . PRO C 1 15 ? -26.561 -15.178 -12.530 1.00 55.95 ? 15  PRO C CB  1 
ATOM   1178 C CG  . PRO C 1 15 ? -27.457 -15.194 -11.345 1.00 55.96 ? 15  PRO C CG  1 
ATOM   1179 C CD  . PRO C 1 15 ? -26.977 -16.328 -10.482 1.00 56.01 ? 15  PRO C CD  1 
ATOM   1180 N N   . VAL C 1 16 ? -24.298 -14.134 -10.269 1.00 55.90 ? 16  VAL C N   1 
ATOM   1181 C CA  . VAL C 1 16 ? -23.574 -12.972 -9.755  1.00 55.91 ? 16  VAL C CA  1 
ATOM   1182 C C   . VAL C 1 16 ? -22.392 -13.345 -8.858  1.00 55.85 ? 16  VAL C C   1 
ATOM   1183 O O   . VAL C 1 16 ? -22.440 -14.325 -8.115  1.00 55.81 ? 16  VAL C O   1 
ATOM   1184 C CB  . VAL C 1 16 ? -24.507 -11.962 -9.037  1.00 55.95 ? 16  VAL C CB  1 
ATOM   1185 C CG1 . VAL C 1 16 ? -25.567 -11.427 -9.994  1.00 56.02 ? 16  VAL C CG1 1 
ATOM   1186 C CG2 . VAL C 1 16 ? -25.159 -12.578 -7.803  1.00 56.02 ? 16  VAL C CG2 1 
ATOM   1187 N N   . ALA C 1 17 ? -21.328 -12.552 -8.948  1.00 55.87 ? 17  ALA C N   1 
ATOM   1188 C CA  . ALA C 1 17 ? -20.153 -12.705 -8.094  1.00 55.81 ? 17  ALA C CA  1 
ATOM   1189 C C   . ALA C 1 17 ? -19.885 -11.423 -7.320  1.00 55.63 ? 17  ALA C C   1 
ATOM   1190 O O   . ALA C 1 17 ? -20.137 -10.323 -7.815  1.00 55.59 ? 17  ALA C O   1 
ATOM   1191 C CB  . ALA C 1 17 ? -18.930 -13.064 -8.921  1.00 55.81 ? 17  ALA C CB  1 
ATOM   1192 N N   . VAL C 1 18 ? -19.386 -11.583 -6.099  1.00 55.55 ? 18  VAL C N   1 
ATOM   1193 C CA  . VAL C 1 18 ? -18.789 -10.477 -5.362  1.00 55.51 ? 18  VAL C CA  1 
ATOM   1194 C C   . VAL C 1 18 ? -17.300 -10.518 -5.695  1.00 55.45 ? 18  VAL C C   1 
ATOM   1195 O O   . VAL C 1 18 ? -16.640 -11.539 -5.499  1.00 55.34 ? 18  VAL C O   1 
ATOM   1196 C CB  . VAL C 1 18 ? -19.029 -10.588 -3.841  1.00 55.52 ? 18  VAL C CB  1 
ATOM   1197 C CG1 . VAL C 1 18 ? -18.549 -9.332  -3.130  1.00 55.54 ? 18  VAL C CG1 1 
ATOM   1198 C CG2 . VAL C 1 18 ? -20.505 -10.817 -3.543  1.00 55.69 ? 18  VAL C CG2 1 
ATOM   1199 N N   . VAL C 1 19 ? -16.785 -9.419  -6.238  1.00 55.29 ? 19  VAL C N   1 
ATOM   1200 C CA  . VAL C 1 19 ? -15.398 -9.349  -6.691  1.00 55.23 ? 19  VAL C CA  1 
ATOM   1201 C C   . VAL C 1 19 ? -14.703 -8.165  -6.023  1.00 55.24 ? 19  VAL C C   1 
ATOM   1202 O O   . VAL C 1 19 ? -15.248 -7.060  -5.985  1.00 55.01 ? 19  VAL C O   1 
ATOM   1203 C CB  . VAL C 1 19 ? -15.301 -9.228  -8.236  1.00 55.47 ? 19  VAL C CB  1 
ATOM   1204 C CG1 . VAL C 1 19 ? -13.855 -9.074  -8.693  1.00 55.15 ? 19  VAL C CG1 1 
ATOM   1205 C CG2 . VAL C 1 19 ? -15.918 -10.438 -8.917  1.00 55.34 ? 19  VAL C CG2 1 
ATOM   1206 N N   . ASP C 1 20 ? -13.507 -8.411  -5.493  1.00 54.97 ? 20  ASP C N   1 
ATOM   1207 C CA  . ASP C 1 20 ? -12.735 -7.374  -4.816  1.00 54.84 ? 20  ASP C CA  1 
ATOM   1208 C C   . ASP C 1 20 ? -11.764 -6.647  -5.740  1.00 54.58 ? 20  ASP C C   1 
ATOM   1209 O O   . ASP C 1 20 ? -10.889 -7.264  -6.355  1.00 54.60 ? 20  ASP C O   1 
ATOM   1210 C CB  . ASP C 1 20 ? -11.973 -7.934  -3.612  1.00 55.05 ? 20  ASP C CB  1 
ATOM   1211 C CG  . ASP C 1 20 ? -10.984 -6.933  -3.040  1.00 55.44 ? 20  ASP C CG  1 
ATOM   1212 O OD1 . ASP C 1 20 ? -11.395 -5.792  -2.737  1.00 54.93 ? 20  ASP C OD1 1 
ATOM   1213 O OD2 . ASP C 1 20 ? -9.790  -7.275  -2.908  1.00 56.63 ? 20  ASP C OD2 1 
ATOM   1214 N N   . PHE C 1 21 ? -11.930 -5.330  -5.808  1.00 53.84 ? 21  PHE C N   1 
ATOM   1215 C CA  . PHE C 1 21 ? -10.992 -4.441  -6.480  1.00 53.32 ? 21  PHE C CA  1 
ATOM   1216 C C   . PHE C 1 21 ? -10.426 -3.451  -5.462  1.00 53.01 ? 21  PHE C C   1 
ATOM   1217 O O   . PHE C 1 21 ? -11.007 -2.393  -5.212  1.00 52.92 ? 21  PHE C O   1 
ATOM   1218 C CB  . PHE C 1 21 ? -11.689 -3.688  -7.617  1.00 52.89 ? 21  PHE C CB  1 
ATOM   1219 C CG  . PHE C 1 21 ? -12.089 -4.552  -8.784  1.00 52.59 ? 21  PHE C CG  1 
ATOM   1220 C CD1 . PHE C 1 21 ? -13.325 -5.183  -8.813  1.00 53.02 ? 21  PHE C CD1 1 
ATOM   1221 C CD2 . PHE C 1 21 ? -11.238 -4.707  -9.869  1.00 51.85 ? 21  PHE C CD2 1 
ATOM   1222 C CE1 . PHE C 1 21 ? -13.703 -5.963  -9.899  1.00 52.98 ? 21  PHE C CE1 1 
ATOM   1223 C CE2 . PHE C 1 21 ? -11.605 -5.470  -10.962 1.00 51.02 ? 21  PHE C CE2 1 
ATOM   1224 C CZ  . PHE C 1 21 ? -12.838 -6.116  -10.975 1.00 53.20 ? 21  PHE C CZ  1 
ATOM   1225 N N   . GLY C 1 22 ? -9.296  -3.814  -4.862  1.00 52.76 ? 22  GLY C N   1 
ATOM   1226 C CA  . GLY C 1 22 ? -8.625  -2.971  -3.878  1.00 52.25 ? 22  GLY C CA  1 
ATOM   1227 C C   . GLY C 1 22 ? -9.445  -2.624  -2.650  1.00 52.13 ? 22  GLY C C   1 
ATOM   1228 O O   . GLY C 1 22 ? -9.388  -1.494  -2.163  1.00 52.05 ? 22  GLY C O   1 
ATOM   1229 N N   . GLY C 1 23 ? -10.211 -3.589  -2.150  1.00 51.98 ? 23  GLY C N   1 
ATOM   1230 C CA  . GLY C 1 23 ? -11.003 -3.406  -0.934  1.00 51.83 ? 23  GLY C CA  1 
ATOM   1231 C C   . GLY C 1 23 ? -12.465 -3.072  -1.167  1.00 51.68 ? 23  GLY C C   1 
ATOM   1232 O O   . GLY C 1 23 ? -13.278 -3.128  -0.243  1.00 51.49 ? 23  GLY C O   1 
ATOM   1233 N N   . VAL C 1 24 ? -12.795 -2.719  -2.406  1.00 51.67 ? 24  VAL C N   1 
ATOM   1234 C CA  . VAL C 1 24 ? -14.150 -2.313  -2.762  1.00 51.72 ? 24  VAL C CA  1 
ATOM   1235 C C   . VAL C 1 24 ? -14.873 -3.489  -3.407  1.00 51.70 ? 24  VAL C C   1 
ATOM   1236 O O   . VAL C 1 24 ? -14.505 -3.939  -4.494  1.00 51.67 ? 24  VAL C O   1 
ATOM   1237 C CB  . VAL C 1 24 ? -14.161 -1.077  -3.694  1.00 51.62 ? 24  VAL C CB  1 
ATOM   1238 C CG1 . VAL C 1 24 ? -15.587 -0.633  -3.992  1.00 51.49 ? 24  VAL C CG1 1 
ATOM   1239 C CG2 . VAL C 1 24 ? -13.378 0.072   -3.069  1.00 52.02 ? 24  VAL C CG2 1 
ATOM   1240 N N   . LYS C 1 25 ? -15.893 -3.984  -2.713  1.00 51.82 ? 25  LYS C N   1 
ATOM   1241 C CA  . LYS C 1 25 ? -16.668 -5.130  -3.179  1.00 51.98 ? 25  LYS C CA  1 
ATOM   1242 C C   . LYS C 1 25 ? -17.675 -4.676  -4.229  1.00 52.07 ? 25  LYS C C   1 
ATOM   1243 O O   . LYS C 1 25 ? -18.545 -3.847  -3.955  1.00 51.99 ? 25  LYS C O   1 
ATOM   1244 C CB  . LYS C 1 25 ? -17.381 -5.833  -2.018  1.00 51.91 ? 25  LYS C CB  1 
ATOM   1245 C CG  . LYS C 1 25 ? -16.542 -6.037  -0.759  1.00 52.00 ? 25  LYS C CG  1 
ATOM   1246 C CD  . LYS C 1 25 ? -15.390 -7.008  -0.972  1.00 51.90 ? 25  LYS C CD  1 
ATOM   1247 C CE  . LYS C 1 25 ? -14.432 -7.010  0.211   1.00 51.93 ? 25  LYS C CE  1 
ATOM   1248 N NZ  . LYS C 1 25 ? -15.023 -7.642  1.424   1.00 51.96 ? 25  LYS C NZ  1 
ATOM   1249 N N   . ARG C 1 26 ? -17.532 -5.217  -5.435  1.00 52.12 ? 26  ARG C N   1 
ATOM   1250 C CA  . ARG C 1 26 ? -18.425 -4.886  -6.536  1.00 52.31 ? 26  ARG C CA  1 
ATOM   1251 C C   . ARG C 1 26 ? -19.158 -6.135  -7.006  1.00 52.42 ? 26  ARG C C   1 
ATOM   1252 O O   . ARG C 1 26 ? -18.602 -7.239  -6.987  1.00 52.45 ? 26  ARG C O   1 
ATOM   1253 C CB  . ARG C 1 26 ? -17.670 -4.228  -7.696  1.00 52.29 ? 26  ARG C CB  1 
ATOM   1254 C CG  . ARG C 1 26 ? -16.900 -2.974  -7.310  1.00 52.58 ? 26  ARG C CG  1 
ATOM   1255 C CD  . ARG C 1 26 ? -16.686 -2.031  -8.489  1.00 53.25 ? 26  ARG C CD  1 
ATOM   1256 N NE  . ARG C 1 26 ? -15.749 -0.960  -8.160  1.00 53.74 ? 26  ARG C NE  1 
ATOM   1257 C CZ  . ARG C 1 26 ? -16.075 0.181   -7.558  1.00 54.33 ? 26  ARG C CZ  1 
ATOM   1258 N NH1 . ARG C 1 26 ? -17.331 0.430   -7.205  1.00 54.39 ? 26  ARG C NH1 1 
ATOM   1259 N NH2 . ARG C 1 26 ? -15.138 1.085   -7.302  1.00 54.34 ? 26  ARG C NH2 1 
ATOM   1260 N N   . GLU C 1 27 ? -20.416 -5.946  -7.393  1.00 52.42 ? 27  GLU C N   1 
ATOM   1261 C CA  . GLU C 1 27 ? -21.236 -7.016  -7.946  1.00 52.53 ? 27  GLU C CA  1 
ATOM   1262 C C   . GLU C 1 27 ? -20.950 -7.150  -9.439  1.00 52.39 ? 27  GLU C C   1 
ATOM   1263 O O   . GLU C 1 27 ? -20.985 -6.167  -10.184 1.00 52.51 ? 27  GLU C O   1 
ATOM   1264 C CB  . GLU C 1 27 ? -22.724 -6.759  -7.685  1.00 52.47 ? 27  GLU C CB  1 
ATOM   1265 C CG  . GLU C 1 27 ? -23.631 -7.935  -8.025  1.00 52.73 ? 27  GLU C CG  1 
ATOM   1266 C CD  . GLU C 1 27 ? -25.081 -7.706  -7.638  1.00 52.74 ? 27  GLU C CD  1 
ATOM   1267 O OE1 . GLU C 1 27 ? -25.964 -7.893  -8.502  1.00 52.58 ? 27  GLU C OE1 1 
ATOM   1268 O OE2 . GLU C 1 27 ? -25.343 -7.342  -6.472  1.00 53.02 ? 27  GLU C OE2 1 
ATOM   1269 N N   . VAL C 1 28 ? -20.661 -8.378  -9.857  1.00 52.18 ? 28  VAL C N   1 
ATOM   1270 C CA  . VAL C 1 28 ? -20.280 -8.679  -11.233 1.00 51.66 ? 28  VAL C CA  1 
ATOM   1271 C C   . VAL C 1 28 ? -21.180 -9.780  -11.780 1.00 51.57 ? 28  VAL C C   1 
ATOM   1272 O O   . VAL C 1 28 ? -21.466 -10.757 -11.090 1.00 51.41 ? 28  VAL C O   1 
ATOM   1273 C CB  . VAL C 1 28 ? -18.809 -9.141  -11.320 1.00 51.78 ? 28  VAL C CB  1 
ATOM   1274 C CG1 . VAL C 1 28 ? -18.458 -9.606  -12.729 1.00 51.10 ? 28  VAL C CG1 1 
ATOM   1275 C CG2 . VAL C 1 28 ? -17.867 -8.030  -10.866 1.00 50.67 ? 28  VAL C CG2 1 
ATOM   1276 N N   . ARG C 1 29 ? -21.628 -9.601  -13.019 1.00 51.44 ? 29  ARG C N   1 
ATOM   1277 C CA  . ARG C 1 29 ? -22.365 -10.634 -13.732 1.00 51.20 ? 29  ARG C CA  1 
ATOM   1278 C C   . ARG C 1 29 ? -21.398 -11.709 -14.219 1.00 51.09 ? 29  ARG C C   1 
ATOM   1279 O O   . ARG C 1 29 ? -20.296 -11.404 -14.682 1.00 50.92 ? 29  ARG C O   1 
ATOM   1280 C CB  . ARG C 1 29 ? -23.143 -10.036 -14.906 1.00 51.16 ? 29  ARG C CB  1 
ATOM   1281 C CG  . ARG C 1 29 ? -24.212 -9.016  -14.522 1.00 51.51 ? 29  ARG C CG  1 
ATOM   1282 C CD  . ARG C 1 29 ? -25.241 -9.552  -13.529 1.00 51.96 ? 29  ARG C CD  1 
ATOM   1283 N NE  . ARG C 1 29 ? -25.881 -10.790 -13.969 1.00 52.16 ? 29  ARG C NE  1 
ATOM   1284 C CZ  . ARG C 1 29 ? -26.967 -10.851 -14.735 1.00 52.82 ? 29  ARG C CZ  1 
ATOM   1285 N NH1 . ARG C 1 29 ? -27.552 -9.740  -15.162 1.00 53.12 ? 29  ARG C NH1 1 
ATOM   1286 N NH2 . ARG C 1 29 ? -27.474 -12.029 -15.075 1.00 53.44 ? 29  ARG C NH2 1 
ATOM   1287 N N   . LEU C 1 30 ? -21.820 -12.966 -14.100 1.00 51.07 ? 30  LEU C N   1 
ATOM   1288 C CA  . LEU C 1 30 ? -20.996 -14.101 -14.494 1.00 50.87 ? 30  LEU C CA  1 
ATOM   1289 C C   . LEU C 1 30 ? -21.562 -14.829 -15.709 1.00 51.08 ? 30  LEU C C   1 
ATOM   1290 O O   . LEU C 1 30 ? -21.321 -16.023 -15.877 1.00 50.94 ? 30  LEU C O   1 
ATOM   1291 C CB  . LEU C 1 30 ? -20.846 -15.080 -13.327 1.00 50.74 ? 30  LEU C CB  1 
ATOM   1292 C CG  . LEU C 1 30 ? -20.110 -14.647 -12.059 1.00 50.01 ? 30  LEU C CG  1 
ATOM   1293 C CD1 . LEU C 1 30 ? -20.289 -15.720 -10.998 1.00 48.68 ? 30  LEU C CD1 1 
ATOM   1294 C CD2 . LEU C 1 30 ? -18.633 -14.387 -12.327 1.00 48.54 ? 30  LEU C CD2 1 
ATOM   1295 N N   . ASP C 1 31 ? -22.289 -14.107 -16.558 1.00 51.40 ? 31  ASP C N   1 
ATOM   1296 C CA  . ASP C 1 31 ? -22.967 -14.698 -17.714 1.00 51.99 ? 31  ASP C CA  1 
ATOM   1297 C C   . ASP C 1 31 ? -22.022 -15.366 -18.713 1.00 52.30 ? 31  ASP C C   1 
ATOM   1298 O O   . ASP C 1 31 ? -22.208 -16.533 -19.059 1.00 52.19 ? 31  ASP C O   1 
ATOM   1299 C CB  . ASP C 1 31 ? -23.845 -13.663 -18.424 1.00 51.89 ? 31  ASP C CB  1 
ATOM   1300 C CG  . ASP C 1 31 ? -25.125 -13.365 -17.666 1.00 52.08 ? 31  ASP C CG  1 
ATOM   1301 O OD1 . ASP C 1 31 ? -25.045 -13.007 -16.472 1.00 52.40 ? 31  ASP C OD1 1 
ATOM   1302 O OD2 . ASP C 1 31 ? -26.213 -13.486 -18.268 1.00 52.54 ? 31  ASP C OD2 1 
ATOM   1303 N N   . LEU C 1 32 ? -21.009 -14.627 -19.159 1.00 52.81 ? 32  LEU C N   1 
ATOM   1304 C CA  . LEU C 1 32 ? -20.010 -15.156 -20.084 1.00 53.20 ? 32  LEU C CA  1 
ATOM   1305 C C   . LEU C 1 32 ? -18.890 -15.906 -19.361 1.00 53.43 ? 32  LEU C C   1 
ATOM   1306 O O   . LEU C 1 32 ? -17.941 -16.376 -19.992 1.00 53.44 ? 32  LEU C O   1 
ATOM   1307 C CB  . LEU C 1 32 ? -19.441 -14.039 -20.946 1.00 53.16 ? 32  LEU C CB  1 
ATOM   1308 N N   . MET C 1 33 ? -19.012 -16.020 -18.040 1.00 53.75 ? 33  MET C N   1 
ATOM   1309 C CA  . MET C 1 33 ? -18.032 -16.732 -17.225 1.00 53.94 ? 33  MET C CA  1 
ATOM   1310 C C   . MET C 1 33 ? -18.674 -17.614 -16.151 1.00 54.11 ? 33  MET C C   1 
ATOM   1311 O O   . MET C 1 33 ? -18.637 -17.269 -14.967 1.00 54.03 ? 33  MET C O   1 
ATOM   1312 C CB  . MET C 1 33 ? -17.052 -15.743 -16.607 1.00 54.00 ? 33  MET C CB  1 
ATOM   1313 N N   . PRO C 1 34 ? -19.276 -18.749 -16.556 1.00 54.21 ? 34  PRO C N   1 
ATOM   1314 C CA  . PRO C 1 34 ? -19.825 -19.696 -15.588 1.00 54.39 ? 34  PRO C CA  1 
ATOM   1315 C C   . PRO C 1 34 ? -18.756 -20.601 -14.975 1.00 54.58 ? 34  PRO C C   1 
ATOM   1316 O O   . PRO C 1 34 ? -18.966 -21.153 -13.894 1.00 54.52 ? 34  PRO C O   1 
ATOM   1317 C CB  . PRO C 1 34 ? -20.801 -20.526 -16.425 1.00 54.44 ? 34  PRO C CB  1 
ATOM   1318 C CG  . PRO C 1 34 ? -20.239 -20.496 -17.803 1.00 54.34 ? 34  PRO C CG  1 
ATOM   1319 C CD  . PRO C 1 34 ? -19.488 -19.196 -17.946 1.00 54.20 ? 34  PRO C CD  1 
ATOM   1320 N N   . ASP C 1 35 ? -17.628 -20.743 -15.665 1.00 54.84 ? 35  ASP C N   1 
ATOM   1321 C CA  . ASP C 1 35 ? -16.526 -21.583 -15.207 1.00 55.13 ? 35  ASP C CA  1 
ATOM   1322 C C   . ASP C 1 35 ? -15.697 -20.902 -14.118 1.00 55.29 ? 35  ASP C C   1 
ATOM   1323 O O   . ASP C 1 35 ? -14.788 -21.510 -13.548 1.00 55.28 ? 35  ASP C O   1 
ATOM   1324 C CB  . ASP C 1 35 ? -15.645 -21.983 -16.383 1.00 55.05 ? 35  ASP C CB  1 
ATOM   1325 N N   . THR C 1 36 ? -16.023 -19.646 -13.832 1.00 55.56 ? 36  THR C N   1 
ATOM   1326 C CA  . THR C 1 36 ? -15.327 -18.869 -12.808 1.00 55.89 ? 36  THR C CA  1 
ATOM   1327 C C   . THR C 1 36 ? -15.693 -19.358 -11.408 1.00 56.12 ? 36  THR C C   1 
ATOM   1328 O O   . THR C 1 36 ? -16.804 -19.130 -10.926 1.00 56.31 ? 36  THR C O   1 
ATOM   1329 C CB  . THR C 1 36 ? -15.605 -17.355 -12.954 1.00 55.90 ? 36  THR C CB  1 
ATOM   1330 O OG1 . THR C 1 36 ? -15.173 -16.913 -14.246 1.00 56.05 ? 36  THR C OG1 1 
ATOM   1331 C CG2 . THR C 1 36 ? -14.858 -16.555 -11.896 1.00 55.29 ? 36  THR C CG2 1 
ATOM   1332 N N   . LYS C 1 37 ? -14.746 -20.046 -10.773 1.00 56.37 ? 37  LYS C N   1 
ATOM   1333 C CA  . LYS C 1 37 ? -14.910 -20.551 -9.414  1.00 56.33 ? 37  LYS C CA  1 
ATOM   1334 C C   . LYS C 1 37 ? -13.753 -20.107 -8.524  1.00 56.41 ? 37  LYS C C   1 
ATOM   1335 O O   . LYS C 1 37 ? -13.394 -18.926 -8.498  1.00 56.46 ? 37  LYS C O   1 
ATOM   1336 C CB  . LYS C 1 37 ? -15.032 -22.065 -9.421  1.00 56.59 ? 37  LYS C CB  1 
ATOM   1337 N N   . GLY C 1 39 ? -11.192 -17.087 -6.080  1.00 58.88 ? 39  GLY C N   1 
ATOM   1338 C CA  . GLY C 1 39 ? -9.733  -17.103 -6.077  1.00 58.91 ? 39  GLY C CA  1 
ATOM   1339 C C   . GLY C 1 39 ? -9.135  -16.649 -7.397  1.00 58.73 ? 39  GLY C C   1 
ATOM   1340 O O   . GLY C 1 39 ? -7.999  -16.169 -7.446  1.00 58.93 ? 39  GLY C O   1 
ATOM   1341 N N   . ASP C 1 40 ? -9.910  -16.801 -8.468  1.00 58.55 ? 40  ASP C N   1 
ATOM   1342 C CA  . ASP C 1 40 ? -9.484  -16.420 -9.813  1.00 58.13 ? 40  ASP C CA  1 
ATOM   1343 C C   . ASP C 1 40 ? -9.344  -14.915 -10.025 1.00 57.62 ? 40  ASP C C   1 
ATOM   1344 O O   . ASP C 1 40 ? -10.104 -14.112 -9.475  1.00 57.68 ? 40  ASP C O   1 
ATOM   1345 C CB  . ASP C 1 40 ? -10.431 -17.005 -10.852 1.00 58.44 ? 40  ASP C CB  1 
ATOM   1346 N N   . TRP C 1 41 ? -8.359  -14.546 -10.839 1.00 56.96 ? 41  TRP C N   1 
ATOM   1347 C CA  . TRP C 1 41 ? -8.173  -13.159 -11.243 1.00 56.30 ? 41  TRP C CA  1 
ATOM   1348 C C   . TRP C 1 41 ? -8.951  -12.898 -12.523 1.00 55.83 ? 41  TRP C C   1 
ATOM   1349 O O   . TRP C 1 41 ? -8.754  -13.584 -13.529 1.00 55.62 ? 41  TRP C O   1 
ATOM   1350 C CB  . TRP C 1 41 ? -6.692  -12.834 -11.444 1.00 56.43 ? 41  TRP C CB  1 
ATOM   1351 C CG  . TRP C 1 41 ? -5.923  -12.812 -10.160 1.00 56.58 ? 41  TRP C CG  1 
ATOM   1352 C CD1 . TRP C 1 41 ? -5.078  -13.778 -9.688  1.00 56.61 ? 41  TRP C CD1 1 
ATOM   1353 C CD2 . TRP C 1 41 ? -5.942  -11.777 -9.171  1.00 56.43 ? 41  TRP C CD2 1 
ATOM   1354 N NE1 . TRP C 1 41 ? -4.564  -13.400 -8.470  1.00 56.20 ? 41  TRP C NE1 1 
ATOM   1355 C CE2 . TRP C 1 41 ? -5.083  -12.180 -8.127  1.00 56.90 ? 41  TRP C CE2 1 
ATOM   1356 C CE3 . TRP C 1 41 ? -6.608  -10.553 -9.062  1.00 56.90 ? 41  TRP C CE3 1 
ATOM   1357 C CZ2 . TRP C 1 41 ? -4.863  -11.394 -6.995  1.00 56.74 ? 41  TRP C CZ2 1 
ATOM   1358 C CZ3 . TRP C 1 41 ? -6.388  -9.771  -7.938  1.00 56.95 ? 41  TRP C CZ3 1 
ATOM   1359 C CH2 . TRP C 1 41 ? -5.526  -10.198 -6.918  1.00 56.61 ? 41  TRP C CH2 1 
ATOM   1360 N N   . VAL C 1 42 ? -9.833  -11.903 -12.470 1.00 55.36 ? 42  VAL C N   1 
ATOM   1361 C CA  . VAL C 1 42 ? -10.686 -11.558 -13.603 1.00 54.90 ? 42  VAL C CA  1 
ATOM   1362 C C   . VAL C 1 42 ? -10.585 -10.093 -14.021 1.00 54.24 ? 42  VAL C C   1 
ATOM   1363 O O   . VAL C 1 42 ? -10.278 -9.202  -13.221 1.00 54.05 ? 42  VAL C O   1 
ATOM   1364 C CB  . VAL C 1 42 ? -12.176 -11.934 -13.371 1.00 55.02 ? 42  VAL C CB  1 
ATOM   1365 C CG1 . VAL C 1 42 ? -12.338 -13.431 -13.150 1.00 55.34 ? 42  VAL C CG1 1 
ATOM   1366 C CG2 . VAL C 1 42 ? -12.778 -11.141 -12.212 1.00 55.86 ? 42  VAL C CG2 1 
ATOM   1367 N N   . ILE C 1 43 ? -10.824 -9.875  -15.309 1.00 53.30 ? 43  ILE C N   1 
ATOM   1368 C CA  . ILE C 1 43 ? -11.029 -8.552  -15.873 1.00 52.20 ? 43  ILE C CA  1 
ATOM   1369 C C   . ILE C 1 43 ? -12.518 -8.434  -16.185 1.00 51.66 ? 43  ILE C C   1 
ATOM   1370 O O   . ILE C 1 43 ? -13.153 -9.405  -16.610 1.00 51.26 ? 43  ILE C O   1 
ATOM   1371 C CB  . ILE C 1 43 ? -10.160 -8.336  -17.131 1.00 52.31 ? 43  ILE C CB  1 
ATOM   1372 C CG1 . ILE C 1 43 ? -8.678  -8.278  -16.739 1.00 52.38 ? 43  ILE C CG1 1 
ATOM   1373 C CG2 . ILE C 1 43 ? -10.585 -7.077  -17.884 1.00 51.76 ? 43  ILE C CG2 1 
ATOM   1374 C CD1 . ILE C 1 43 ? -7.697  -8.471  -17.880 1.00 51.68 ? 43  ILE C CD1 1 
ATOM   1375 N N   . VAL C 1 44 ? -13.049 -7.241  -15.943 1.00 50.68 ? 44  VAL C N   1 
ATOM   1376 C CA  . VAL C 1 44 ? -14.461 -6.910  -16.108 1.00 50.30 ? 44  VAL C CA  1 
ATOM   1377 C C   . VAL C 1 44 ? -14.674 -5.859  -17.196 1.00 50.01 ? 44  VAL C C   1 
ATOM   1378 O O   . VAL C 1 44 ? -13.856 -4.950  -17.372 1.00 49.70 ? 44  VAL C O   1 
ATOM   1379 C CB  . VAL C 1 44 ? -15.053 -6.382  -14.780 1.00 50.61 ? 44  VAL C CB  1 
ATOM   1380 C CG1 . VAL C 1 44 ? -16.494 -5.932  -14.946 1.00 50.44 ? 44  VAL C CG1 1 
ATOM   1381 C CG2 . VAL C 1 44 ? -14.953 -7.443  -13.698 1.00 49.56 ? 44  VAL C CG2 1 
ATOM   1382 N N   . HIS C 1 45 ? -15.773 -6.018  -17.931 1.00 49.31 ? 45  HIS C N   1 
ATOM   1383 C CA  . HIS C 1 45 ? -16.312 -5.012  -18.846 1.00 49.34 ? 45  HIS C CA  1 
ATOM   1384 C C   . HIS C 1 45 ? -17.795 -4.838  -18.553 1.00 49.04 ? 45  HIS C C   1 
ATOM   1385 O O   . HIS C 1 45 ? -18.492 -5.821  -18.317 1.00 48.88 ? 45  HIS C O   1 
ATOM   1386 C CB  . HIS C 1 45 ? -16.154 -5.454  -20.301 1.00 49.27 ? 45  HIS C CB  1 
ATOM   1387 C CG  . HIS C 1 45 ? -14.933 -4.911  -20.970 1.00 49.89 ? 45  HIS C CG  1 
ATOM   1388 N ND1 . HIS C 1 45 ? -13.664 -5.095  -20.464 1.00 50.74 ? 45  HIS C ND1 1 
ATOM   1389 C CD2 . HIS C 1 45 ? -14.783 -4.199  -22.111 1.00 50.89 ? 45  HIS C CD2 1 
ATOM   1390 C CE1 . HIS C 1 45 ? -12.786 -4.512  -21.260 1.00 51.51 ? 45  HIS C CE1 1 
ATOM   1391 N NE2 . HIS C 1 45 ? -13.439 -3.961  -22.268 1.00 50.84 ? 45  HIS C NE2 1 
ATOM   1392 N N   . THR C 1 46 ? -18.264 -3.593  -18.553 1.00 49.42 ? 46  THR C N   1 
ATOM   1393 C CA  . THR C 1 46 ? -19.684 -3.270  -18.401 1.00 49.89 ? 46  THR C CA  1 
ATOM   1394 C C   . THR C 1 46 ? -20.364 -4.008  -17.241 1.00 50.00 ? 46  THR C C   1 
ATOM   1395 O O   . THR C 1 46 ? -21.573 -4.237  -17.263 1.00 49.97 ? 46  THR C O   1 
ATOM   1396 C CB  . THR C 1 46 ? -20.456 -3.527  -19.721 1.00 49.78 ? 46  THR C CB  1 
ATOM   1397 O OG1 . THR C 1 46 ? -19.605 -3.269  -20.844 1.00 49.93 ? 46  THR C OG1 1 
ATOM   1398 C CG2 . THR C 1 46 ? -21.689 -2.638  -19.822 1.00 50.40 ? 46  THR C CG2 1 
ATOM   1399 N N   . GLY C 1 47 ? -19.581 -4.380  -16.232 1.00 50.30 ? 47  GLY C N   1 
ATOM   1400 C CA  . GLY C 1 47 ? -20.089 -5.113  -15.075 1.00 50.34 ? 47  GLY C CA  1 
ATOM   1401 C C   . GLY C 1 47 ? -20.249 -6.603  -15.305 1.00 50.64 ? 47  GLY C C   1 
ATOM   1402 O O   . GLY C 1 47 ? -20.902 -7.287  -14.516 1.00 50.38 ? 47  GLY C O   1 
ATOM   1403 N N   . PHE C 1 48 ? -19.663 -7.098  -16.392 1.00 50.78 ? 48  PHE C N   1 
ATOM   1404 C CA  . PHE C 1 48 ? -19.617 -8.524  -16.684 1.00 51.35 ? 48  PHE C CA  1 
ATOM   1405 C C   . PHE C 1 48 ? -18.171 -9.006  -16.653 1.00 51.63 ? 48  PHE C C   1 
ATOM   1406 O O   . PHE C 1 48 ? -17.293 -8.368  -17.235 1.00 51.47 ? 48  PHE C O   1 
ATOM   1407 C CB  . PHE C 1 48 ? -20.249 -8.812  -18.040 1.00 51.37 ? 48  PHE C CB  1 
ATOM   1408 N N   . ALA C 1 49 ? -17.936 -10.118 -15.960 1.00 51.89 ? 49  ALA C N   1 
ATOM   1409 C CA  . ALA C 1 49 ? -16.637 -10.784 -15.955 1.00 51.84 ? 49  ALA C CA  1 
ATOM   1410 C C   . ALA C 1 49 ? -16.351 -11.282 -17.368 1.00 52.08 ? 49  ALA C C   1 
ATOM   1411 O O   . ALA C 1 49 ? -17.054 -12.163 -17.875 1.00 51.48 ? 49  ALA C O   1 
ATOM   1412 C CB  . ALA C 1 49 ? -16.646 -11.959 -14.983 1.00 52.02 ? 49  ALA C CB  1 
ATOM   1413 N N   . ILE C 1 50 ? -15.338 -10.704 -18.009 1.00 51.95 ? 50  ILE C N   1 
ATOM   1414 C CA  . ILE C 1 50 ? -15.032 -11.057 -19.394 1.00 52.40 ? 50  ILE C CA  1 
ATOM   1415 C C   . ILE C 1 50 ? -13.722 -11.825 -19.575 1.00 52.43 ? 50  ILE C C   1 
ATOM   1416 O O   . ILE C 1 50 ? -13.574 -12.570 -20.543 1.00 52.23 ? 50  ILE C O   1 
ATOM   1417 C CB  . ILE C 1 50 ? -15.120 -9.852  -20.367 1.00 52.44 ? 50  ILE C CB  1 
ATOM   1418 C CG1 . ILE C 1 50 ? -14.063 -8.791  -20.054 1.00 52.64 ? 50  ILE C CG1 1 
ATOM   1419 C CG2 . ILE C 1 50 ? -16.525 -9.252  -20.371 1.00 52.32 ? 50  ILE C CG2 1 
ATOM   1420 C CD1 . ILE C 1 50 ? -13.457 -8.177  -21.298 1.00 53.37 ? 50  ILE C CD1 1 
ATOM   1421 N N   . GLU C 1 51 ? -12.787 -11.637 -18.647 1.00 52.59 ? 51  GLU C N   1 
ATOM   1422 C CA  . GLU C 1 51 ? -11.515 -12.360 -18.623 1.00 52.74 ? 51  GLU C CA  1 
ATOM   1423 C C   . GLU C 1 51 ? -10.785 -12.042 -17.321 1.00 52.98 ? 51  GLU C C   1 
ATOM   1424 O O   . GLU C 1 51 ? -10.081 -12.887 -16.758 1.00 53.10 ? 51  GLU C O   1 
ATOM   1425 C CB  . GLU C 1 51 ? -10.625 -11.970 -19.807 1.00 52.73 ? 51  GLU C CB  1 
ATOM   1426 C CG  . GLU C 1 51 ? -9.444  -12.908 -20.032 1.00 52.95 ? 51  GLU C CG  1 
ATOM   1427 C CD  . GLU C 1 51 ? -8.186  -12.191 -20.491 1.00 53.30 ? 51  GLU C CD  1 
ATOM   1428 O OE1 . GLU C 1 51 ? -8.289  -11.142 -21.162 1.00 53.44 ? 51  GLU C OE1 1 
ATOM   1429 O OE2 . GLU C 1 51 ? -7.082  -12.686 -20.181 1.00 53.30 ? 51  GLU C OE2 1 
ATOM   1430 N N   . LEU C 1 53 ? -5.647  -14.569 -17.654 1.00 49.11 ? 53  LEU C N   1 
ATOM   1431 C CA  . LEU C 1 53 ? -4.655  -13.863 -16.845 1.00 48.68 ? 53  LEU C CA  1 
ATOM   1432 C C   . LEU C 1 53 ? -4.149  -14.728 -15.693 1.00 48.67 ? 53  LEU C C   1 
ATOM   1433 O O   . LEU C 1 53 ? -4.812  -14.860 -14.661 1.00 48.33 ? 53  LEU C O   1 
ATOM   1434 C CB  . LEU C 1 53 ? -5.210  -12.533 -16.327 1.00 49.13 ? 53  LEU C CB  1 
ATOM   1435 N N   . ASP C 1 54 ? -2.974  -15.323 -15.891 1.00 48.63 ? 54  ASP C N   1 
ATOM   1436 C CA  . ASP C 1 54 ? -2.295  -16.101 -14.858 1.00 48.62 ? 54  ASP C CA  1 
ATOM   1437 C C   . ASP C 1 54 ? -2.007  -15.254 -13.622 1.00 48.72 ? 54  ASP C C   1 
ATOM   1438 O O   . ASP C 1 54 ? -1.933  -14.027 -13.710 1.00 48.31 ? 54  ASP C O   1 
ATOM   1439 C CB  . ASP C 1 54 ? -1.006  -16.696 -15.408 1.00 48.87 ? 54  ASP C CB  1 
ATOM   1440 N N   . GLU C 1 55 ? -1.844  -15.911 -12.476 1.00 48.64 ? 55  GLU C N   1 
ATOM   1441 C CA  . GLU C 1 55 ? -1.647  -15.217 -11.202 1.00 48.67 ? 55  GLU C CA  1 
ATOM   1442 C C   . GLU C 1 55 ? -0.427  -14.299 -11.192 1.00 48.50 ? 55  GLU C C   1 
ATOM   1443 O O   . GLU C 1 55 ? -0.495  -13.169 -10.697 1.00 48.66 ? 55  GLU C O   1 
ATOM   1444 C CB  . GLU C 1 55 ? -1.563  -16.224 -10.063 1.00 48.83 ? 55  GLU C CB  1 
ATOM   1445 N N   . LYS C 1 56 ? 0.679   -14.792 -11.743 1.00 48.30 ? 56  LYS C N   1 
ATOM   1446 C CA  . LYS C 1 56 ? 1.922   -14.034 -11.846 1.00 48.31 ? 56  LYS C CA  1 
ATOM   1447 C C   . LYS C 1 56 ? 1.746   -12.797 -12.722 1.00 48.06 ? 56  LYS C C   1 
ATOM   1448 O O   . LYS C 1 56 ? 2.344   -11.752 -12.460 1.00 48.66 ? 56  LYS C O   1 
ATOM   1449 C CB  . LYS C 1 56 ? 3.042   -14.919 -12.383 1.00 48.04 ? 56  LYS C CB  1 
ATOM   1450 N N   . LYS C 1 57 ? 0.907   -12.924 -13.745 1.00 47.74 ? 57  LYS C N   1 
ATOM   1451 C CA  . LYS C 1 57 ? 0.584   -11.821 -14.644 1.00 47.49 ? 57  LYS C CA  1 
ATOM   1452 C C   . LYS C 1 57 ? -0.260  -10.745 -13.955 1.00 46.74 ? 57  LYS C C   1 
ATOM   1453 O O   . LYS C 1 57 ? -0.003  -9.549  -14.115 1.00 46.62 ? 57  LYS C O   1 
ATOM   1454 C CB  . LYS C 1 57 ? -0.089  -12.370 -15.912 1.00 47.80 ? 57  LYS C CB  1 
ATOM   1455 C CG  . LYS C 1 57 ? -0.534  -11.323 -16.940 1.00 49.14 ? 57  LYS C CG  1 
ATOM   1456 C CD  . LYS C 1 57 ? 0.611   -10.404 -17.395 1.00 51.10 ? 57  LYS C CD  1 
ATOM   1457 C CE  . LYS C 1 57 ? 0.292   -9.505  -18.563 1.00 51.84 ? 57  LYS C CE  1 
ATOM   1458 N NZ  . LYS C 1 57 ? 1.393   -8.474  -18.725 1.00 51.84 ? 57  LYS C NZ  1 
ATOM   1459 N N   . ALA C 1 58 ? -1.248  -11.168 -13.169 1.00 45.92 ? 58  ALA C N   1 
ATOM   1460 C CA  . ALA C 1 58 ? -2.095  -10.243 -12.414 1.00 44.98 ? 58  ALA C CA  1 
ATOM   1461 C C   . ALA C 1 58 ? -1.308  -9.468  -11.357 1.00 44.96 ? 58  ALA C C   1 
ATOM   1462 O O   . ALA C 1 58 ? -1.524  -8.264  -11.149 1.00 44.18 ? 58  ALA C O   1 
ATOM   1463 C CB  . ALA C 1 58 ? -3.255  -10.986 -11.767 1.00 44.77 ? 58  ALA C CB  1 
ATOM   1464 N N   . MET C 1 59 ? -0.395  -10.165 -10.689 1.00 44.50 ? 59  MET C N   1 
ATOM   1465 C CA  . MET C 1 59 ? 0.456   -9.533  -9.687  1.00 44.71 ? 59  MET C CA  1 
ATOM   1466 C C   . MET C 1 59 ? 1.386   -8.506  -10.330 1.00 44.49 ? 59  MET C C   1 
ATOM   1467 O O   . MET C 1 59 ? 1.590   -7.417  -9.789  1.00 43.59 ? 59  MET C O   1 
ATOM   1468 C CB  . MET C 1 59 ? 1.246   -10.586 -8.907  1.00 45.03 ? 59  MET C CB  1 
ATOM   1469 C CG  . MET C 1 59 ? 0.382   -11.523 -8.070  1.00 46.17 ? 59  MET C CG  1 
ATOM   1470 S SD  . MET C 1 59 ? -0.392  -10.723 -6.649  1.00 50.68 ? 59  MET C SD  1 
ATOM   1471 C CE  . MET C 1 59 ? -0.825  -12.146 -5.647  1.00 47.73 ? 59  MET C CE  1 
ATOM   1472 N N   . GLU C 1 60 ? 1.931   -8.859  -11.493 1.00 44.32 ? 60  GLU C N   1 
ATOM   1473 C CA  . GLU C 1 60 ? 2.755   -7.954  -12.291 1.00 44.49 ? 60  GLU C CA  1 
ATOM   1474 C C   . GLU C 1 60 ? 2.022   -6.657  -12.601 1.00 44.43 ? 60  GLU C C   1 
ATOM   1475 O O   . GLU C 1 60 ? 2.552   -5.568  -12.370 1.00 44.53 ? 60  GLU C O   1 
ATOM   1476 C CB  . GLU C 1 60 ? 3.179   -8.628  -13.600 1.00 44.66 ? 60  GLU C CB  1 
ATOM   1477 C CG  . GLU C 1 60 ? 4.433   -9.474  -13.484 1.00 45.30 ? 60  GLU C CG  1 
ATOM   1478 C CD  . GLU C 1 60 ? 4.712   -10.302 -14.728 1.00 46.00 ? 60  GLU C CD  1 
ATOM   1479 O OE1 . GLU C 1 60 ? 3.708   -10.535 -15.557 1.00 46.99 ? 60  GLU C OE1 1 
ATOM   1480 O OE2 . GLU C 1 60 ? 5.949   -10.739 -14.877 1.00 47.08 ? 60  GLU C OE2 1 
ATOM   1481 N N   . ILE C 1 61 ? 0.802   -6.774  -13.118 1.00 44.32 ? 61  ILE C N   1 
ATOM   1482 C CA  . ILE C 1 61 ? 0.001   -5.592  -13.439 1.00 43.92 ? 61  ILE C CA  1 
ATOM   1483 C C   . ILE C 1 61 ? -0.387  -4.789  -12.188 1.00 44.30 ? 61  ILE C C   1 
ATOM   1484 O O   . ILE C 1 61 ? -0.396  -3.551  -12.201 1.00 43.37 ? 61  ILE C O   1 
ATOM   1485 C CB  . ILE C 1 61 ? -1.241  -5.950  -14.281 1.00 43.71 ? 61  ILE C CB  1 
ATOM   1486 C CG1 . ILE C 1 61 ? -0.817  -6.491  -15.651 1.00 43.89 ? 61  ILE C CG1 1 
ATOM   1487 C CG2 . ILE C 1 61 ? -2.152  -4.736  -14.443 1.00 44.29 ? 61  ILE C CG2 1 
ATOM   1488 C CD1 . ILE C 1 61 ? -2.044  -7.003  -16.505 1.00 41.45 ? 61  ILE C CD1 1 
ATOM   1489 N N   . LEU C 1 62 ? -0.697  -5.490  -11.101 1.00 44.39 ? 62  LEU C N   1 
ATOM   1490 C CA  . LEU C 1 62 ? -1.109  -4.817  -9.871  1.00 45.15 ? 62  LEU C CA  1 
ATOM   1491 C C   . LEU C 1 62 ? 0.067   -4.062  -9.257  1.00 45.40 ? 62  LEU C C   1 
ATOM   1492 O O   . LEU C 1 62 ? -0.104  -2.983  -8.674  1.00 45.02 ? 62  LEU C O   1 
ATOM   1493 C CB  . LEU C 1 62 ? -1.715  -5.810  -8.873  1.00 45.36 ? 62  LEU C CB  1 
ATOM   1494 C CG  . LEU C 1 62 ? -3.135  -6.297  -9.181  1.00 45.67 ? 62  LEU C CG  1 
ATOM   1495 C CD1 . LEU C 1 62 ? -3.523  -7.429  -8.248  1.00 47.32 ? 62  LEU C CD1 1 
ATOM   1496 C CD2 . LEU C 1 62 ? -4.149  -5.155  -9.109  1.00 46.47 ? 62  LEU C CD2 1 
ATOM   1497 N N   . GLU C 1 63 ? 1.261   -4.631  -9.422  1.00 45.98 ? 63  GLU C N   1 
ATOM   1498 C CA  . GLU C 1 63 ? 2.502   -3.992  -8.984  1.00 46.61 ? 63  GLU C CA  1 
ATOM   1499 C C   . GLU C 1 63 ? 2.811   -2.744  -9.817  1.00 46.14 ? 63  GLU C C   1 
ATOM   1500 O O   . GLU C 1 63 ? 3.364   -1.770  -9.301  1.00 45.20 ? 63  GLU C O   1 
ATOM   1501 C CB  . GLU C 1 63 ? 3.660   -4.989  -9.049  1.00 47.35 ? 63  GLU C CB  1 
ATOM   1502 C CG  . GLU C 1 63 ? 4.723   -4.792  -7.976  1.00 50.50 ? 63  GLU C CG  1 
ATOM   1503 C CD  . GLU C 1 63 ? 4.236   -5.150  -6.580  1.00 53.60 ? 63  GLU C CD  1 
ATOM   1504 O OE1 . GLU C 1 63 ? 4.465   -6.302  -6.143  1.00 54.53 ? 63  GLU C OE1 1 
ATOM   1505 O OE2 . GLU C 1 63 ? 3.624   -4.275  -5.929  1.00 54.32 ? 63  GLU C OE2 1 
ATOM   1506 N N   . ALA C 1 64 ? 2.444   -2.781  -11.098 1.00 45.77 ? 64  ALA C N   1 
ATOM   1507 C CA  . ALA C 1 64 ? 2.619   -1.634  -11.982 1.00 45.71 ? 64  ALA C CA  1 
ATOM   1508 C C   . ALA C 1 64 ? 1.699   -0.508  -11.524 1.00 45.69 ? 64  ALA C C   1 
ATOM   1509 O O   . ALA C 1 64 ? 2.125   0.644   -11.402 1.00 46.05 ? 64  ALA C O   1 
ATOM   1510 C CB  . ALA C 1 64 ? 2.326   -2.009  -13.423 1.00 45.56 ? 64  ALA C CB  1 
ATOM   1511 N N   . TRP C 1 65 ? 0.452   -0.857  -11.222 1.00 45.61 ? 65  TRP C N   1 
ATOM   1512 C CA  . TRP C 1 65 ? -0.500  0.115   -10.689 1.00 46.59 ? 65  TRP C CA  1 
ATOM   1513 C C   . TRP C 1 65 ? -0.108  0.692   -9.327  1.00 46.56 ? 65  TRP C C   1 
ATOM   1514 O O   . TRP C 1 65 ? -0.288  1.886   -9.080  1.00 46.45 ? 65  TRP C O   1 
ATOM   1515 C CB  . TRP C 1 65 ? -1.904  -0.482  -10.634 1.00 47.18 ? 65  TRP C CB  1 
ATOM   1516 C CG  . TRP C 1 65 ? -2.577  -0.381  -11.956 1.00 48.42 ? 65  TRP C CG  1 
ATOM   1517 C CD1 . TRP C 1 65 ? -2.897  -1.401  -12.808 1.00 49.31 ? 65  TRP C CD1 1 
ATOM   1518 C CD2 . TRP C 1 65 ? -2.972  0.827   -12.602 1.00 49.30 ? 65  TRP C CD2 1 
ATOM   1519 N NE1 . TRP C 1 65 ? -3.490  -0.896  -13.940 1.00 48.59 ? 65  TRP C NE1 1 
ATOM   1520 C CE2 . TRP C 1 65 ? -3.547  0.470   -13.837 1.00 49.10 ? 65  TRP C CE2 1 
ATOM   1521 C CE3 . TRP C 1 65 ? -2.908  2.183   -12.247 1.00 50.11 ? 65  TRP C CE3 1 
ATOM   1522 C CZ2 . TRP C 1 65 ? -4.057  1.419   -14.723 1.00 49.51 ? 65  TRP C CZ2 1 
ATOM   1523 C CZ3 . TRP C 1 65 ? -3.420  3.124   -13.128 1.00 49.46 ? 65  TRP C CZ3 1 
ATOM   1524 C CH2 . TRP C 1 65 ? -3.982  2.736   -14.349 1.00 49.03 ? 65  TRP C CH2 1 
ATOM   1525 N N   . ALA C 1 66 ? 0.404   -0.171  -8.454  1.00 45.95 ? 66  ALA C N   1 
ATOM   1526 C CA  . ALA C 1 66 ? 0.961   0.236   -7.169  1.00 46.01 ? 66  ALA C CA  1 
ATOM   1527 C C   . ALA C 1 66 ? 1.982   1.361   -7.351  1.00 46.08 ? 66  ALA C C   1 
ATOM   1528 O O   . ALA C 1 66 ? 1.938   2.353   -6.625  1.00 46.39 ? 66  ALA C O   1 
ATOM   1529 C CB  . ALA C 1 66 ? 1.586   -0.966  -6.466  1.00 46.33 ? 66  ALA C CB  1 
ATOM   1530 N N   . GLU C 1 67 ? 2.873   1.207   -8.330  1.00 44.98 ? 67  GLU C N   1 
ATOM   1531 C CA  . GLU C 1 67 ? 3.907   2.188   -8.660  1.00 45.09 ? 67  GLU C CA  1 
ATOM   1532 C C   . GLU C 1 67 ? 3.323   3.496   -9.179  1.00 44.65 ? 67  GLU C C   1 
ATOM   1533 O O   . GLU C 1 67 ? 3.748   4.577   -8.770  1.00 44.80 ? 67  GLU C O   1 
ATOM   1534 C CB  . GLU C 1 67 ? 4.833   1.648   -9.748  1.00 44.48 ? 67  GLU C CB  1 
ATOM   1535 C CG  . GLU C 1 67 ? 6.051   0.882   -9.276  1.00 47.25 ? 67  GLU C CG  1 
ATOM   1536 C CD  . GLU C 1 67 ? 7.007   0.622   -10.425 1.00 51.30 ? 67  GLU C CD  1 
ATOM   1537 O OE1 . GLU C 1 67 ? 7.199   1.537   -11.255 1.00 54.39 ? 67  GLU C OE1 1 
ATOM   1538 O OE2 . GLU C 1 67 ? 7.558   -0.493  -10.513 1.00 50.09 ? 67  GLU C OE2 1 
ATOM   1539 N N   . VAL C 1 68 ? 2.372   3.391   -10.103 1.00 44.42 ? 68  VAL C N   1 
ATOM   1540 C CA  . VAL C 1 68 ? 1.658   4.569   -10.605 1.00 43.77 ? 68  VAL C CA  1 
ATOM   1541 C C   . VAL C 1 68 ? 0.914   5.333   -9.495  1.00 44.23 ? 68  VAL C C   1 
ATOM   1542 O O   . VAL C 1 68 ? 0.948   6.565   -9.439  1.00 43.99 ? 68  VAL C O   1 
ATOM   1543 C CB  . VAL C 1 68 ? 0.714   4.168   -11.774 1.00 43.52 ? 68  VAL C CB  1 
ATOM   1544 C CG1 . VAL C 1 68 ? -0.223  5.305   -12.137 1.00 43.48 ? 68  VAL C CG1 1 
ATOM   1545 C CG2 . VAL C 1 68 ? 1.534   3.740   -12.991 1.00 44.05 ? 68  VAL C CG2 1 
ATOM   1546 N N   . GLU C 1 69 ? 0.252   4.614   -8.594  1.00 44.56 ? 69  GLU C N   1 
ATOM   1547 C CA  . GLU C 1 69 ? -0.503  5.246   -7.506  1.00 45.15 ? 69  GLU C CA  1 
ATOM   1548 C C   . GLU C 1 69 ? 0.426   5.980   -6.556  1.00 45.31 ? 69  GLU C C   1 
ATOM   1549 O O   . GLU C 1 69 ? 0.157   7.094   -6.098  1.00 44.15 ? 69  GLU C O   1 
ATOM   1550 C CB  . GLU C 1 69 ? -1.345  4.197   -6.768  1.00 45.30 ? 69  GLU C CB  1 
ATOM   1551 C CG  . GLU C 1 69 ? -2.489  3.730   -7.659  1.00 46.64 ? 69  GLU C CG  1 
ATOM   1552 C CD  . GLU C 1 69 ? -3.137  2.433   -7.230  1.00 51.25 ? 69  GLU C CD  1 
ATOM   1553 O OE1 . GLU C 1 69 ? -3.031  2.042   -6.052  1.00 54.53 ? 69  GLU C OE1 1 
ATOM   1554 O OE2 . GLU C 1 69 ? -3.769  1.793   -8.094  1.00 52.76 ? 69  GLU C OE2 1 
ATOM   1555 N N   . LYS C 1 70 ? 1.549   5.340   -6.271  1.00 44.24 ? 70  LYS C N   1 
ATOM   1556 C CA  . LYS C 1 70 ? 2.543   5.953   -5.403  1.00 44.83 ? 70  LYS C CA  1 
ATOM   1557 C C   . LYS C 1 70 ? 3.031   7.274   -6.000  1.00 44.08 ? 70  LYS C C   1 
ATOM   1558 O O   . LYS C 1 70 ? 3.188   8.241   -5.262  1.00 45.81 ? 70  LYS C O   1 
ATOM   1559 C CB  . LYS C 1 70 ? 3.706   4.980   -5.218  1.00 44.91 ? 70  LYS C CB  1 
ATOM   1560 C CG  . LYS C 1 70 ? 4.674   5.382   -4.128  1.00 47.18 ? 70  LYS C CG  1 
ATOM   1561 C CD  . LYS C 1 70 ? 5.817   4.390   -4.090  1.00 48.86 ? 70  LYS C CD  1 
ATOM   1562 C CE  . LYS C 1 70 ? 7.115   5.161   -4.165  1.00 56.26 ? 70  LYS C CE  1 
ATOM   1563 N NZ  . LYS C 1 70 ? 7.242   5.762   -5.530  1.00 59.69 ? 70  LYS C NZ  1 
ATOM   1564 N N   . ALA C 1 71 ? 3.264   7.326   -7.311  1.00 44.23 ? 71  ALA C N   1 
ATOM   1565 C CA  . ALA C 1 71 ? 3.737   8.555   -7.958  1.00 44.10 ? 71  ALA C CA  1 
ATOM   1566 C C   . ALA C 1 71 ? 2.652   9.612   -7.882  1.00 44.86 ? 71  ALA C C   1 
ATOM   1567 O O   . ALA C 1 71 ? 2.939   10.778  -7.621  1.00 45.25 ? 71  ALA C O   1 
ATOM   1568 C CB  . ALA C 1 71 ? 4.108   8.326   -9.420  1.00 44.15 ? 71  ALA C CB  1 
ATOM   1569 N N   . MET C 1 72 ? 1.419   9.205   -8.165  1.00 44.30 ? 72  MET C N   1 
ATOM   1570 C CA  . MET C 1 72 ? 0.304   10.159  -8.171  1.00 44.32 ? 72  MET C CA  1 
ATOM   1571 C C   . MET C 1 72 ? 0.056   10.746  -6.785  1.00 43.88 ? 72  MET C C   1 
ATOM   1572 O O   . MET C 1 72 ? -0.419  11.892  -6.647  1.00 44.28 ? 72  MET C O   1 
ATOM   1573 C CB  . MET C 1 72 ? -0.954  9.476   -8.697  1.00 43.74 ? 72  MET C CB  1 
ATOM   1574 C CG  . MET C 1 72 ? -0.822  9.112   -10.181 1.00 43.13 ? 72  MET C CG  1 
ATOM   1575 S SD  . MET C 1 72 ? -2.376  8.645   -10.962 1.00 47.95 ? 72  MET C SD  1 
ATOM   1576 C CE  . MET C 1 72 ? -2.866  7.317   -9.889  1.00 45.41 ? 72  MET C CE  1 
ATOM   1577 N N   . GLU C 1 73 ? 0.378   9.950   -5.773  1.00 43.66 ? 73  GLU C N   1 
ATOM   1578 C CA  . GLU C 1 73 ? 0.213   10.342  -4.371  1.00 44.23 ? 73  GLU C CA  1 
ATOM   1579 C C   . GLU C 1 73 ? 1.326   11.229  -3.854  1.00 44.31 ? 73  GLU C C   1 
ATOM   1580 O O   . GLU C 1 73 ? 1.239   11.713  -2.724  1.00 44.38 ? 73  GLU C O   1 
ATOM   1581 C CB  . GLU C 1 73 ? 0.050   9.118   -3.465  1.00 44.61 ? 73  GLU C CB  1 
ATOM   1582 C CG  . GLU C 1 73 ? -1.256  8.400   -3.767  1.00 43.84 ? 73  GLU C CG  1 
ATOM   1583 C CD  . GLU C 1 73 ? -1.340  6.993   -3.217  1.00 45.07 ? 73  GLU C CD  1 
ATOM   1584 O OE1 . GLU C 1 73 ? -0.399  6.576   -2.495  1.00 46.33 ? 73  GLU C OE1 1 
ATOM   1585 O OE2 . GLU C 1 73 ? -2.364  6.314   -3.482  1.00 42.81 ? 73  GLU C OE2 1 
ATOM   1586 N N   . GLY C 1 74 ? 2.354   11.407  -4.680  1.00 45.03 ? 74  GLY C N   1 
ATOM   1587 C CA  . GLY C 1 74 ? 3.430   12.351  -4.408  1.00 45.82 ? 74  GLY C CA  1 
ATOM   1588 C C   . GLY C 1 74 ? 4.683   11.746  -3.810  1.00 46.21 ? 74  GLY C C   1 
ATOM   1589 O O   . GLY C 1 74 ? 5.428   12.454  -3.129  1.00 46.64 ? 74  GLY C O   1 
ATOM   1590 N N   . PHE C 1 75 ? 4.934   10.464  -4.090  1.00 46.68 ? 75  PHE C N   1 
ATOM   1591 C CA  . PHE C 1 75 ? 6.105   9.749   -3.583  1.00 46.35 ? 75  PHE C CA  1 
ATOM   1592 C C   . PHE C 1 75 ? 6.894   9.149   -4.725  1.00 47.45 ? 75  PHE C C   1 
ATOM   1593 O O   . PHE C 1 75 ? 6.592   9.367   -5.894  1.00 48.20 ? 75  PHE C O   1 
ATOM   1594 C CB  . PHE C 1 75 ? 5.698   8.582   -2.673  1.00 46.04 ? 75  PHE C CB  1 
ATOM   1595 C CG  . PHE C 1 75 ? 4.839   8.994   -1.510  1.00 44.60 ? 75  PHE C CG  1 
ATOM   1596 C CD1 . PHE C 1 75 ? 3.482   9.229   -1.680  1.00 45.90 ? 75  PHE C CD1 1 
ATOM   1597 C CD2 . PHE C 1 75 ? 5.404   9.147   -0.249  1.00 42.77 ? 75  PHE C CD2 1 
ATOM   1598 C CE1 . PHE C 1 75 ? 2.700   9.618   -0.599  1.00 43.74 ? 75  PHE C CE1 1 
ATOM   1599 C CE2 . PHE C 1 75 ? 4.632   9.526   0.834   1.00 42.72 ? 75  PHE C CE2 1 
ATOM   1600 C CZ  . PHE C 1 75 ? 3.281   9.764   0.653   1.00 42.62 ? 75  PHE C CZ  1 
ATOM   1601 O OXT . PHE C 1 75 ? 7.826   8.381   -4.486  1.00 48.28 ? 75  PHE C OXT 1 
HETATM 1602 C C1  . GOL D 2 .  ? 3.553   -3.634  0.106   1.00 51.98 ? 901 GOL A C1  1 
HETATM 1603 O O1  . GOL D 2 .  ? 2.388   -3.376  0.854   1.00 41.48 ? 901 GOL A O1  1 
HETATM 1604 C C2  . GOL D 2 .  ? 3.305   -4.001  -1.355  1.00 53.14 ? 901 GOL A C2  1 
HETATM 1605 O O2  . GOL D 2 .  ? 2.492   -5.143  -1.466  1.00 57.05 ? 901 GOL A O2  1 
HETATM 1606 C C3  . GOL D 2 .  ? 2.730   -2.830  -2.145  1.00 57.31 ? 901 GOL A C3  1 
HETATM 1607 O O3  . GOL D 2 .  ? 2.921   -3.017  -3.530  1.00 58.79 ? 901 GOL A O3  1 
HETATM 1608 O O1  . PG4 E 3 .  ? -7.375  0.736   -7.884  1.00 60.94 ? 502 PG4 B O1  1 
HETATM 1609 C C1  . PG4 E 3 .  ? -7.549  0.863   -9.300  1.00 60.24 ? 502 PG4 B C1  1 
HETATM 1610 C C2  . PG4 E 3 .  ? -6.371  1.625   -9.896  1.00 59.36 ? 502 PG4 B C2  1 
HETATM 1611 O O2  . PG4 E 3 .  ? -6.618  3.025   -9.778  1.00 59.35 ? 502 PG4 B O2  1 
HETATM 1612 C C3  . PG4 E 3 .  ? -5.525  3.792   -10.278 1.00 58.54 ? 502 PG4 B C3  1 
HETATM 1613 C C4  . PG4 E 3 .  ? -5.749  5.278   -10.009 1.00 58.07 ? 502 PG4 B C4  1 
HETATM 1614 O O3  . PG4 E 3 .  ? -6.204  5.512   -8.677  1.00 57.49 ? 502 PG4 B O3  1 
HETATM 1615 C C5  . PG4 E 3 .  ? -5.183  6.083   -7.863  1.00 56.17 ? 502 PG4 B C5  1 
HETATM 1616 C C6  . PG4 E 3 .  ? -5.750  6.731   -6.608  1.00 54.63 ? 502 PG4 B C6  1 
HETATM 1617 O O4  . PG4 E 3 .  ? -5.434  5.925   -5.474  1.00 54.42 ? 502 PG4 B O4  1 
HETATM 1618 C C7  . PG4 E 3 .  ? -6.606  5.549   -4.756  1.00 57.09 ? 502 PG4 B C7  1 
HETATM 1619 C C8  . PG4 E 3 .  ? -6.329  5.409   -3.263  1.00 57.96 ? 502 PG4 B C8  1 
HETATM 1620 O O5  . PG4 E 3 .  ? -7.187  6.284   -2.513  1.00 57.58 ? 502 PG4 B O5  1 
HETATM 1621 O O   . HOH F 4 .  ? 4.873   -10.936 10.443  1.00 31.05 ? 202 HOH A O   1 
HETATM 1622 O O   . HOH F 4 .  ? 13.424  4.043   1.405   1.00 39.70 ? 205 HOH A O   1 
HETATM 1623 O O   . HOH F 4 .  ? 17.715  -0.339  5.174   1.00 38.35 ? 207 HOH A O   1 
HETATM 1624 O O   . HOH F 4 .  ? 15.877  -9.046  8.532   1.00 38.05 ? 208 HOH A O   1 
HETATM 1625 O O   . HOH F 4 .  ? 2.966   -13.821 1.209   1.00 54.22 ? 210 HOH A O   1 
HETATM 1626 O O   . HOH F 4 .  ? 0.251   -1.650  -2.117  1.00 48.07 ? 213 HOH A O   1 
HETATM 1627 O O   . HOH F 4 .  ? 6.406   5.776   2.652   1.00 39.45 ? 214 HOH A O   1 
HETATM 1628 O O   . HOH F 4 .  ? 0.442   0.823   9.545   1.00 38.40 ? 215 HOH A O   1 
HETATM 1629 O O   . HOH F 4 .  ? 4.193   0.045   15.320  1.00 41.60 ? 216 HOH A O   1 
HETATM 1630 O O   . HOH F 4 .  ? 33.815  -4.284  20.238  1.00 37.28 ? 218 HOH A O   1 
HETATM 1631 O O   . HOH F 4 .  ? -2.039  -2.890  8.178   1.00 49.40 ? 219 HOH A O   1 
HETATM 1632 O O   . HOH F 4 .  ? 8.833   -6.951  18.287  1.00 44.42 ? 220 HOH A O   1 
HETATM 1633 O O   . HOH F 4 .  ? 12.578  -4.731  19.556  1.00 41.30 ? 222 HOH A O   1 
HETATM 1634 O O   . HOH F 4 .  ? 14.708  -6.631  24.528  1.00 65.19 ? 223 HOH A O   1 
HETATM 1635 O O   . HOH F 4 .  ? 15.156  2.155   -1.801  1.00 42.80 ? 232 HOH A O   1 
HETATM 1636 O O   . HOH F 4 .  ? -0.894  -5.572  9.281   1.00 45.79 ? 234 HOH A O   1 
HETATM 1637 O O   . HOH F 4 .  ? -2.361  -11.302 12.585  0.50 36.97 ? 235 HOH A O   1 
HETATM 1638 O O   . HOH F 4 .  ? 6.668   1.726   -1.421  1.00 39.19 ? 236 HOH A O   1 
HETATM 1639 O O   . HOH F 4 .  ? 13.701  -1.363  19.671  1.00 43.77 ? 237 HOH A O   1 
HETATM 1640 O O   . HOH F 4 .  ? 30.179  -6.995  7.624   1.00 52.19 ? 238 HOH A O   1 
HETATM 1641 O O   . HOH F 4 .  ? 13.017  6.263   4.186   1.00 52.73 ? 239 HOH A O   1 
HETATM 1642 O O   . HOH F 4 .  ? 6.816   -10.109 -3.681  1.00 62.87 ? 240 HOH A O   1 
HETATM 1643 O O   . HOH F 4 .  ? 11.773  3.791   14.231  1.00 44.99 ? 241 HOH A O   1 
HETATM 1644 O O   . HOH F 4 .  ? 9.457   -8.635  -2.689  1.00 47.60 ? 242 HOH A O   1 
HETATM 1645 O O   . HOH F 4 .  ? 25.363  3.264   18.794  1.00 49.22 ? 243 HOH A O   1 
HETATM 1646 O O   . HOH F 4 .  ? -0.250  -2.366  10.688  1.00 48.41 ? 244 HOH A O   1 
HETATM 1647 O O   . HOH F 4 .  ? -0.365  2.812   11.110  1.00 52.17 ? 248 HOH A O   1 
HETATM 1648 O O   . HOH F 4 .  ? -3.077  -12.236 9.029   1.00 47.73 ? 251 HOH A O   1 
HETATM 1649 O O   . HOH F 4 .  ? 15.160  -15.629 6.608   1.00 61.12 ? 252 HOH A O   1 
HETATM 1650 O O   . HOH F 4 .  ? 16.097  8.849   10.671  1.00 55.97 ? 255 HOH A O   1 
HETATM 1651 O O   . HOH F 4 .  ? 4.580   -11.109 0.733   1.00 60.50 ? 259 HOH A O   1 
HETATM 1652 O O   . HOH F 4 .  ? 15.163  5.214   17.717  1.00 41.31 ? 260 HOH A O   1 
HETATM 1653 O O   . HOH F 4 .  ? 13.109  -13.250 4.292   1.00 44.89 ? 261 HOH A O   1 
HETATM 1654 O O   . HOH F 4 .  ? 10.469  -10.959 2.392   1.00 49.95 ? 262 HOH A O   1 
HETATM 1655 O O   . HOH F 4 .  ? 0.115   -6.396  -1.313  1.00 62.07 ? 263 HOH A O   1 
HETATM 1656 O O   . HOH F 4 .  ? 15.121  -4.658  22.639  1.00 52.29 ? 264 HOH A O   1 
HETATM 1657 O O   . HOH F 4 .  ? -3.024  -9.775  10.170  1.00 51.89 ? 265 HOH A O   1 
HETATM 1658 O O   . HOH F 4 .  ? 20.082  -5.372  0.675   1.00 47.26 ? 266 HOH A O   1 
HETATM 1659 O O   . HOH F 4 .  ? 39.883  -10.480 16.037  1.00 54.71 ? 268 HOH A O   1 
HETATM 1660 O O   . HOH F 4 .  ? -4.703  -5.467  1.478   1.00 61.16 ? 270 HOH A O   1 
HETATM 1661 O O   . HOH F 4 .  ? 18.551  -0.587  21.421  1.00 48.90 ? 273 HOH A O   1 
HETATM 1662 O O   . HOH F 4 .  ? 12.404  8.217   2.486   1.00 67.37 ? 275 HOH A O   1 
HETATM 1663 O O   . HOH F 4 .  ? -1.841  -6.052  0.809   1.00 57.02 ? 276 HOH A O   1 
HETATM 1664 O O   . HOH F 4 .  ? 13.132  -10.230 3.246   1.00 50.25 ? 277 HOH A O   1 
HETATM 1665 O O   . HOH F 4 .  ? 22.209  3.841   18.121  1.00 56.97 ? 285 HOH A O   1 
HETATM 1666 O O   . HOH F 4 .  ? 18.466  -7.847  -0.279  1.00 65.60 ? 287 HOH A O   1 
HETATM 1667 O O   . HOH F 4 .  ? 37.816  -5.691  17.572  1.00 57.97 ? 289 HOH A O   1 
HETATM 1668 O O   . HOH F 4 .  ? -3.069  -7.117  9.585   1.00 50.50 ? 290 HOH A O   1 
HETATM 1669 O O   . HOH F 4 .  ? 28.862  4.853   16.224  1.00 45.90 ? 292 HOH A O   1 
HETATM 1670 O O   . HOH F 4 .  ? -4.641  -6.497  7.762   1.00 49.61 ? 299 HOH A O   1 
HETATM 1671 O O   . HOH F 4 .  ? 0.076   0.686   13.992  1.00 53.18 ? 300 HOH A O   1 
HETATM 1672 O O   . HOH F 4 .  ? -3.115  -4.660  14.767  1.00 71.23 ? 301 HOH A O   1 
HETATM 1673 O O   . HOH F 4 .  ? 16.503  0.870   21.493  1.00 58.52 ? 305 HOH A O   1 
HETATM 1674 O O   . HOH F 4 .  ? 2.557   -5.667  16.436  1.00 47.52 ? 306 HOH A O   1 
HETATM 1675 O O   . HOH G 4 .  ? -0.795  13.500  -2.209  1.00 28.16 ? 203 HOH B O   1 
HETATM 1676 O O   . HOH G 4 .  ? -6.472  8.506   -0.253  1.00 38.78 ? 204 HOH B O   1 
HETATM 1677 O O   . HOH G 4 .  ? 6.151   13.954  -6.155  1.00 41.15 ? 206 HOH B O   1 
HETATM 1678 O O   . HOH G 4 .  ? 5.213   8.656   12.124  1.00 47.30 ? 211 HOH B O   1 
HETATM 1679 O O   . HOH G 4 .  ? -1.848  19.641  8.080   1.00 44.64 ? 212 HOH B O   1 
HETATM 1680 O O   . HOH G 4 .  ? -4.387  20.961  -11.893 1.00 40.58 ? 221 HOH B O   1 
HETATM 1681 O O   . HOH G 4 .  ? -2.503  24.014  3.651   1.00 50.67 ? 224 HOH B O   1 
HETATM 1682 O O   . HOH G 4 .  ? -7.806  18.344  7.189   1.00 46.39 ? 225 HOH B O   1 
HETATM 1683 O O   . HOH G 4 .  ? 5.990   18.981  4.978   1.00 39.89 ? 226 HOH B O   1 
HETATM 1684 O O   . HOH G 4 .  ? 11.471  7.493   9.864   1.00 49.99 ? 228 HOH B O   1 
HETATM 1685 O O   . HOH G 4 .  ? 5.707   4.727   0.072   1.00 40.56 ? 229 HOH B O   1 
HETATM 1686 O O   . HOH G 4 .  ? 6.855   7.026   10.927  1.00 43.01 ? 230 HOH B O   1 
HETATM 1687 O O   . HOH G 4 .  ? -0.276  10.698  16.561  1.00 47.60 ? 233 HOH B O   1 
HETATM 1688 O O   . HOH G 4 .  ? -16.789 6.305   -14.142 1.00 50.47 ? 245 HOH B O   1 
HETATM 1689 O O   . HOH G 4 .  ? -6.006  15.246  16.135  1.00 53.63 ? 247 HOH B O   1 
HETATM 1690 O O   . HOH G 4 .  ? -7.652  7.488   2.327   1.00 50.39 ? 249 HOH B O   1 
HETATM 1691 O O   . HOH G 4 .  ? 10.694  24.006  7.479   1.00 65.99 ? 250 HOH B O   1 
HETATM 1692 O O   . HOH G 4 .  ? -15.041 10.428  -1.359  1.00 51.29 ? 253 HOH B O   1 
HETATM 1693 O O   . HOH G 4 .  ? -10.704 7.072   -4.264  1.00 55.03 ? 254 HOH B O   1 
HETATM 1694 O O   . HOH G 4 .  ? -9.834  22.707  1.788   1.00 53.92 ? 256 HOH B O   1 
HETATM 1695 O O   . HOH G 4 .  ? -1.451  22.120  8.799   1.00 54.04 ? 257 HOH B O   1 
HETATM 1696 O O   . HOH G 4 .  ? -16.227 14.863  -6.960  1.00 47.15 ? 258 HOH B O   1 
HETATM 1697 O O   . HOH G 4 .  ? -5.787  23.545  0.824   1.00 62.82 ? 269 HOH B O   1 
HETATM 1698 O O   . HOH G 4 .  ? -18.071 9.240   -7.498  1.00 55.43 ? 271 HOH B O   1 
HETATM 1699 O O   . HOH G 4 .  ? -3.826  20.937  11.284  1.00 59.02 ? 272 HOH B O   1 
HETATM 1700 O O   . HOH G 4 .  ? -5.640  8.239   13.557  1.00 68.55 ? 274 HOH B O   1 
HETATM 1701 O O   . HOH G 4 .  ? 7.779   6.175   0.105   1.00 54.04 ? 279 HOH B O   1 
HETATM 1702 O O   . HOH G 4 .  ? -9.785  21.774  -6.359  1.00 63.51 ? 280 HOH B O   1 
HETATM 1703 O O   . HOH G 4 .  ? -6.863  9.960   11.464  1.00 67.00 ? 281 HOH B O   1 
HETATM 1704 O O   . HOH G 4 .  ? 9.964   6.349   4.387   1.00 46.65 ? 282 HOH B O   1 
HETATM 1705 O O   . HOH G 4 .  ? 10.909  22.308  9.489   1.00 61.25 ? 284 HOH B O   1 
HETATM 1706 O O   . HOH G 4 .  ? -20.521 6.719   -12.380 1.00 65.79 ? 286 HOH B O   1 
HETATM 1707 O O   . HOH G 4 .  ? -12.411 24.254  0.001   1.00 56.26 ? 288 HOH B O   1 
HETATM 1708 O O   . HOH G 4 .  ? -6.355  3.120   -6.856  1.00 53.41 ? 293 HOH B O   1 
HETATM 1709 O O   . HOH G 4 .  ? 8.813   25.685  6.774   1.00 63.49 ? 294 HOH B O   1 
HETATM 1710 O O   . HOH G 4 .  ? -1.731  20.772  -12.048 1.00 55.37 ? 295 HOH B O   1 
HETATM 1711 O O   . HOH G 4 .  ? -4.141  -1.113  5.319   1.00 48.70 ? 297 HOH B O   1 
HETATM 1712 O O   . HOH G 4 .  ? -5.627  0.125   7.478   1.00 59.49 ? 298 HOH B O   1 
HETATM 1713 O O   . HOH G 4 .  ? 0.042   13.549  18.010  1.00 66.43 ? 302 HOH B O   1 
HETATM 1714 O O   . HOH G 4 .  ? -17.431 16.046  -0.368  1.00 51.20 ? 303 HOH B O   1 
HETATM 1715 O O   . HOH G 4 .  ? -17.998 13.725  -1.724  1.00 64.19 ? 304 HOH B O   1 
HETATM 1716 O O   . HOH H 4 .  ? -1.137  13.984  -4.926  1.00 28.68 ? 201 HOH C O   1 
HETATM 1717 O O   . HOH H 4 .  ? 5.506   11.562  -7.317  1.00 46.24 ? 209 HOH C O   1 
HETATM 1718 O O   . HOH H 4 .  ? 1.314   1.913   -4.064  1.00 48.82 ? 217 HOH C O   1 
HETATM 1719 O O   . HOH H 4 .  ? -2.631  3.991   -2.482  1.00 38.55 ? 227 HOH C O   1 
HETATM 1720 O O   . HOH H 4 .  ? 6.383   5.207   -8.442  1.00 45.32 ? 231 HOH C O   1 
HETATM 1721 O O   . HOH H 4 .  ? 7.308   7.361   -7.533  1.00 51.99 ? 246 HOH C O   1 
HETATM 1722 O O   . HOH H 4 .  ? -0.398  16.705  -6.307  1.00 53.35 ? 267 HOH C O   1 
HETATM 1723 O O   . HOH H 4 .  ? -19.561 -12.853 -17.282 1.00 58.32 ? 278 HOH C O   1 
HETATM 1724 O O   . HOH H 4 .  ? -2.237  -14.876 -7.278  1.00 61.36 ? 283 HOH C O   1 
HETATM 1725 O O   . HOH H 4 .  ? -10.224 -4.980  -15.472 1.00 58.24 ? 291 HOH C O   1 
HETATM 1726 O O   . HOH H 4 .  ? -8.428  -14.769 -17.452 1.00 61.61 ? 296 HOH C O   1 
# 
